data_3RUH
#
_entry.id   3RUH
#
_cell.length_a   76.612
_cell.length_b   76.612
_cell.length_c   220.600
_cell.angle_alpha   90.00
_cell.angle_beta   90.00
_cell.angle_gamma   120.00
#
_symmetry.space_group_name_H-M   'P 32'
#
loop_
_entity.id
_entity.type
_entity.pdbx_description
1 polymer WbgU
2 non-polymer NICOTINAMIDE-ADENINE-DINUCLEOTIDE
3 non-polymer '[[(2R,3S,4R,5R)-5-[2,4-bis(oxidanylidene)pyrimidin-1-yl]-3,4-bis(oxidanyl)oxolan-2-yl]methoxy-oxidanyl-phosphoryl] [(2R,3R,4R,5R,6R)-6-(hydroxymethyl)-4,5-bis(oxidanyl)-3-(2-oxidanylidenepropyl)oxan-2-yl] hydrogen phosphate'
4 non-polymer 'SULFATE ION'
5 non-polymer 'SODIUM ION'
6 water water
#
_entity_poly.entity_id   1
_entity_poly.type   'polypeptide(L)'
_entity_poly.pdbx_seq_one_letter_code
;HHHHHHMDIYMSRYEEITQQLIFSPKTWLITGVAGFIGSNLLEKLLKLNQVVIGLDNFSTGHQYNLDEVKTLVSTEQWSR
FCFIEGDIRDLTTCEQVMKGVDHVLHQAALGSVPRSIVDPITTNATNITGFLNILHAAKNAQVQSFTYAASSSTYGDHPA
LPKVEENIGNPLSPYAVTKYVNEIYAQVYARTYGFKTIGLRYFNVFGRRQDPNGAYAAVIPKWTAAMLKGDDVYINGDGE
TSRDFCYIDNVIQMNILSALAKDSAKDNIYNVAVGDRTTLNELSGYIYDELNLIHHIDKLSIKYREFRSGDVRHSQADVT
KAIDLLKYRPNIKIREGLRLSMPWYVRFLKG
;
_entity_poly.pdbx_strand_id   A,B,C,D
#
loop_
_chem_comp.id
_chem_comp.type
_chem_comp.name
_chem_comp.formula
NA non-polymer 'SODIUM ION' 'Na 1'
NAD non-polymer NICOTINAMIDE-ADENINE-DINUCLEOTIDE 'C21 H27 N7 O14 P2'
SO4 non-polymer 'SULFATE ION' 'O4 S -2'
UD6 non-polymer '[[(2R,3S,4R,5R)-5-[2,4-bis(oxidanylidene)pyrimidin-1-yl]-3,4-bis(oxidanyl)oxolan-2-yl]methoxy-oxidanyl-phosphoryl] [(2R,3R,4R,5R,6R)-6-(hydroxymethyl)-4,5-bis(oxidanyl)-3-(2-oxidanylidenepropyl)oxan-2-yl] hydrogen phosphate' 'C18 H28 N2 O17 P2'
#
# COMPACT_ATOMS: atom_id res chain seq x y z
N TYR A 10 -2.09 -9.23 2.60
CA TYR A 10 -2.40 -8.96 4.04
C TYR A 10 -2.79 -10.23 4.77
N MET A 11 -2.25 -10.39 5.96
CA MET A 11 -2.58 -11.54 6.79
C MET A 11 -3.64 -11.09 7.80
N SER A 12 -4.84 -10.93 7.27
CA SER A 12 -5.95 -10.25 7.93
C SER A 12 -6.32 -10.77 9.31
N ARG A 13 -6.78 -12.02 9.37
CA ARG A 13 -7.22 -12.63 10.62
C ARG A 13 -6.06 -12.68 11.60
N TYR A 14 -4.91 -13.10 11.08
CA TYR A 14 -3.66 -13.14 11.84
C TYR A 14 -3.39 -11.82 12.55
N GLU A 15 -3.45 -10.71 11.81
CA GLU A 15 -3.31 -9.37 12.38
C GLU A 15 -4.28 -9.15 13.53
N GLU A 16 -5.58 -9.30 13.27
CA GLU A 16 -6.61 -9.23 14.31
C GLU A 16 -6.24 -10.06 15.54
N ILE A 17 -5.89 -11.33 15.32
CA ILE A 17 -5.53 -12.22 16.41
C ILE A 17 -4.33 -11.70 17.21
N THR A 18 -3.33 -11.16 16.53
CA THR A 18 -2.18 -10.59 17.24
C THR A 18 -2.53 -9.31 18.02
N GLN A 19 -3.51 -8.52 17.55
CA GLN A 19 -4.00 -7.37 18.32
C GLN A 19 -4.53 -7.81 19.68
N GLN A 20 -5.42 -8.81 19.66
CA GLN A 20 -5.95 -9.46 20.86
C GLN A 20 -4.83 -9.79 21.83
N LEU A 21 -3.76 -10.38 21.30
CA LEU A 21 -2.64 -10.81 22.12
C LEU A 21 -1.94 -9.63 22.80
N ILE A 22 -1.58 -8.60 22.04
CA ILE A 22 -0.93 -7.42 22.62
C ILE A 22 -1.84 -6.74 23.66
N PHE A 23 -3.09 -7.17 23.76
CA PHE A 23 -4.01 -6.57 24.72
C PHE A 23 -4.22 -7.36 26.00
N SER A 24 -4.61 -8.61 25.86
CA SER A 24 -4.50 -9.56 26.94
C SER A 24 -3.30 -10.43 26.61
N PRO A 25 -2.09 -10.05 27.09
CA PRO A 25 -0.98 -10.97 26.91
C PRO A 25 -1.21 -12.26 27.69
N LYS A 26 -0.87 -13.37 27.06
CA LYS A 26 -0.99 -14.66 27.70
C LYS A 26 0.42 -15.22 27.93
N THR A 27 0.49 -16.25 28.78
CA THR A 27 1.74 -16.96 28.99
C THR A 27 1.84 -18.11 27.99
N TRP A 28 2.87 -18.07 27.16
CA TRP A 28 3.11 -19.05 26.11
C TRP A 28 4.22 -20.02 26.51
N LEU A 29 4.04 -21.29 26.15
CA LEU A 29 5.14 -22.23 26.25
C LEU A 29 5.66 -22.63 24.86
N ILE A 30 6.94 -22.37 24.62
CA ILE A 30 7.55 -22.85 23.39
C ILE A 30 8.57 -23.92 23.71
N THR A 31 8.17 -25.17 23.52
CA THR A 31 9.13 -26.25 23.53
C THR A 31 9.91 -26.16 22.22
N GLY A 32 11.22 -26.35 22.31
CA GLY A 32 12.07 -26.32 21.13
C GLY A 32 12.41 -24.90 20.74
N VAL A 33 12.46 -24.02 21.75
CA VAL A 33 12.52 -22.58 21.55
C VAL A 33 13.86 -22.06 21.01
N ALA A 34 14.92 -22.85 21.12
CA ALA A 34 16.23 -22.48 20.58
C ALA A 34 16.38 -23.00 19.15
N GLY A 35 15.33 -23.67 18.69
CA GLY A 35 15.27 -24.18 17.33
C GLY A 35 14.90 -23.14 16.32
N PHE A 36 14.80 -23.57 15.07
CA PHE A 36 14.54 -22.69 13.95
C PHE A 36 13.13 -22.08 14.00
N ILE A 37 12.13 -22.94 14.15
CA ILE A 37 10.75 -22.48 14.22
C ILE A 37 10.49 -21.93 15.62
N GLY A 38 10.84 -22.70 16.64
CA GLY A 38 10.80 -22.26 18.03
C GLY A 38 11.32 -20.85 18.29
N SER A 39 12.53 -20.55 17.81
CA SER A 39 13.14 -19.22 18.03
C SER A 39 12.41 -18.12 17.28
N ASN A 40 11.87 -18.46 16.12
CA ASN A 40 11.06 -17.54 15.33
C ASN A 40 9.73 -17.20 15.99
N LEU A 41 9.09 -18.21 16.56
CA LEU A 41 7.91 -18.01 17.38
C LEU A 41 8.24 -17.14 18.58
N LEU A 42 9.46 -17.26 19.10
CA LEU A 42 9.87 -16.48 20.26
C LEU A 42 9.97 -15.04 19.86
N GLU A 43 10.62 -14.78 18.73
CA GLU A 43 10.82 -13.44 18.23
C GLU A 43 9.46 -12.76 18.00
N LYS A 44 8.58 -13.45 17.28
CA LYS A 44 7.25 -12.91 17.06
C LYS A 44 6.51 -12.70 18.37
N LEU A 45 6.40 -13.75 19.19
CA LEU A 45 5.64 -13.69 20.43
C LEU A 45 6.17 -12.65 21.42
N LEU A 46 7.49 -12.48 21.51
CA LEU A 46 8.03 -11.46 22.39
C LEU A 46 7.64 -10.05 21.94
N LYS A 47 7.64 -9.81 20.63
CA LYS A 47 7.20 -8.54 20.02
C LYS A 47 5.71 -8.30 20.26
N LEU A 48 4.95 -9.38 20.36
CA LEU A 48 3.55 -9.29 20.77
C LEU A 48 3.37 -9.07 22.29
N ASN A 49 4.41 -8.56 22.95
CA ASN A 49 4.40 -8.36 24.41
C ASN A 49 3.94 -9.56 25.24
N GLN A 50 4.12 -10.75 24.70
CA GLN A 50 3.66 -11.98 25.34
C GLN A 50 4.69 -12.49 26.33
N VAL A 51 4.22 -13.06 27.44
CA VAL A 51 5.11 -13.73 28.39
C VAL A 51 5.37 -15.10 27.80
N VAL A 52 6.63 -15.41 27.51
CA VAL A 52 6.99 -16.70 26.94
C VAL A 52 7.86 -17.52 27.89
N ILE A 53 7.43 -18.74 28.16
CA ILE A 53 8.23 -19.74 28.85
C ILE A 53 8.86 -20.59 27.75
N GLY A 54 10.18 -20.67 27.77
CA GLY A 54 10.86 -21.44 26.74
C GLY A 54 11.43 -22.71 27.32
N LEU A 55 11.37 -23.78 26.52
CA LEU A 55 11.98 -25.04 26.91
C LEU A 55 12.78 -25.60 25.76
N ASP A 56 14.00 -26.04 26.06
CA ASP A 56 14.90 -26.56 25.04
C ASP A 56 16.07 -27.22 25.75
N ASN A 57 16.67 -28.21 25.09
CA ASN A 57 17.81 -28.92 25.64
C ASN A 57 19.08 -28.70 24.81
N PHE A 58 19.04 -27.69 23.93
CA PHE A 58 20.11 -27.41 22.96
C PHE A 58 20.70 -28.64 22.26
N SER A 59 19.84 -29.50 21.72
CA SER A 59 20.31 -30.64 20.91
C SER A 59 20.60 -30.18 19.48
N THR A 60 19.54 -29.80 18.75
CA THR A 60 19.69 -29.10 17.47
C THR A 60 19.60 -27.59 17.67
N GLY A 61 19.01 -27.17 18.79
CA GLY A 61 18.84 -25.76 19.07
C GLY A 61 20.11 -25.08 19.48
N HIS A 62 20.08 -23.76 19.52
CA HIS A 62 21.29 -23.00 19.74
C HIS A 62 21.11 -21.79 20.65
N GLN A 63 22.07 -21.61 21.55
CA GLN A 63 22.17 -20.39 22.32
C GLN A 63 22.13 -19.22 21.35
N TYR A 64 22.90 -19.32 20.27
CA TYR A 64 23.02 -18.21 19.31
C TYR A 64 21.72 -17.83 18.61
N ASN A 65 20.64 -18.57 18.90
CA ASN A 65 19.32 -18.25 18.39
C ASN A 65 18.55 -17.38 19.37
N LEU A 66 18.50 -17.83 20.63
CA LEU A 66 17.96 -17.03 21.72
C LEU A 66 18.78 -15.74 21.86
N ASP A 67 20.09 -15.86 21.84
CA ASP A 67 20.97 -14.70 21.82
C ASP A 67 20.58 -13.73 20.70
N GLU A 68 20.30 -14.27 19.52
CA GLU A 68 19.93 -13.43 18.39
C GLU A 68 18.59 -12.73 18.64
N VAL A 69 17.64 -13.49 19.16
CA VAL A 69 16.32 -12.95 19.49
C VAL A 69 16.41 -11.78 20.48
N LYS A 70 17.29 -11.89 21.48
CA LYS A 70 17.48 -10.79 22.44
C LYS A 70 17.97 -9.52 21.74
N THR A 71 18.58 -9.70 20.57
CA THR A 71 19.02 -8.58 19.73
C THR A 71 17.83 -7.83 19.13
N LEU A 72 16.73 -8.55 18.92
CA LEU A 72 15.63 -8.05 18.07
C LEU A 72 14.37 -7.66 18.83
N VAL A 73 14.36 -7.85 20.14
CA VAL A 73 13.22 -7.49 20.99
C VAL A 73 13.60 -6.45 22.04
N SER A 74 12.61 -5.74 22.56
CA SER A 74 12.80 -4.79 23.64
C SER A 74 13.41 -5.43 24.90
N THR A 75 14.04 -4.61 25.73
CA THR A 75 14.54 -5.06 27.05
C THR A 75 13.36 -5.55 27.88
N GLU A 76 12.31 -4.73 27.89
CA GLU A 76 11.04 -5.02 28.55
C GLU A 76 10.43 -6.33 28.02
N GLN A 77 10.54 -6.54 26.71
CA GLN A 77 10.03 -7.74 26.07
C GLN A 77 10.88 -8.96 26.43
N TRP A 78 12.20 -8.77 26.46
CA TRP A 78 13.10 -9.87 26.79
C TRP A 78 12.93 -10.37 28.22
N SER A 79 12.65 -9.46 29.15
CA SER A 79 12.36 -9.86 30.53
C SER A 79 11.08 -10.68 30.67
N ARG A 80 10.24 -10.71 29.64
CA ARG A 80 9.03 -11.52 29.70
C ARG A 80 9.33 -12.95 29.30
N PHE A 81 10.52 -13.17 28.76
CA PHE A 81 10.98 -14.51 28.37
C PHE A 81 11.69 -15.21 29.53
N CYS A 82 11.19 -16.38 29.87
CA CYS A 82 11.81 -17.22 30.87
C CYS A 82 12.30 -18.49 30.20
N PHE A 83 13.59 -18.54 29.90
CA PHE A 83 14.16 -19.71 29.28
C PHE A 83 14.41 -20.80 30.30
N ILE A 84 14.11 -22.04 29.93
CA ILE A 84 14.48 -23.16 30.75
C ILE A 84 15.25 -24.14 29.89
N GLU A 85 16.43 -24.54 30.35
CA GLU A 85 17.12 -25.67 29.74
C GLU A 85 16.62 -26.94 30.38
N GLY A 86 16.03 -27.80 29.57
CA GLY A 86 15.42 -29.01 30.07
C GLY A 86 14.88 -29.83 28.94
N ASP A 87 14.33 -30.98 29.29
CA ASP A 87 14.03 -31.99 28.31
C ASP A 87 12.57 -32.40 28.37
N ILE A 88 11.95 -32.41 27.20
CA ILE A 88 10.56 -32.83 27.09
C ILE A 88 10.47 -34.33 27.36
N ARG A 89 11.63 -35.00 27.32
CA ARG A 89 11.67 -36.42 27.64
C ARG A 89 11.44 -36.64 29.13
N ASP A 90 11.82 -35.65 29.92
CA ASP A 90 11.58 -35.66 31.35
C ASP A 90 10.20 -35.08 31.61
N LEU A 91 9.28 -35.94 32.08
CA LEU A 91 7.90 -35.51 32.39
C LEU A 91 7.85 -34.37 33.41
N THR A 92 8.61 -34.49 34.50
CA THR A 92 8.67 -33.45 35.54
C THR A 92 8.93 -32.06 34.96
N THR A 93 10.00 -31.93 34.19
CA THR A 93 10.28 -30.69 33.47
C THR A 93 9.02 -30.16 32.78
N CYS A 94 8.38 -31.02 31.99
CA CYS A 94 7.14 -30.66 31.28
C CYS A 94 6.07 -30.12 32.22
N GLU A 95 5.96 -30.70 33.41
CA GLU A 95 5.02 -30.22 34.41
C GLU A 95 5.44 -28.87 35.00
N GLN A 96 6.72 -28.72 35.32
CA GLN A 96 7.24 -27.44 35.83
C GLN A 96 6.93 -26.27 34.89
N VAL A 97 7.13 -26.49 33.59
CA VAL A 97 7.04 -25.40 32.60
C VAL A 97 5.61 -25.00 32.24
N MET A 98 4.65 -25.87 32.52
CA MET A 98 3.24 -25.61 32.19
C MET A 98 2.56 -24.66 33.16
N LYS A 99 3.15 -24.48 34.34
CA LYS A 99 2.54 -23.66 35.37
C LYS A 99 2.20 -22.28 34.80
N GLY A 100 0.92 -21.91 34.85
CA GLY A 100 0.46 -20.59 34.41
C GLY A 100 0.40 -20.39 32.90
N VAL A 101 0.83 -21.40 32.14
CA VAL A 101 0.82 -21.35 30.68
C VAL A 101 -0.60 -21.33 30.16
N ASP A 102 -0.83 -20.48 29.16
CA ASP A 102 -2.14 -20.43 28.48
C ASP A 102 -2.10 -21.23 27.17
N HIS A 103 -1.10 -20.94 26.34
CA HIS A 103 -0.97 -21.50 25.00
C HIS A 103 0.36 -22.22 24.85
N VAL A 104 0.30 -23.47 24.41
CA VAL A 104 1.48 -24.32 24.24
C VAL A 104 1.80 -24.46 22.75
N LEU A 105 2.96 -23.95 22.36
CA LEU A 105 3.44 -24.17 21.01
C LEU A 105 4.54 -25.22 21.05
N HIS A 106 4.14 -26.47 20.85
CA HIS A 106 5.09 -27.57 20.89
C HIS A 106 5.86 -27.72 19.57
N GLN A 107 7.15 -27.43 19.62
CA GLN A 107 8.01 -27.49 18.42
C GLN A 107 9.21 -28.40 18.64
N ALA A 108 9.36 -28.91 19.86
CA ALA A 108 10.54 -29.71 20.18
C ALA A 108 10.42 -31.13 19.66
N ALA A 109 11.39 -31.50 18.82
CA ALA A 109 11.57 -32.85 18.30
C ALA A 109 12.94 -32.98 17.63
N LEU A 110 13.28 -34.20 17.24
CA LEU A 110 14.43 -34.43 16.40
C LEU A 110 13.88 -34.77 15.02
N GLY A 111 13.67 -33.75 14.21
CA GLY A 111 13.23 -33.91 12.82
C GLY A 111 14.31 -34.60 12.03
N SER A 112 14.13 -34.66 10.71
CA SER A 112 15.03 -35.38 9.80
C SER A 112 14.63 -36.84 9.63
N VAL A 113 14.09 -37.13 8.45
CA VAL A 113 13.79 -38.48 8.02
C VAL A 113 15.03 -39.40 8.17
N PRO A 114 16.21 -38.95 7.69
CA PRO A 114 17.44 -39.77 7.78
C PRO A 114 17.86 -40.13 9.20
N ARG A 115 17.86 -39.13 10.09
CA ARG A 115 18.22 -39.32 11.50
C ARG A 115 17.42 -40.45 12.13
N SER A 116 16.12 -40.44 11.83
CA SER A 116 15.19 -41.41 12.37
C SER A 116 15.53 -42.81 11.90
N ILE A 117 15.92 -42.91 10.63
CA ILE A 117 16.32 -44.19 10.02
C ILE A 117 17.58 -44.76 10.67
N VAL A 118 18.48 -43.86 11.07
CA VAL A 118 19.75 -44.27 11.65
C VAL A 118 19.69 -44.40 13.17
N ASP A 119 18.86 -43.60 13.83
CA ASP A 119 18.59 -43.82 15.23
C ASP A 119 17.12 -43.57 15.55
N PRO A 120 16.26 -44.58 15.31
CA PRO A 120 14.86 -44.49 15.63
C PRO A 120 14.57 -44.51 17.12
N ILE A 121 15.54 -44.97 17.92
CA ILE A 121 15.35 -45.13 19.37
C ILE A 121 15.26 -43.79 20.09
N THR A 122 16.27 -42.95 19.93
CA THR A 122 16.28 -41.61 20.54
C THR A 122 15.22 -40.73 19.90
N THR A 123 15.08 -40.87 18.58
CA THR A 123 14.02 -40.24 17.82
C THR A 123 12.66 -40.53 18.45
N ASN A 124 12.41 -41.78 18.78
CA ASN A 124 11.17 -42.15 19.44
C ASN A 124 11.02 -41.46 20.80
N ALA A 125 12.08 -41.48 21.59
CA ALA A 125 12.08 -40.92 22.94
C ALA A 125 11.71 -39.44 22.90
N THR A 126 12.30 -38.71 21.96
CA THR A 126 12.08 -37.29 21.83
C THR A 126 10.75 -36.98 21.17
N ASN A 127 10.49 -37.62 20.03
CA ASN A 127 9.32 -37.29 19.21
C ASN A 127 8.02 -37.88 19.68
N ILE A 128 8.07 -39.02 20.35
CA ILE A 128 6.87 -39.60 20.94
C ILE A 128 6.77 -39.37 22.44
N THR A 129 7.68 -39.97 23.23
CA THR A 129 7.70 -39.77 24.68
C THR A 129 7.63 -38.27 24.97
N GLY A 130 8.59 -37.53 24.43
CA GLY A 130 8.63 -36.09 24.63
C GLY A 130 7.35 -35.41 24.21
N PHE A 131 6.72 -35.89 23.14
CA PHE A 131 5.48 -35.29 22.69
C PHE A 131 4.36 -35.59 23.68
N LEU A 132 4.21 -36.87 24.03
CA LEU A 132 3.20 -37.27 24.99
C LEU A 132 3.38 -36.58 26.35
N ASN A 133 4.62 -36.48 26.83
CA ASN A 133 4.90 -35.83 28.10
C ASN A 133 4.34 -34.42 28.14
N ILE A 134 4.62 -33.67 27.07
CA ILE A 134 4.18 -32.28 26.95
C ILE A 134 2.67 -32.26 26.80
N LEU A 135 2.15 -33.13 25.96
CA LEU A 135 0.71 -33.19 25.71
C LEU A 135 -0.04 -33.42 27.00
N HIS A 136 0.52 -34.28 27.85
CA HIS A 136 -0.12 -34.65 29.09
C HIS A 136 0.02 -33.53 30.10
N ALA A 137 1.24 -33.03 30.27
CA ALA A 137 1.50 -31.90 31.16
C ALA A 137 0.56 -30.74 30.85
N ALA A 138 0.43 -30.43 29.56
CA ALA A 138 -0.50 -29.39 29.08
C ALA A 138 -1.94 -29.69 29.46
N LYS A 139 -2.40 -30.93 29.24
CA LYS A 139 -3.77 -31.29 29.62
C LYS A 139 -4.02 -31.04 31.11
N ASN A 140 -3.10 -31.53 31.93
CA ASN A 140 -3.28 -31.46 33.37
C ASN A 140 -3.23 -30.04 33.89
N ALA A 141 -2.49 -29.19 33.19
CA ALA A 141 -2.43 -27.77 33.51
C ALA A 141 -3.68 -27.02 33.01
N GLN A 142 -4.49 -27.69 32.18
CA GLN A 142 -5.67 -27.10 31.53
C GLN A 142 -5.38 -25.83 30.75
N VAL A 143 -4.33 -25.88 29.94
CA VAL A 143 -3.95 -24.80 29.06
C VAL A 143 -5.10 -24.49 28.10
N GLN A 144 -5.10 -23.29 27.55
CA GLN A 144 -6.17 -22.85 26.66
C GLN A 144 -6.05 -23.46 25.26
N SER A 145 -4.81 -23.54 24.78
CA SER A 145 -4.54 -24.11 23.47
C SER A 145 -3.35 -25.06 23.52
N PHE A 146 -3.30 -25.97 22.56
CA PHE A 146 -2.14 -26.83 22.40
C PHE A 146 -1.88 -27.11 20.94
N THR A 147 -0.93 -26.36 20.38
CA THR A 147 -0.55 -26.50 19.00
C THR A 147 0.80 -27.17 18.92
N TYR A 148 0.90 -28.21 18.09
CA TYR A 148 2.14 -28.98 17.96
C TYR A 148 2.58 -29.07 16.52
N ALA A 149 3.89 -29.12 16.34
CA ALA A 149 4.46 -29.35 15.04
C ALA A 149 4.21 -30.80 14.64
N ALA A 150 3.48 -30.98 13.55
CA ALA A 150 3.35 -32.27 12.88
C ALA A 150 4.19 -32.21 11.58
N SER A 151 4.00 -33.16 10.67
CA SER A 151 4.88 -33.29 9.51
C SER A 151 4.18 -33.78 8.25
N SER A 152 4.59 -33.21 7.12
CA SER A 152 4.07 -33.60 5.80
C SER A 152 4.57 -34.98 5.37
N SER A 153 5.51 -35.53 6.12
CA SER A 153 5.98 -36.88 5.86
C SER A 153 4.91 -37.88 6.27
N THR A 154 3.96 -37.44 7.08
CA THR A 154 2.85 -38.28 7.52
C THR A 154 2.04 -38.79 6.33
N TYR A 155 2.08 -38.04 5.23
CA TYR A 155 1.46 -38.47 3.97
C TYR A 155 2.11 -39.75 3.46
N GLY A 156 3.43 -39.84 3.62
CA GLY A 156 4.18 -41.04 3.29
C GLY A 156 4.15 -41.37 1.81
N ASP A 157 3.55 -42.51 1.48
CA ASP A 157 3.53 -42.99 0.10
C ASP A 157 2.22 -42.74 -0.64
N HIS A 158 1.33 -41.90 -0.09
CA HIS A 158 0.09 -41.57 -0.80
C HIS A 158 0.40 -40.80 -2.08
N PRO A 159 -0.03 -41.34 -3.25
CA PRO A 159 0.35 -40.82 -4.56
C PRO A 159 -0.20 -39.44 -4.94
N ALA A 160 -1.31 -39.03 -4.33
CA ALA A 160 -2.08 -37.85 -4.76
C ALA A 160 -1.39 -36.51 -4.54
N LEU A 161 -1.65 -35.58 -5.47
CA LEU A 161 -1.22 -34.19 -5.37
C LEU A 161 -2.35 -33.24 -5.81
N PRO A 162 -2.55 -32.13 -5.08
CA PRO A 162 -1.86 -31.80 -3.85
C PRO A 162 -2.29 -32.68 -2.67
N LYS A 163 -1.48 -32.64 -1.62
CA LYS A 163 -1.70 -33.44 -0.42
C LYS A 163 -2.76 -32.81 0.49
N VAL A 164 -3.88 -33.53 0.61
CA VAL A 164 -4.98 -33.13 1.47
C VAL A 164 -4.94 -33.91 2.78
N GLU A 165 -5.46 -33.31 3.85
CA GLU A 165 -5.33 -33.85 5.21
C GLU A 165 -5.92 -35.25 5.41
N GLU A 166 -7.16 -35.46 4.98
CA GLU A 166 -7.81 -36.76 5.14
C GLU A 166 -6.99 -37.86 4.48
N ASN A 167 -6.20 -37.49 3.48
CA ASN A 167 -5.56 -38.47 2.60
C ASN A 167 -4.08 -38.73 2.88
N ILE A 168 -3.82 -39.53 3.90
CA ILE A 168 -2.46 -39.98 4.21
C ILE A 168 -2.31 -41.45 3.81
N GLY A 169 -1.07 -41.86 3.56
CA GLY A 169 -0.77 -43.25 3.23
C GLY A 169 0.08 -43.85 4.32
N ASN A 170 0.92 -44.80 3.96
CA ASN A 170 1.82 -45.44 4.93
C ASN A 170 3.07 -44.61 5.18
N PRO A 171 3.57 -44.60 6.43
CA PRO A 171 4.82 -43.92 6.80
C PRO A 171 6.04 -44.60 6.18
N LEU A 172 7.03 -43.79 5.77
CA LEU A 172 8.21 -44.30 5.05
C LEU A 172 9.51 -44.19 5.85
N SER A 173 9.37 -43.74 7.08
CA SER A 173 10.51 -43.51 7.95
C SER A 173 10.03 -43.65 9.38
N PRO A 174 10.94 -43.95 10.32
CA PRO A 174 10.54 -43.80 11.71
C PRO A 174 10.02 -42.37 11.96
N TYR A 175 10.71 -41.37 11.41
CA TYR A 175 10.36 -39.98 11.65
C TYR A 175 8.91 -39.70 11.35
N ALA A 176 8.44 -40.26 10.24
CA ALA A 176 7.04 -40.16 9.87
C ALA A 176 6.15 -40.80 10.94
N VAL A 177 6.53 -42.00 11.39
CA VAL A 177 5.79 -42.73 12.42
C VAL A 177 5.56 -41.83 13.60
N THR A 178 6.65 -41.30 14.16
CA THR A 178 6.57 -40.48 15.36
C THR A 178 5.60 -39.30 15.18
N LYS A 179 5.77 -38.57 14.08
CA LYS A 179 4.88 -37.45 13.76
C LYS A 179 3.44 -37.89 13.49
N TYR A 180 3.27 -39.05 12.85
CA TYR A 180 1.94 -39.61 12.72
C TYR A 180 1.39 -40.03 14.08
N VAL A 181 2.27 -40.57 14.94
CA VAL A 181 1.88 -40.98 16.29
C VAL A 181 1.42 -39.77 17.06
N ASN A 182 2.17 -38.67 16.91
CA ASN A 182 1.81 -37.39 17.49
C ASN A 182 0.39 -37.04 17.17
N GLU A 183 0.03 -37.22 15.90
CA GLU A 183 -1.26 -36.79 15.42
C GLU A 183 -2.35 -37.68 16.02
N ILE A 184 -2.00 -38.96 16.17
CA ILE A 184 -2.92 -39.96 16.71
C ILE A 184 -3.24 -39.66 18.17
N TYR A 185 -2.20 -39.42 18.97
CA TYR A 185 -2.39 -39.12 20.40
C TYR A 185 -3.30 -37.92 20.63
N ALA A 186 -3.07 -36.85 19.86
CA ALA A 186 -3.84 -35.61 19.97
C ALA A 186 -5.33 -35.80 19.67
N GLN A 187 -5.67 -36.83 18.90
CA GLN A 187 -7.06 -37.17 18.63
C GLN A 187 -7.64 -37.95 19.78
N VAL A 188 -6.80 -38.80 20.36
CA VAL A 188 -7.19 -39.64 21.49
C VAL A 188 -7.36 -38.77 22.71
N TYR A 189 -6.50 -37.76 22.85
CA TYR A 189 -6.61 -36.78 23.92
C TYR A 189 -7.85 -35.90 23.81
N ALA A 190 -8.35 -35.77 22.58
CA ALA A 190 -9.56 -35.02 22.32
C ALA A 190 -10.78 -35.90 22.61
N ARG A 191 -10.74 -37.12 22.09
CA ARG A 191 -11.84 -38.05 22.17
C ARG A 191 -12.05 -38.53 23.60
N THR A 192 -10.95 -38.75 24.34
CA THR A 192 -11.08 -39.31 25.70
C THR A 192 -10.95 -38.27 26.82
N TYR A 193 -10.28 -37.15 26.54
CA TYR A 193 -10.14 -36.12 27.55
C TYR A 193 -10.89 -34.82 27.23
N GLY A 194 -11.25 -34.63 25.96
CA GLY A 194 -11.82 -33.37 25.52
C GLY A 194 -10.76 -32.29 25.32
N PHE A 195 -9.49 -32.71 25.31
CA PHE A 195 -8.37 -31.80 25.11
C PHE A 195 -8.12 -31.59 23.62
N LYS A 196 -8.76 -30.56 23.07
CA LYS A 196 -8.67 -30.27 21.64
C LYS A 196 -7.39 -29.51 21.30
N THR A 197 -6.66 -30.03 20.30
CA THR A 197 -5.32 -29.56 19.93
C THR A 197 -5.29 -29.21 18.45
N ILE A 198 -4.18 -28.65 17.99
CA ILE A 198 -4.00 -28.41 16.55
C ILE A 198 -2.64 -28.90 16.06
N GLY A 199 -2.69 -29.81 15.09
CA GLY A 199 -1.49 -30.36 14.49
C GLY A 199 -1.13 -29.55 13.28
N LEU A 200 0.15 -29.28 13.12
CA LEU A 200 0.60 -28.50 12.00
C LEU A 200 1.52 -29.33 11.13
N ARG A 201 0.99 -29.84 10.03
CA ARG A 201 1.78 -30.58 9.05
C ARG A 201 2.63 -29.64 8.23
N TYR A 202 3.84 -29.38 8.71
CA TYR A 202 4.75 -28.50 8.02
C TYR A 202 5.27 -29.15 6.74
N PHE A 203 5.43 -28.34 5.70
CA PHE A 203 6.07 -28.78 4.47
C PHE A 203 7.34 -27.96 4.29
N ASN A 204 8.49 -28.49 4.72
CA ASN A 204 9.81 -27.88 4.40
C ASN A 204 9.88 -26.37 4.66
N VAL A 205 9.79 -26.00 5.93
CA VAL A 205 9.90 -24.61 6.33
C VAL A 205 11.35 -24.17 6.16
N PHE A 206 11.56 -22.94 5.71
CA PHE A 206 12.89 -22.35 5.64
C PHE A 206 12.86 -20.91 6.14
N GLY A 207 14.02 -20.26 6.21
CA GLY A 207 14.11 -18.89 6.69
C GLY A 207 15.12 -18.70 7.80
N ARG A 208 15.11 -17.49 8.37
CA ARG A 208 16.07 -17.07 9.41
C ARG A 208 16.21 -18.09 10.53
N ARG A 209 17.44 -18.52 10.77
CA ARG A 209 17.83 -19.42 11.88
C ARG A 209 17.64 -20.94 11.66
N GLN A 210 17.45 -21.34 10.40
CA GLN A 210 17.45 -22.75 10.07
C GLN A 210 18.90 -23.17 9.88
N ASP A 211 19.29 -24.22 10.60
CA ASP A 211 20.69 -24.64 10.71
C ASP A 211 21.31 -25.03 9.37
N PRO A 212 22.29 -24.25 8.91
CA PRO A 212 22.99 -24.59 7.68
C PRO A 212 24.02 -25.71 7.87
N ASN A 213 24.35 -26.00 9.13
CA ASN A 213 25.34 -27.00 9.48
C ASN A 213 24.72 -28.31 10.00
N GLY A 214 25.51 -29.37 9.95
CA GLY A 214 25.06 -30.69 10.33
C GLY A 214 24.97 -31.58 9.12
N ALA A 215 25.04 -32.88 9.34
CA ALA A 215 24.77 -33.84 8.29
C ALA A 215 23.28 -33.78 7.95
N TYR A 216 22.48 -33.34 8.91
CA TYR A 216 21.03 -33.32 8.74
C TYR A 216 20.45 -32.00 8.28
N ALA A 217 21.33 -31.09 7.86
CA ALA A 217 20.90 -29.80 7.32
C ALA A 217 19.81 -29.94 6.27
N ALA A 218 18.81 -29.06 6.36
CA ALA A 218 17.74 -29.00 5.39
C ALA A 218 18.26 -28.39 4.07
N VAL A 219 17.65 -28.78 2.95
CA VAL A 219 18.16 -28.43 1.62
C VAL A 219 18.55 -26.95 1.42
N ILE A 220 17.64 -26.05 1.77
CA ILE A 220 17.82 -24.63 1.48
C ILE A 220 19.05 -24.02 2.17
N PRO A 221 19.18 -24.16 3.51
CA PRO A 221 20.39 -23.68 4.17
C PRO A 221 21.66 -24.43 3.75
N LYS A 222 21.60 -25.76 3.74
CA LYS A 222 22.71 -26.60 3.29
C LYS A 222 23.33 -26.06 1.98
N TRP A 223 22.48 -25.85 0.97
CA TRP A 223 22.91 -25.41 -0.37
C TRP A 223 23.40 -23.97 -0.38
N THR A 224 22.78 -23.14 0.46
CA THR A 224 23.17 -21.75 0.63
C THR A 224 24.60 -21.70 1.18
N ALA A 225 24.82 -22.39 2.30
CA ALA A 225 26.14 -22.55 2.89
C ALA A 225 27.16 -23.01 1.86
N ALA A 226 26.76 -24.00 1.05
CA ALA A 226 27.62 -24.60 0.04
C ALA A 226 28.06 -23.59 -1.02
N MET A 227 27.13 -22.75 -1.47
CA MET A 227 27.44 -21.75 -2.49
C MET A 227 28.31 -20.63 -1.94
N LEU A 228 28.08 -20.29 -0.67
CA LEU A 228 28.81 -19.21 -0.01
C LEU A 228 30.24 -19.59 0.30
N LYS A 229 30.47 -20.88 0.58
CA LYS A 229 31.83 -21.41 0.74
C LYS A 229 32.45 -21.71 -0.62
N GLY A 230 31.60 -21.86 -1.64
CA GLY A 230 32.05 -22.20 -2.98
C GLY A 230 32.16 -23.70 -3.18
N ASP A 231 31.56 -24.45 -2.25
CA ASP A 231 31.57 -25.91 -2.28
C ASP A 231 30.57 -26.48 -3.28
N ASP A 232 30.58 -27.80 -3.42
CA ASP A 232 29.65 -28.52 -4.29
C ASP A 232 28.23 -28.56 -3.72
N VAL A 233 27.25 -28.33 -4.60
CA VAL A 233 25.84 -28.41 -4.22
C VAL A 233 25.31 -29.80 -4.59
N TYR A 234 24.81 -30.52 -3.59
CA TYR A 234 24.44 -31.93 -3.76
C TYR A 234 22.95 -32.17 -4.02
N ILE A 235 22.66 -32.89 -5.11
CA ILE A 235 21.28 -33.23 -5.47
C ILE A 235 20.97 -34.74 -5.36
N ASN A 236 20.18 -35.11 -4.36
CA ASN A 236 19.82 -36.50 -4.12
C ASN A 236 18.74 -37.00 -5.06
N GLY A 237 19.14 -37.86 -6.01
CA GLY A 237 18.25 -38.40 -7.02
C GLY A 237 18.43 -37.73 -8.36
N ASP A 238 17.32 -37.53 -9.07
CA ASP A 238 17.33 -36.89 -10.38
C ASP A 238 17.32 -35.36 -10.29
N GLY A 239 16.66 -34.82 -9.27
CA GLY A 239 16.52 -33.37 -9.10
C GLY A 239 15.10 -32.86 -9.27
N GLU A 240 14.23 -33.69 -9.81
CA GLU A 240 12.84 -33.33 -10.05
C GLU A 240 11.96 -33.59 -8.82
N THR A 241 12.60 -34.04 -7.74
CA THR A 241 11.91 -34.19 -6.46
C THR A 241 11.37 -32.83 -6.03
N SER A 242 10.04 -32.69 -6.06
CA SER A 242 9.37 -31.41 -5.87
C SER A 242 8.82 -31.22 -4.47
N ARG A 243 8.87 -29.97 -4.00
CA ARG A 243 8.50 -29.63 -2.63
C ARG A 243 7.68 -28.37 -2.51
N ASP A 244 6.93 -28.28 -1.41
CA ASP A 244 6.18 -27.08 -1.06
C ASP A 244 6.97 -26.36 0.01
N PHE A 245 7.84 -25.45 -0.42
CA PHE A 245 8.64 -24.67 0.50
C PHE A 245 7.86 -23.52 1.14
N CYS A 246 8.06 -23.34 2.43
CA CYS A 246 7.19 -22.48 3.22
C CYS A 246 8.00 -21.56 4.13
N TYR A 247 7.94 -20.26 3.84
CA TYR A 247 8.69 -19.30 4.64
C TYR A 247 8.13 -19.25 6.06
N ILE A 248 9.02 -19.14 7.04
CA ILE A 248 8.67 -19.23 8.46
C ILE A 248 7.46 -18.42 8.86
N ASP A 249 7.34 -17.23 8.26
CA ASP A 249 6.27 -16.30 8.60
C ASP A 249 4.88 -16.90 8.42
N ASN A 250 4.73 -17.78 7.42
CA ASN A 250 3.50 -18.54 7.26
C ASN A 250 3.27 -19.52 8.40
N VAL A 251 4.37 -20.12 8.87
CA VAL A 251 4.37 -21.04 10.02
C VAL A 251 4.05 -20.29 11.31
N ILE A 252 4.72 -19.17 11.50
CA ILE A 252 4.48 -18.31 12.64
C ILE A 252 3.00 -17.93 12.63
N GLN A 253 2.53 -17.45 11.48
CA GLN A 253 1.12 -17.10 11.28
C GLN A 253 0.21 -18.25 11.72
N MET A 254 0.52 -19.44 11.22
CA MET A 254 -0.31 -20.60 11.41
C MET A 254 -0.42 -20.99 12.86
N ASN A 255 0.72 -21.00 13.57
CA ASN A 255 0.77 -21.34 14.99
C ASN A 255 -0.14 -20.44 15.82
N ILE A 256 0.07 -19.15 15.69
CA ILE A 256 -0.71 -18.14 16.41
C ILE A 256 -2.20 -18.24 16.09
N LEU A 257 -2.54 -18.44 14.81
CA LEU A 257 -3.92 -18.65 14.39
C LEU A 257 -4.51 -19.94 14.96
N SER A 258 -3.65 -20.94 15.11
CA SER A 258 -4.02 -22.23 15.71
C SER A 258 -4.08 -22.16 17.22
N ALA A 259 -3.32 -21.23 17.80
CA ALA A 259 -3.32 -21.05 19.22
C ALA A 259 -4.67 -20.52 19.61
N LEU A 260 -5.12 -19.48 18.88
CA LEU A 260 -6.36 -18.78 19.22
C LEU A 260 -7.52 -19.14 18.31
N ALA A 261 -7.40 -20.27 17.63
CA ALA A 261 -8.51 -20.81 16.88
C ALA A 261 -9.66 -21.04 17.85
N LYS A 262 -10.88 -20.93 17.36
CA LYS A 262 -12.04 -21.23 18.17
C LYS A 262 -12.10 -22.74 18.40
N ASP A 263 -12.95 -23.16 19.33
CA ASP A 263 -13.08 -24.56 19.67
C ASP A 263 -13.44 -25.43 18.45
N SER A 264 -14.39 -24.98 17.63
CA SER A 264 -14.88 -25.79 16.50
C SER A 264 -13.82 -26.12 15.43
N ALA A 265 -12.70 -25.43 15.47
CA ALA A 265 -11.62 -25.66 14.50
C ALA A 265 -10.42 -26.37 15.15
N LYS A 266 -10.61 -26.88 16.36
CA LYS A 266 -9.57 -27.61 17.08
C LYS A 266 -9.80 -29.11 16.92
N ASP A 267 -8.84 -29.91 17.40
CA ASP A 267 -8.80 -31.34 17.11
C ASP A 267 -8.76 -31.53 15.60
N ASN A 268 -7.70 -31.01 15.03
CA ASN A 268 -7.58 -30.87 13.60
C ASN A 268 -6.13 -30.75 13.20
N ILE A 269 -5.81 -31.34 12.06
CA ILE A 269 -4.48 -31.22 11.51
C ILE A 269 -4.53 -30.33 10.27
N TYR A 270 -3.57 -29.42 10.16
CA TYR A 270 -3.57 -28.48 9.05
C TYR A 270 -2.24 -28.51 8.34
N ASN A 271 -2.27 -28.71 7.03
CA ASN A 271 -1.11 -28.45 6.21
C ASN A 271 -0.69 -27.00 6.45
N VAL A 272 0.60 -26.80 6.70
CA VAL A 272 1.15 -25.46 6.71
C VAL A 272 2.08 -25.37 5.51
N ALA A 273 1.58 -24.79 4.43
CA ALA A 273 2.39 -24.54 3.25
C ALA A 273 1.79 -23.39 2.45
N VAL A 274 2.15 -23.34 1.17
CA VAL A 274 1.77 -22.23 0.31
C VAL A 274 0.91 -22.73 -0.87
N GLY A 275 0.94 -24.05 -1.11
CA GLY A 275 0.24 -24.66 -2.25
C GLY A 275 1.10 -24.68 -3.50
N ASP A 276 2.37 -24.32 -3.35
CA ASP A 276 3.29 -24.28 -4.48
C ASP A 276 4.12 -25.55 -4.58
N ARG A 277 4.65 -25.83 -5.76
CA ARG A 277 5.45 -27.02 -5.96
C ARG A 277 6.75 -26.69 -6.71
N THR A 278 7.87 -26.87 -6.01
CA THR A 278 9.20 -26.52 -6.54
C THR A 278 10.17 -27.71 -6.48
N THR A 279 10.67 -28.12 -7.65
CA THR A 279 11.67 -29.18 -7.76
C THR A 279 13.03 -28.68 -7.31
N LEU A 280 13.93 -29.59 -6.98
CA LEU A 280 15.28 -29.26 -6.54
C LEU A 280 16.12 -28.57 -7.63
N ASN A 281 15.85 -28.88 -8.89
CA ASN A 281 16.52 -28.21 -10.02
C ASN A 281 16.07 -26.75 -10.14
N GLU A 282 14.82 -26.48 -9.76
CA GLU A 282 14.29 -25.13 -9.78
C GLU A 282 14.86 -24.35 -8.60
N LEU A 283 14.83 -24.97 -7.43
CA LEU A 283 15.28 -24.35 -6.18
C LEU A 283 16.75 -23.92 -6.25
N SER A 284 17.62 -24.84 -6.65
CA SER A 284 19.03 -24.55 -6.83
C SER A 284 19.21 -23.30 -7.69
N GLY A 285 18.35 -23.16 -8.69
CA GLY A 285 18.30 -21.96 -9.53
C GLY A 285 17.89 -20.74 -8.73
N TYR A 286 16.81 -20.87 -7.96
CA TYR A 286 16.31 -19.76 -7.14
C TYR A 286 17.38 -19.24 -6.20
N ILE A 287 17.98 -20.17 -5.44
CA ILE A 287 18.98 -19.82 -4.43
C ILE A 287 20.18 -19.10 -5.08
N TYR A 288 20.74 -19.72 -6.12
CA TYR A 288 21.85 -19.15 -6.88
C TYR A 288 21.52 -17.71 -7.32
N ASP A 289 20.31 -17.52 -7.83
CA ASP A 289 19.83 -16.21 -8.30
C ASP A 289 19.58 -15.23 -7.16
N GLU A 290 19.05 -15.72 -6.04
CA GLU A 290 18.79 -14.87 -4.87
C GLU A 290 20.04 -14.60 -4.04
N LEU A 291 21.10 -15.37 -4.28
CA LEU A 291 22.39 -15.15 -3.63
C LEU A 291 23.31 -14.25 -4.45
N ASN A 292 23.35 -14.44 -5.76
CA ASN A 292 24.17 -13.59 -6.64
C ASN A 292 23.72 -12.15 -6.69
N LEU A 293 22.47 -11.89 -6.29
CA LEU A 293 21.99 -10.53 -6.08
C LEU A 293 22.67 -9.86 -4.90
N ILE A 294 23.37 -10.66 -4.09
CA ILE A 294 24.15 -10.14 -2.97
C ILE A 294 25.65 -10.55 -3.06
N HIS A 295 26.12 -10.61 -4.31
CA HIS A 295 27.56 -10.54 -4.71
C HIS A 295 28.53 -11.62 -4.20
N HIS A 296 28.45 -12.83 -4.77
CA HIS A 296 29.39 -13.89 -4.41
C HIS A 296 29.83 -14.80 -5.57
N ILE A 302 27.61 -28.21 -9.26
CA ILE A 302 26.47 -29.02 -8.85
C ILE A 302 26.68 -30.49 -9.24
N LYS A 303 26.41 -31.39 -8.30
CA LYS A 303 26.60 -32.83 -8.51
C LYS A 303 25.35 -33.61 -8.09
N TYR A 304 24.96 -34.58 -8.92
CA TYR A 304 23.81 -35.45 -8.64
C TYR A 304 24.25 -36.77 -8.01
N ARG A 305 23.56 -37.19 -6.95
CA ARG A 305 23.78 -38.51 -6.35
C ARG A 305 22.48 -39.32 -6.30
N GLU A 306 22.50 -40.44 -5.58
CA GLU A 306 21.32 -41.30 -5.47
C GLU A 306 20.29 -40.78 -4.48
N PHE A 307 19.03 -41.17 -4.69
CA PHE A 307 17.89 -40.81 -3.82
C PHE A 307 18.19 -41.07 -2.36
N ARG A 308 17.75 -40.15 -1.50
CA ARG A 308 17.69 -40.41 -0.07
C ARG A 308 16.62 -41.48 0.18
N SER A 309 16.97 -42.51 0.94
CA SER A 309 16.00 -43.56 1.30
C SER A 309 15.04 -43.07 2.39
N GLY A 310 13.79 -43.51 2.31
CA GLY A 310 12.72 -43.01 3.18
C GLY A 310 12.10 -41.69 2.70
N ASP A 311 12.88 -40.90 1.97
CA ASP A 311 12.45 -39.63 1.40
C ASP A 311 11.22 -39.75 0.48
N VAL A 312 10.22 -38.92 0.73
CA VAL A 312 9.02 -38.83 -0.13
C VAL A 312 9.37 -38.22 -1.49
N ARG A 313 8.74 -38.71 -2.56
CA ARG A 313 9.06 -38.27 -3.92
C ARG A 313 8.62 -36.84 -4.24
N HIS A 314 7.31 -36.58 -4.15
CA HIS A 314 6.73 -35.25 -4.44
C HIS A 314 5.95 -34.71 -3.25
N SER A 315 5.96 -33.39 -3.07
CA SER A 315 5.15 -32.76 -2.03
C SER A 315 4.56 -31.42 -2.50
N GLN A 316 3.23 -31.30 -2.39
CA GLN A 316 2.53 -30.05 -2.64
C GLN A 316 1.31 -30.01 -1.72
N ALA A 317 1.19 -28.95 -0.93
CA ALA A 317 0.15 -28.88 0.10
C ALA A 317 -1.13 -28.28 -0.42
N ASP A 318 -2.26 -28.85 0.01
CA ASP A 318 -3.54 -28.19 -0.13
C ASP A 318 -3.81 -27.52 1.21
N VAL A 319 -3.99 -26.22 1.14
CA VAL A 319 -3.99 -25.35 2.31
C VAL A 319 -5.38 -24.74 2.51
N THR A 320 -6.33 -25.11 1.64
CA THR A 320 -7.67 -24.52 1.68
C THR A 320 -8.34 -24.70 3.03
N LYS A 321 -8.00 -25.79 3.73
CA LYS A 321 -8.60 -26.06 5.03
C LYS A 321 -8.22 -24.95 5.99
N ALA A 322 -6.95 -24.61 5.99
CA ALA A 322 -6.43 -23.53 6.81
C ALA A 322 -7.02 -22.18 6.39
N ILE A 323 -7.14 -21.98 5.09
CA ILE A 323 -7.76 -20.79 4.54
C ILE A 323 -9.19 -20.69 5.06
N ASP A 324 -9.94 -21.79 4.96
CA ASP A 324 -11.34 -21.80 5.32
C ASP A 324 -11.59 -21.69 6.84
N LEU A 325 -10.99 -22.60 7.60
CA LEU A 325 -11.30 -22.74 9.03
C LEU A 325 -10.53 -21.79 9.97
N LEU A 326 -9.32 -21.40 9.60
CA LEU A 326 -8.51 -20.53 10.44
C LEU A 326 -8.28 -19.16 9.79
N LYS A 327 -8.62 -19.06 8.50
CA LYS A 327 -8.41 -17.85 7.69
C LYS A 327 -6.93 -17.53 7.50
N TYR A 328 -6.15 -18.59 7.34
CA TYR A 328 -4.73 -18.54 7.05
C TYR A 328 -4.51 -18.03 5.64
N ARG A 329 -3.75 -16.94 5.54
CA ARG A 329 -3.39 -16.36 4.25
C ARG A 329 -1.89 -16.49 4.10
N PRO A 330 -1.42 -17.53 3.39
CA PRO A 330 0.00 -17.67 3.11
C PRO A 330 0.43 -16.63 2.10
N ASN A 331 1.07 -15.57 2.59
CA ASN A 331 1.41 -14.42 1.76
C ASN A 331 2.78 -14.50 1.10
N ILE A 332 3.69 -15.25 1.71
CA ILE A 332 5.07 -15.33 1.22
C ILE A 332 5.40 -16.64 0.52
N LYS A 333 5.56 -16.54 -0.80
CA LYS A 333 5.94 -17.64 -1.66
C LYS A 333 7.45 -17.88 -1.59
N ILE A 334 7.89 -19.01 -2.13
CA ILE A 334 9.29 -19.43 -2.10
C ILE A 334 10.29 -18.33 -2.43
N ARG A 335 10.16 -17.72 -3.61
CA ARG A 335 11.15 -16.75 -4.06
C ARG A 335 11.21 -15.57 -3.10
N GLU A 336 10.05 -14.98 -2.80
CA GLU A 336 9.94 -13.84 -1.89
C GLU A 336 10.60 -14.13 -0.53
N GLY A 337 10.43 -15.37 -0.07
CA GLY A 337 10.98 -15.81 1.21
C GLY A 337 12.48 -16.02 1.15
N LEU A 338 12.97 -16.52 0.02
CA LEU A 338 14.41 -16.73 -0.14
C LEU A 338 15.14 -15.40 -0.08
N ARG A 339 14.59 -14.40 -0.76
CA ARG A 339 15.14 -13.04 -0.76
C ARG A 339 15.16 -12.44 0.65
N LEU A 340 14.15 -12.77 1.45
CA LEU A 340 14.09 -12.36 2.84
C LEU A 340 15.07 -13.15 3.72
N SER A 341 15.56 -14.28 3.20
CA SER A 341 16.37 -15.20 4.01
C SER A 341 17.86 -15.09 3.77
N MET A 342 18.24 -14.80 2.53
CA MET A 342 19.66 -14.80 2.18
C MET A 342 20.49 -13.89 3.08
N PRO A 343 20.14 -12.59 3.17
CA PRO A 343 20.93 -11.66 4.00
C PRO A 343 21.29 -12.18 5.40
N TRP A 344 20.39 -12.95 6.03
CA TRP A 344 20.68 -13.56 7.33
C TRP A 344 21.81 -14.59 7.26
N TYR A 345 21.84 -15.36 6.18
CA TYR A 345 22.86 -16.40 5.98
C TYR A 345 24.21 -15.79 5.62
N VAL A 346 24.17 -14.66 4.92
CA VAL A 346 25.37 -13.89 4.58
C VAL A 346 26.04 -13.41 5.86
N ARG A 347 25.24 -12.88 6.79
CA ARG A 347 25.74 -12.35 8.04
C ARG A 347 26.27 -13.49 8.91
N PHE A 348 25.59 -14.63 8.85
CA PHE A 348 25.85 -15.76 9.74
C PHE A 348 27.07 -16.56 9.30
N LEU A 349 27.49 -16.39 8.06
CA LEU A 349 28.58 -17.20 7.52
C LEU A 349 29.83 -16.43 7.06
N LYS A 350 29.77 -15.09 7.10
CA LYS A 350 30.92 -14.25 6.71
C LYS A 350 32.05 -14.29 7.75
N TYR B 10 -43.63 3.07 13.84
CA TYR B 10 -43.46 2.91 12.37
C TYR B 10 -42.27 3.68 11.83
N MET B 11 -41.42 2.99 11.10
CA MET B 11 -40.26 3.65 10.50
C MET B 11 -40.66 4.07 9.09
N SER B 12 -41.45 5.15 9.08
CA SER B 12 -42.21 5.60 7.92
C SER B 12 -41.43 5.89 6.65
N ARG B 13 -40.50 6.84 6.73
CA ARG B 13 -39.68 7.25 5.59
C ARG B 13 -38.80 6.09 5.15
N TYR B 14 -38.36 5.29 6.11
CA TYR B 14 -37.56 4.12 5.83
C TYR B 14 -38.32 3.10 4.99
N GLU B 15 -39.55 2.78 5.40
CA GLU B 15 -40.43 1.89 4.64
C GLU B 15 -40.62 2.41 3.22
N GLU B 16 -40.90 3.70 3.07
CA GLU B 16 -40.98 4.35 1.76
C GLU B 16 -39.70 4.13 0.97
N ILE B 17 -38.57 4.42 1.58
CA ILE B 17 -37.29 4.28 0.88
C ILE B 17 -37.02 2.83 0.48
N THR B 18 -37.33 1.88 1.36
CA THR B 18 -37.18 0.47 1.01
C THR B 18 -38.10 0.04 -0.16
N GLN B 19 -39.32 0.58 -0.23
CA GLN B 19 -40.21 0.27 -1.36
C GLN B 19 -39.51 0.65 -2.66
N GLN B 20 -39.02 1.89 -2.73
CA GLN B 20 -38.25 2.41 -3.86
C GLN B 20 -37.21 1.40 -4.32
N LEU B 21 -36.49 0.86 -3.35
CA LEU B 21 -35.43 -0.10 -3.61
C LEU B 21 -35.96 -1.41 -4.19
N ILE B 22 -36.98 -1.99 -3.56
CA ILE B 22 -37.59 -3.23 -4.08
C ILE B 22 -38.12 -3.04 -5.50
N PHE B 23 -38.12 -1.80 -5.99
CA PHE B 23 -38.63 -1.53 -7.34
C PHE B 23 -37.61 -1.24 -8.41
N SER B 24 -36.76 -0.25 -8.18
CA SER B 24 -35.53 -0.12 -8.91
C SER B 24 -34.44 -0.64 -7.97
N PRO B 25 -34.16 -1.97 -8.02
CA PRO B 25 -33.07 -2.45 -7.19
C PRO B 25 -31.75 -1.86 -7.65
N LYS B 26 -30.88 -1.56 -6.68
CA LYS B 26 -29.57 -1.03 -7.00
C LYS B 26 -28.49 -2.05 -6.63
N THR B 27 -27.31 -1.84 -7.20
CA THR B 27 -26.13 -2.57 -6.78
C THR B 27 -25.52 -1.83 -5.60
N TRP B 28 -25.25 -2.58 -4.53
CA TRP B 28 -24.70 -2.02 -3.30
C TRP B 28 -23.30 -2.56 -3.05
N LEU B 29 -22.45 -1.74 -2.43
CA LEU B 29 -21.18 -2.23 -1.91
C LEU B 29 -21.18 -2.22 -0.39
N ILE B 30 -20.94 -3.37 0.23
CA ILE B 30 -20.84 -3.39 1.67
C ILE B 30 -19.47 -3.85 2.10
N THR B 31 -18.60 -2.89 2.34
CA THR B 31 -17.30 -3.18 2.91
C THR B 31 -17.56 -3.59 4.36
N GLY B 32 -16.86 -4.62 4.82
CA GLY B 32 -17.06 -5.12 6.17
C GLY B 32 -18.32 -5.96 6.29
N VAL B 33 -18.67 -6.62 5.19
CA VAL B 33 -19.90 -7.38 5.09
C VAL B 33 -19.97 -8.62 5.97
N ALA B 34 -18.81 -9.15 6.38
CA ALA B 34 -18.76 -10.33 7.26
C ALA B 34 -18.83 -9.93 8.72
N GLY B 35 -18.78 -8.62 8.96
CA GLY B 35 -18.87 -8.04 10.30
C GLY B 35 -20.28 -7.93 10.83
N PHE B 36 -20.38 -7.37 12.03
CA PHE B 36 -21.64 -7.28 12.76
C PHE B 36 -22.69 -6.45 12.00
N ILE B 37 -22.36 -5.19 11.75
CA ILE B 37 -23.28 -4.27 11.09
C ILE B 37 -23.37 -4.62 9.59
N GLY B 38 -22.21 -4.76 8.96
CA GLY B 38 -22.13 -5.13 7.54
C GLY B 38 -22.94 -6.35 7.13
N SER B 39 -22.95 -7.39 7.98
CA SER B 39 -23.74 -8.60 7.68
C SER B 39 -25.22 -8.38 7.87
N ASN B 40 -25.56 -7.54 8.85
CA ASN B 40 -26.95 -7.15 9.07
C ASN B 40 -27.49 -6.36 7.90
N LEU B 41 -26.69 -5.39 7.45
CA LEU B 41 -26.96 -4.66 6.22
C LEU B 41 -27.09 -5.62 5.05
N LEU B 42 -26.29 -6.68 5.02
CA LEU B 42 -26.42 -7.67 3.98
C LEU B 42 -27.79 -8.33 4.05
N GLU B 43 -28.18 -8.73 5.25
CA GLU B 43 -29.45 -9.42 5.46
C GLU B 43 -30.63 -8.58 4.99
N LYS B 44 -30.60 -7.28 5.33
CA LYS B 44 -31.70 -6.39 4.99
C LYS B 44 -31.74 -6.10 3.50
N LEU B 45 -30.61 -5.69 2.94
CA LEU B 45 -30.56 -5.33 1.53
C LEU B 45 -30.87 -6.51 0.63
N LEU B 46 -30.42 -7.70 1.02
CA LEU B 46 -30.74 -8.91 0.25
C LEU B 46 -32.24 -9.22 0.27
N LYS B 47 -32.88 -9.03 1.42
CA LYS B 47 -34.34 -9.19 1.52
C LYS B 47 -35.06 -8.13 0.69
N LEU B 48 -34.40 -7.00 0.46
CA LEU B 48 -34.91 -5.96 -0.45
C LEU B 48 -34.57 -6.22 -1.91
N ASN B 49 -34.26 -7.47 -2.25
CA ASN B 49 -33.90 -7.86 -3.62
C ASN B 49 -32.81 -6.99 -4.24
N GLN B 50 -31.96 -6.43 -3.41
CA GLN B 50 -30.86 -5.60 -3.87
C GLN B 50 -29.73 -6.47 -4.33
N VAL B 51 -28.99 -6.00 -5.33
CA VAL B 51 -27.72 -6.63 -5.69
C VAL B 51 -26.72 -6.09 -4.69
N VAL B 52 -25.97 -6.98 -4.07
CA VAL B 52 -24.95 -6.56 -3.11
C VAL B 52 -23.59 -7.15 -3.47
N ILE B 53 -22.61 -6.26 -3.59
CA ILE B 53 -21.21 -6.64 -3.68
C ILE B 53 -20.63 -6.53 -2.28
N GLY B 54 -20.19 -7.64 -1.74
CA GLY B 54 -19.63 -7.63 -0.40
C GLY B 54 -18.12 -7.64 -0.45
N LEU B 55 -17.50 -6.89 0.45
CA LEU B 55 -16.07 -6.91 0.60
C LEU B 55 -15.74 -7.13 2.05
N ASP B 56 -14.70 -7.92 2.31
CA ASP B 56 -14.27 -8.23 3.66
C ASP B 56 -13.01 -9.07 3.61
N ASN B 57 -12.19 -8.96 4.65
CA ASN B 57 -10.94 -9.71 4.71
C ASN B 57 -10.94 -10.75 5.84
N PHE B 58 -12.11 -10.96 6.46
CA PHE B 58 -12.28 -11.87 7.60
C PHE B 58 -11.30 -11.62 8.74
N SER B 59 -11.08 -10.35 9.05
CA SER B 59 -10.23 -9.99 10.18
C SER B 59 -11.05 -10.12 11.48
N THR B 60 -12.10 -9.30 11.60
CA THR B 60 -13.04 -9.43 12.72
C THR B 60 -14.30 -10.14 12.25
N GLY B 61 -14.64 -9.97 10.99
CA GLY B 61 -15.80 -10.61 10.39
C GLY B 61 -15.67 -12.12 10.29
N HIS B 62 -16.77 -12.75 9.87
CA HIS B 62 -16.87 -14.19 9.94
C HIS B 62 -17.66 -14.81 8.81
N GLN B 63 -17.10 -15.87 8.23
CA GLN B 63 -17.80 -16.73 7.29
C GLN B 63 -19.16 -17.11 7.86
N TYR B 64 -19.18 -17.42 9.16
CA TYR B 64 -20.43 -17.84 9.80
C TYR B 64 -21.53 -16.77 9.79
N ASN B 65 -21.15 -15.51 9.62
CA ASN B 65 -22.12 -14.42 9.50
C ASN B 65 -22.75 -14.40 8.11
N LEU B 66 -21.88 -14.54 7.11
CA LEU B 66 -22.33 -14.67 5.73
C LEU B 66 -23.14 -15.95 5.57
N ASP B 67 -22.64 -17.06 6.11
CA ASP B 67 -23.40 -18.32 6.11
C ASP B 67 -24.76 -18.13 6.74
N GLU B 68 -24.83 -17.40 7.84
CA GLU B 68 -26.11 -17.20 8.53
C GLU B 68 -27.10 -16.45 7.65
N VAL B 69 -26.60 -15.42 6.96
CA VAL B 69 -27.47 -14.60 6.12
C VAL B 69 -28.01 -15.42 4.95
N LYS B 70 -27.17 -16.32 4.41
CA LYS B 70 -27.61 -17.23 3.35
C LYS B 70 -28.79 -18.07 3.83
N THR B 71 -28.83 -18.34 5.14
CA THR B 71 -29.91 -19.11 5.78
C THR B 71 -31.23 -18.33 5.81
N LEU B 72 -31.14 -17.01 5.88
CA LEU B 72 -32.30 -16.15 6.16
C LEU B 72 -32.86 -15.40 4.95
N VAL B 73 -32.29 -15.66 3.77
CA VAL B 73 -32.76 -15.03 2.54
C VAL B 73 -33.12 -16.08 1.49
N SER B 74 -33.98 -15.70 0.57
CA SER B 74 -34.32 -16.50 -0.60
C SER B 74 -33.08 -16.94 -1.40
N THR B 75 -33.23 -17.99 -2.19
CA THR B 75 -32.15 -18.49 -3.06
C THR B 75 -31.82 -17.44 -4.12
N GLU B 76 -32.88 -16.86 -4.69
CA GLU B 76 -32.80 -15.80 -5.69
C GLU B 76 -32.09 -14.57 -5.12
N GLN B 77 -32.43 -14.24 -3.89
CA GLN B 77 -31.80 -13.11 -3.21
C GLN B 77 -30.32 -13.39 -2.96
N TRP B 78 -30.00 -14.63 -2.58
CA TRP B 78 -28.62 -14.99 -2.29
C TRP B 78 -27.71 -14.93 -3.53
N SER B 79 -28.26 -15.29 -4.67
CA SER B 79 -27.51 -15.24 -5.93
C SER B 79 -27.23 -13.81 -6.39
N ARG B 80 -27.86 -12.84 -5.74
CA ARG B 80 -27.64 -11.43 -6.08
C ARG B 80 -26.47 -10.90 -5.30
N PHE B 81 -25.97 -11.69 -4.35
CA PHE B 81 -24.85 -11.31 -3.50
C PHE B 81 -23.56 -11.84 -4.09
N CYS B 82 -22.61 -10.95 -4.30
CA CYS B 82 -21.31 -11.34 -4.80
C CYS B 82 -20.26 -11.01 -3.74
N PHE B 83 -19.87 -12.02 -2.97
CA PHE B 83 -18.89 -11.81 -1.93
C PHE B 83 -17.49 -11.76 -2.51
N ILE B 84 -16.69 -10.83 -2.02
CA ILE B 84 -15.31 -10.74 -2.42
C ILE B 84 -14.45 -10.69 -1.15
N GLU B 85 -13.55 -11.66 -1.01
CA GLU B 85 -12.56 -11.59 0.07
C GLU B 85 -11.39 -10.72 -0.37
N GLY B 86 -11.23 -9.60 0.32
CA GLY B 86 -10.22 -8.63 -0.08
C GLY B 86 -10.05 -7.51 0.93
N ASP B 87 -8.96 -6.77 0.78
CA ASP B 87 -8.61 -5.78 1.77
C ASP B 87 -8.85 -4.38 1.24
N ILE B 88 -9.52 -3.57 2.03
CA ILE B 88 -9.76 -2.18 1.67
C ILE B 88 -8.44 -1.40 1.72
N ARG B 89 -7.44 -1.98 2.37
CA ARG B 89 -6.09 -1.41 2.36
C ARG B 89 -5.45 -1.45 0.98
N ASP B 90 -5.90 -2.40 0.16
CA ASP B 90 -5.48 -2.52 -1.22
C ASP B 90 -6.41 -1.70 -2.11
N LEU B 91 -5.89 -0.60 -2.67
CA LEU B 91 -6.70 0.30 -3.51
C LEU B 91 -7.27 -0.40 -4.74
N THR B 92 -6.47 -1.26 -5.37
CA THR B 92 -6.95 -2.07 -6.50
C THR B 92 -8.23 -2.84 -6.19
N THR B 93 -8.29 -3.54 -5.07
CA THR B 93 -9.51 -4.24 -4.68
C THR B 93 -10.68 -3.26 -4.68
N CYS B 94 -10.45 -2.10 -4.06
CA CYS B 94 -11.48 -1.07 -3.97
C CYS B 94 -11.97 -0.64 -5.35
N GLU B 95 -11.07 -0.55 -6.31
CA GLU B 95 -11.45 -0.16 -7.64
C GLU B 95 -12.23 -1.27 -8.36
N GLN B 96 -11.86 -2.52 -8.09
CA GLN B 96 -12.55 -3.67 -8.68
C GLN B 96 -14.00 -3.77 -8.16
N VAL B 97 -14.18 -3.53 -6.86
CA VAL B 97 -15.49 -3.75 -6.23
C VAL B 97 -16.47 -2.60 -6.44
N MET B 98 -15.98 -1.45 -6.92
CA MET B 98 -16.84 -0.30 -7.18
C MET B 98 -17.53 -0.42 -8.53
N LYS B 99 -17.09 -1.37 -9.33
CA LYS B 99 -17.59 -1.52 -10.68
C LYS B 99 -19.11 -1.76 -10.67
N GLY B 100 -19.85 -0.81 -11.23
CA GLY B 100 -21.31 -0.93 -11.33
C GLY B 100 -22.05 -0.67 -10.03
N VAL B 101 -21.33 -0.19 -9.02
CA VAL B 101 -21.92 0.05 -7.71
C VAL B 101 -22.70 1.34 -7.70
N ASP B 102 -23.90 1.31 -7.12
CA ASP B 102 -24.70 2.51 -6.94
C ASP B 102 -24.42 3.13 -5.58
N HIS B 103 -24.71 2.35 -4.53
CA HIS B 103 -24.69 2.83 -3.15
C HIS B 103 -23.62 2.11 -2.34
N VAL B 104 -22.80 2.90 -1.67
CA VAL B 104 -21.68 2.35 -0.91
C VAL B 104 -21.97 2.49 0.58
N LEU B 105 -22.13 1.35 1.23
CA LEU B 105 -22.22 1.34 2.65
C LEU B 105 -20.89 0.86 3.18
N HIS B 106 -20.05 1.80 3.60
CA HIS B 106 -18.73 1.47 4.10
C HIS B 106 -18.76 1.14 5.60
N GLN B 107 -18.47 -0.11 5.95
CA GLN B 107 -18.47 -0.54 7.35
C GLN B 107 -17.14 -1.19 7.74
N ALA B 108 -16.22 -1.31 6.79
CA ALA B 108 -14.96 -1.96 7.09
C ALA B 108 -14.08 -1.01 7.90
N ALA B 109 -13.71 -1.46 9.09
CA ALA B 109 -12.75 -0.80 9.96
C ALA B 109 -12.38 -1.74 11.11
N LEU B 110 -11.28 -1.45 11.79
CA LEU B 110 -10.96 -2.12 13.03
C LEU B 110 -11.43 -1.23 14.19
N GLY B 111 -12.66 -1.45 14.61
CA GLY B 111 -13.20 -0.79 15.80
C GLY B 111 -12.45 -1.22 17.05
N SER B 112 -12.84 -0.65 18.18
CA SER B 112 -12.19 -0.88 19.48
C SER B 112 -11.16 0.19 19.81
N VAL B 113 -11.53 1.02 20.79
CA VAL B 113 -10.65 2.03 21.33
C VAL B 113 -9.36 1.37 21.86
N PRO B 114 -9.49 0.29 22.68
CA PRO B 114 -8.30 -0.38 23.25
C PRO B 114 -7.31 -0.89 22.21
N ARG B 115 -7.84 -1.54 21.17
CA ARG B 115 -7.06 -2.04 20.03
C ARG B 115 -6.18 -0.95 19.43
N SER B 116 -6.78 0.20 19.14
CA SER B 116 -6.07 1.34 18.58
C SER B 116 -4.90 1.78 19.44
N ILE B 117 -5.09 1.75 20.75
CA ILE B 117 -4.08 2.18 21.72
C ILE B 117 -2.91 1.20 21.69
N VAL B 118 -3.22 -0.06 21.45
CA VAL B 118 -2.25 -1.14 21.53
C VAL B 118 -1.56 -1.37 20.18
N ASP B 119 -2.29 -1.10 19.10
CA ASP B 119 -1.67 -1.06 17.77
C ASP B 119 -2.29 0.01 16.88
N PRO B 120 -1.78 1.24 16.96
CA PRO B 120 -2.30 2.33 16.14
C PRO B 120 -1.90 2.21 14.69
N ILE B 121 -0.87 1.41 14.40
CA ILE B 121 -0.35 1.28 13.04
C ILE B 121 -1.36 0.60 12.11
N THR B 122 -1.71 -0.65 12.39
CA THR B 122 -2.68 -1.39 11.57
C THR B 122 -4.06 -0.71 11.59
N THR B 123 -4.46 -0.22 12.75
CA THR B 123 -5.69 0.53 12.93
C THR B 123 -5.73 1.70 11.95
N ASN B 124 -4.67 2.51 11.94
CA ASN B 124 -4.55 3.58 10.98
C ASN B 124 -4.75 3.10 9.55
N ALA B 125 -4.06 2.00 9.20
CA ALA B 125 -4.05 1.46 7.83
C ALA B 125 -5.44 1.06 7.37
N THR B 126 -6.14 0.31 8.21
CA THR B 126 -7.50 -0.09 7.93
C THR B 126 -8.45 1.13 7.97
N ASN B 127 -8.41 1.87 9.06
CA ASN B 127 -9.41 2.89 9.33
C ASN B 127 -9.23 4.18 8.58
N ILE B 128 -7.98 4.55 8.29
CA ILE B 128 -7.71 5.71 7.44
C ILE B 128 -7.35 5.33 6.00
N THR B 129 -6.20 4.67 5.79
CA THR B 129 -5.81 4.26 4.44
C THR B 129 -6.97 3.51 3.78
N GLY B 130 -7.42 2.44 4.43
CA GLY B 130 -8.54 1.66 3.93
C GLY B 130 -9.80 2.49 3.73
N PHE B 131 -10.01 3.49 4.59
CA PHE B 131 -11.15 4.36 4.38
C PHE B 131 -10.94 5.22 3.15
N LEU B 132 -9.75 5.79 3.00
CA LEU B 132 -9.53 6.69 1.89
C LEU B 132 -9.63 5.94 0.56
N ASN B 133 -9.05 4.74 0.51
CA ASN B 133 -9.12 3.87 -0.67
C ASN B 133 -10.54 3.66 -1.14
N ILE B 134 -11.43 3.36 -0.20
CA ILE B 134 -12.83 3.14 -0.51
C ILE B 134 -13.46 4.46 -0.97
N LEU B 135 -13.22 5.52 -0.22
CA LEU B 135 -13.76 6.83 -0.52
C LEU B 135 -13.36 7.29 -1.92
N HIS B 136 -12.10 7.04 -2.27
CA HIS B 136 -11.59 7.46 -3.56
C HIS B 136 -12.18 6.61 -4.66
N ALA B 137 -12.03 5.29 -4.55
CA ALA B 137 -12.55 4.37 -5.57
C ALA B 137 -14.01 4.66 -5.88
N ALA B 138 -14.81 4.91 -4.83
CA ALA B 138 -16.19 5.30 -4.98
C ALA B 138 -16.32 6.58 -5.79
N LYS B 139 -15.58 7.63 -5.39
CA LYS B 139 -15.65 8.91 -6.10
C LYS B 139 -15.36 8.74 -7.58
N ASN B 140 -14.37 7.90 -7.87
CA ASN B 140 -13.92 7.68 -9.22
C ASN B 140 -14.88 6.85 -10.07
N ALA B 141 -15.70 6.06 -9.38
CA ALA B 141 -16.78 5.32 -10.04
C ALA B 141 -18.08 6.15 -10.09
N GLN B 142 -18.04 7.36 -9.53
CA GLN B 142 -19.22 8.22 -9.37
C GLN B 142 -20.46 7.46 -8.91
N VAL B 143 -20.33 6.79 -7.76
CA VAL B 143 -21.42 6.08 -7.13
C VAL B 143 -22.48 7.10 -6.73
N GLN B 144 -23.71 6.63 -6.53
CA GLN B 144 -24.82 7.53 -6.23
C GLN B 144 -24.81 8.03 -4.78
N SER B 145 -24.41 7.17 -3.86
CA SER B 145 -24.33 7.56 -2.46
C SER B 145 -23.10 6.97 -1.81
N PHE B 146 -22.65 7.57 -0.72
CA PHE B 146 -21.53 7.04 0.03
C PHE B 146 -21.70 7.27 1.50
N THR B 147 -22.07 6.21 2.21
CA THR B 147 -22.38 6.29 3.61
C THR B 147 -21.40 5.47 4.40
N TYR B 148 -20.74 6.10 5.37
CA TYR B 148 -19.65 5.42 6.09
C TYR B 148 -19.88 5.41 7.58
N ALA B 149 -19.44 4.32 8.19
CA ALA B 149 -19.47 4.16 9.63
C ALA B 149 -18.47 5.13 10.26
N ALA B 150 -19.01 6.09 11.00
CA ALA B 150 -18.20 6.98 11.83
C ALA B 150 -18.42 6.53 13.28
N SER B 151 -17.94 7.32 14.24
CA SER B 151 -17.99 6.92 15.65
C SER B 151 -18.28 8.06 16.61
N SER B 152 -19.05 7.75 17.66
CA SER B 152 -19.36 8.69 18.73
C SER B 152 -18.14 9.00 19.59
N SER B 153 -17.06 8.26 19.38
CA SER B 153 -15.81 8.53 20.05
C SER B 153 -15.26 9.87 19.60
N THR B 154 -15.60 10.26 18.38
CA THR B 154 -15.19 11.53 17.78
C THR B 154 -15.50 12.72 18.69
N TYR B 155 -16.52 12.55 19.54
CA TYR B 155 -16.83 13.57 20.55
C TYR B 155 -15.67 13.76 21.51
N GLY B 156 -14.97 12.66 21.81
CA GLY B 156 -13.81 12.69 22.69
C GLY B 156 -14.11 13.25 24.06
N ASP B 157 -13.48 14.37 24.38
CA ASP B 157 -13.58 14.95 25.72
C ASP B 157 -14.60 16.08 25.84
N HIS B 158 -15.51 16.22 24.86
CA HIS B 158 -16.52 17.25 24.99
C HIS B 158 -17.52 16.86 26.09
N PRO B 159 -17.66 17.71 27.12
CA PRO B 159 -18.42 17.37 28.32
C PRO B 159 -19.95 17.33 28.15
N ALA B 160 -20.47 18.05 27.15
CA ALA B 160 -21.91 18.28 27.02
C ALA B 160 -22.75 17.06 26.68
N LEU B 161 -23.85 16.90 27.41
CA LEU B 161 -24.86 15.88 27.15
C LEU B 161 -26.23 16.55 26.93
N PRO B 162 -27.03 16.05 25.96
CA PRO B 162 -26.64 15.00 25.04
C PRO B 162 -25.68 15.53 23.98
N LYS B 163 -25.07 14.60 23.24
CA LYS B 163 -24.05 14.92 22.26
C LYS B 163 -24.67 15.32 20.91
N VAL B 164 -24.42 16.57 20.52
CA VAL B 164 -24.85 17.07 19.21
C VAL B 164 -23.68 17.11 18.25
N GLU B 165 -23.97 17.06 16.94
CA GLU B 165 -22.94 16.93 15.92
C GLU B 165 -21.92 18.07 15.90
N GLU B 166 -22.38 19.31 15.77
CA GLU B 166 -21.48 20.46 15.73
C GLU B 166 -20.42 20.36 16.82
N ASN B 167 -20.81 19.80 17.96
CA ASN B 167 -20.02 19.91 19.18
C ASN B 167 -19.18 18.69 19.53
N ILE B 168 -17.99 18.64 18.95
CA ILE B 168 -17.02 17.61 19.30
C ILE B 168 -15.86 18.27 20.05
N GLY B 169 -15.07 17.45 20.74
CA GLY B 169 -13.90 17.91 21.46
C GLY B 169 -12.71 17.10 21.02
N ASN B 170 -11.66 17.11 21.83
CA ASN B 170 -10.43 16.38 21.54
C ASN B 170 -10.63 14.87 21.52
N PRO B 171 -10.01 14.18 20.53
CA PRO B 171 -10.03 12.72 20.47
C PRO B 171 -9.20 12.10 21.59
N LEU B 172 -9.69 11.01 22.17
CA LEU B 172 -9.03 10.40 23.33
C LEU B 172 -8.29 9.08 23.03
N SER B 173 -8.33 8.68 21.78
CA SER B 173 -7.79 7.40 21.35
C SER B 173 -7.37 7.50 19.88
N PRO B 174 -6.39 6.67 19.46
CA PRO B 174 -6.15 6.60 18.03
C PRO B 174 -7.40 6.22 17.24
N TYR B 175 -8.22 5.32 17.80
CA TYR B 175 -9.44 4.89 17.12
C TYR B 175 -10.33 6.08 16.83
N ALA B 176 -10.55 6.91 17.83
CA ALA B 176 -11.28 8.15 17.65
C ALA B 176 -10.69 9.01 16.53
N VAL B 177 -9.35 9.10 16.50
CA VAL B 177 -8.66 9.89 15.47
C VAL B 177 -9.04 9.36 14.11
N THR B 178 -8.82 8.07 13.89
CA THR B 178 -9.07 7.49 12.56
C THR B 178 -10.51 7.76 12.13
N LYS B 179 -11.44 7.51 13.05
CA LYS B 179 -12.84 7.82 12.81
C LYS B 179 -13.08 9.29 12.53
N TYR B 180 -12.50 10.17 13.35
CA TYR B 180 -12.58 11.61 13.08
C TYR B 180 -12.03 11.95 11.68
N VAL B 181 -10.88 11.36 11.33
CA VAL B 181 -10.23 11.62 10.05
C VAL B 181 -11.15 11.27 8.90
N ASN B 182 -11.84 10.14 9.02
CA ASN B 182 -12.81 9.71 8.03
C ASN B 182 -13.77 10.84 7.76
N GLU B 183 -14.21 11.47 8.84
CA GLU B 183 -15.21 12.50 8.74
C GLU B 183 -14.62 13.69 8.02
N ILE B 184 -13.38 14.02 8.36
CA ILE B 184 -12.68 15.15 7.77
C ILE B 184 -12.45 14.96 6.27
N TYR B 185 -12.08 13.74 5.87
CA TYR B 185 -11.83 13.45 4.44
C TYR B 185 -13.08 13.61 3.59
N ALA B 186 -14.21 13.18 4.15
CA ALA B 186 -15.48 13.17 3.45
C ALA B 186 -16.05 14.57 3.21
N GLN B 187 -15.67 15.54 4.06
CA GLN B 187 -16.01 16.94 3.85
C GLN B 187 -15.08 17.54 2.81
N VAL B 188 -13.80 17.17 2.88
CA VAL B 188 -12.82 17.58 1.87
C VAL B 188 -13.24 17.05 0.50
N TYR B 189 -13.64 15.78 0.46
CA TYR B 189 -14.13 15.17 -0.78
C TYR B 189 -15.40 15.84 -1.31
N ALA B 190 -16.19 16.40 -0.40
CA ALA B 190 -17.36 17.19 -0.81
C ALA B 190 -16.94 18.57 -1.29
N ARG B 191 -15.98 19.17 -0.58
CA ARG B 191 -15.57 20.53 -0.83
C ARG B 191 -14.68 20.63 -2.07
N THR B 192 -13.90 19.60 -2.37
CA THR B 192 -13.00 19.67 -3.53
C THR B 192 -13.46 18.81 -4.71
N TYR B 193 -14.22 17.76 -4.43
CA TYR B 193 -14.68 16.90 -5.52
C TYR B 193 -16.17 17.00 -5.79
N GLY B 194 -16.93 17.57 -4.85
CA GLY B 194 -18.38 17.62 -4.98
C GLY B 194 -19.02 16.28 -4.66
N PHE B 195 -18.25 15.37 -4.07
CA PHE B 195 -18.69 14.02 -3.76
C PHE B 195 -19.29 13.95 -2.36
N LYS B 196 -20.60 14.12 -2.28
CA LYS B 196 -21.32 14.21 -1.01
C LYS B 196 -21.55 12.85 -0.33
N THR B 197 -21.08 12.74 0.91
CA THR B 197 -21.14 11.51 1.68
C THR B 197 -21.98 11.71 2.93
N ILE B 198 -22.32 10.62 3.59
CA ILE B 198 -22.96 10.71 4.90
C ILE B 198 -22.20 9.89 5.93
N GLY B 199 -21.76 10.56 6.99
CA GLY B 199 -21.05 9.92 8.09
C GLY B 199 -22.00 9.58 9.19
N LEU B 200 -21.92 8.34 9.65
CA LEU B 200 -22.84 7.87 10.66
C LEU B 200 -22.10 7.63 11.96
N ARG B 201 -22.27 8.55 12.91
CA ARG B 201 -21.69 8.39 14.23
C ARG B 201 -22.50 7.39 15.05
N TYR B 202 -22.08 6.12 15.00
CA TYR B 202 -22.73 5.09 15.79
C TYR B 202 -22.42 5.26 17.28
N PHE B 203 -23.34 4.83 18.12
CA PHE B 203 -23.18 4.82 19.57
C PHE B 203 -23.48 3.41 20.04
N ASN B 204 -22.45 2.60 20.28
CA ASN B 204 -22.63 1.30 20.96
C ASN B 204 -23.79 0.44 20.39
N VAL B 205 -23.66 0.06 19.13
CA VAL B 205 -24.68 -0.73 18.46
C VAL B 205 -24.59 -2.16 18.96
N PHE B 206 -25.74 -2.78 19.18
CA PHE B 206 -25.80 -4.19 19.54
C PHE B 206 -26.87 -4.94 18.72
N GLY B 207 -26.89 -6.27 18.85
CA GLY B 207 -27.84 -7.10 18.14
C GLY B 207 -27.20 -8.31 17.48
N ARG B 208 -28.02 -9.10 16.80
CA ARG B 208 -27.58 -10.34 16.13
C ARG B 208 -26.23 -10.18 15.46
N ARG B 209 -25.30 -11.07 15.80
CA ARG B 209 -23.99 -11.22 15.13
C ARG B 209 -22.88 -10.25 15.58
N GLN B 210 -23.07 -9.62 16.73
CA GLN B 210 -21.99 -8.89 17.37
C GLN B 210 -21.15 -9.93 18.11
N ASP B 211 -19.84 -9.94 17.84
CA ASP B 211 -18.95 -10.98 18.33
C ASP B 211 -18.90 -11.01 19.86
N PRO B 212 -19.32 -12.13 20.45
CA PRO B 212 -19.25 -12.26 21.90
C PRO B 212 -17.83 -12.58 22.41
N ASN B 213 -16.98 -13.08 21.51
CA ASN B 213 -15.63 -13.50 21.85
C ASN B 213 -14.59 -12.48 21.43
N GLY B 214 -13.36 -12.70 21.87
CA GLY B 214 -12.27 -11.77 21.63
C GLY B 214 -12.00 -10.92 22.85
N ALA B 215 -10.85 -10.27 22.84
CA ALA B 215 -10.50 -9.32 23.90
C ALA B 215 -11.31 -8.05 23.69
N TYR B 216 -11.58 -7.73 22.43
CA TYR B 216 -12.25 -6.47 22.09
C TYR B 216 -13.75 -6.58 21.94
N ALA B 217 -14.34 -7.66 22.46
CA ALA B 217 -15.78 -7.83 22.42
C ALA B 217 -16.49 -6.66 23.13
N ALA B 218 -17.58 -6.19 22.52
CA ALA B 218 -18.38 -5.10 23.07
C ALA B 218 -19.12 -5.53 24.34
N VAL B 219 -19.46 -4.57 25.19
CA VAL B 219 -20.03 -4.86 26.51
C VAL B 219 -21.23 -5.83 26.50
N ILE B 220 -22.17 -5.62 25.59
CA ILE B 220 -23.42 -6.38 25.56
C ILE B 220 -23.21 -7.86 25.24
N PRO B 221 -22.51 -8.19 24.13
CA PRO B 221 -22.22 -9.61 23.88
C PRO B 221 -21.30 -10.22 24.94
N LYS B 222 -20.15 -9.58 25.20
CA LYS B 222 -19.24 -10.01 26.25
C LYS B 222 -19.99 -10.50 27.50
N TRP B 223 -20.81 -9.62 28.09
CA TRP B 223 -21.54 -9.91 29.33
C TRP B 223 -22.61 -10.99 29.18
N THR B 224 -23.19 -11.06 27.98
CA THR B 224 -24.18 -12.07 27.67
C THR B 224 -23.53 -13.44 27.66
N ALA B 225 -22.37 -13.53 27.03
CA ALA B 225 -21.56 -14.74 27.03
C ALA B 225 -21.20 -15.13 28.46
N ALA B 226 -20.76 -14.13 29.23
CA ALA B 226 -20.33 -14.33 30.62
C ALA B 226 -21.41 -14.99 31.45
N MET B 227 -22.65 -14.58 31.27
CA MET B 227 -23.75 -15.10 32.07
C MET B 227 -24.16 -16.50 31.62
N LEU B 228 -24.20 -16.70 30.31
CA LEU B 228 -24.54 -18.00 29.72
C LEU B 228 -23.52 -19.06 30.10
N LYS B 229 -22.24 -18.69 30.09
CA LYS B 229 -21.16 -19.58 30.54
C LYS B 229 -21.18 -19.70 32.07
N GLY B 230 -21.73 -18.70 32.74
CA GLY B 230 -21.74 -18.64 34.21
C GLY B 230 -20.46 -18.04 34.73
N ASP B 231 -19.71 -17.38 33.85
CA ASP B 231 -18.46 -16.71 34.20
C ASP B 231 -18.72 -15.34 34.84
N ASP B 232 -17.66 -14.75 35.39
CA ASP B 232 -17.74 -13.44 36.03
C ASP B 232 -17.96 -12.30 35.04
N VAL B 233 -18.81 -11.35 35.43
CA VAL B 233 -19.13 -10.18 34.61
C VAL B 233 -18.25 -9.02 35.08
N TYR B 234 -17.42 -8.51 34.18
CA TYR B 234 -16.47 -7.45 34.52
C TYR B 234 -16.99 -6.06 34.25
N ILE B 235 -16.79 -5.16 35.22
CA ILE B 235 -17.17 -3.75 35.07
C ILE B 235 -15.96 -2.83 35.25
N ASN B 236 -15.61 -2.11 34.18
CA ASN B 236 -14.45 -1.23 34.17
C ASN B 236 -14.77 0.14 34.76
N GLY B 237 -14.22 0.41 35.93
CA GLY B 237 -14.48 1.64 36.67
C GLY B 237 -15.54 1.45 37.72
N ASP B 238 -16.36 2.48 37.91
CA ASP B 238 -17.41 2.50 38.93
C ASP B 238 -18.68 1.78 38.50
N GLY B 239 -18.99 1.85 37.21
CA GLY B 239 -20.23 1.32 36.66
C GLY B 239 -21.21 2.37 36.17
N GLU B 240 -21.06 3.60 36.67
CA GLU B 240 -21.96 4.70 36.32
C GLU B 240 -21.70 5.29 34.93
N THR B 241 -20.65 4.80 34.27
CA THR B 241 -20.36 5.19 32.90
C THR B 241 -21.57 4.86 32.03
N SER B 242 -22.14 5.88 31.41
CA SER B 242 -23.41 5.75 30.69
C SER B 242 -23.23 5.76 29.17
N ARG B 243 -24.12 5.04 28.49
CA ARG B 243 -24.00 4.77 27.07
C ARG B 243 -25.35 4.82 26.37
N ASP B 244 -25.32 5.18 25.09
CA ASP B 244 -26.52 5.25 24.26
C ASP B 244 -26.57 4.00 23.41
N PHE B 245 -27.11 2.93 23.98
CA PHE B 245 -27.15 1.63 23.31
C PHE B 245 -28.20 1.56 22.20
N CYS B 246 -27.73 1.16 21.03
CA CYS B 246 -28.52 1.28 19.81
C CYS B 246 -28.69 -0.08 19.13
N TYR B 247 -29.93 -0.52 19.00
CA TYR B 247 -30.20 -1.78 18.32
C TYR B 247 -29.97 -1.59 16.82
N ILE B 248 -29.31 -2.59 16.21
CA ILE B 248 -28.89 -2.55 14.81
C ILE B 248 -29.95 -2.01 13.87
N ASP B 249 -31.21 -2.32 14.15
CA ASP B 249 -32.31 -1.98 13.24
C ASP B 249 -32.44 -0.47 13.06
N ASN B 250 -31.98 0.28 14.05
CA ASN B 250 -31.88 1.72 13.90
C ASN B 250 -30.71 2.08 12.98
N VAL B 251 -29.57 1.43 13.20
CA VAL B 251 -28.41 1.56 12.31
C VAL B 251 -28.72 1.18 10.86
N ILE B 252 -29.42 0.06 10.68
CA ILE B 252 -29.81 -0.39 9.35
C ILE B 252 -30.70 0.67 8.70
N GLN B 253 -31.77 1.05 9.40
CA GLN B 253 -32.64 2.15 8.99
C GLN B 253 -31.79 3.34 8.51
N MET B 254 -30.89 3.76 9.38
CA MET B 254 -30.10 4.95 9.16
C MET B 254 -29.23 4.89 7.91
N ASN B 255 -28.63 3.73 7.66
CA ASN B 255 -27.77 3.53 6.48
C ASN B 255 -28.54 3.67 5.17
N ILE B 256 -29.67 2.99 5.11
CA ILE B 256 -30.51 2.98 3.94
C ILE B 256 -31.13 4.36 3.69
N LEU B 257 -31.52 5.05 4.77
CA LEU B 257 -32.00 6.43 4.70
C LEU B 257 -30.91 7.36 4.17
N SER B 258 -29.68 7.11 4.62
CA SER B 258 -28.52 7.88 4.22
C SER B 258 -28.10 7.61 2.79
N ALA B 259 -28.34 6.38 2.34
CA ALA B 259 -28.00 6.01 0.99
C ALA B 259 -28.87 6.78 0.04
N LEU B 260 -30.15 6.90 0.39
CA LEU B 260 -31.15 7.50 -0.50
C LEU B 260 -31.63 8.86 -0.02
N ALA B 261 -30.78 9.54 0.71
CA ALA B 261 -31.06 10.91 1.12
C ALA B 261 -31.00 11.82 -0.10
N LYS B 262 -31.79 12.88 -0.08
CA LYS B 262 -31.64 13.92 -1.07
C LYS B 262 -30.28 14.60 -0.92
N ASP B 263 -29.81 15.20 -2.01
CA ASP B 263 -28.50 15.84 -2.07
C ASP B 263 -28.29 16.82 -0.91
N SER B 264 -29.30 17.63 -0.58
CA SER B 264 -29.18 18.67 0.46
C SER B 264 -28.90 18.10 1.85
N ALA B 265 -29.17 16.81 2.03
CA ALA B 265 -28.98 16.14 3.32
C ALA B 265 -27.65 15.37 3.40
N LYS B 266 -26.87 15.41 2.32
CA LYS B 266 -25.57 14.76 2.29
C LYS B 266 -24.50 15.78 2.68
N ASP B 267 -23.23 15.35 2.67
CA ASP B 267 -22.13 16.10 3.32
C ASP B 267 -22.54 16.49 4.73
N ASN B 268 -22.78 15.46 5.53
CA ASN B 268 -23.35 15.63 6.85
C ASN B 268 -23.04 14.44 7.69
N ILE B 269 -22.73 14.71 8.95
CA ILE B 269 -22.52 13.65 9.93
C ILE B 269 -23.74 13.55 10.85
N TYR B 270 -24.19 12.32 11.08
CA TYR B 270 -25.40 12.07 11.86
C TYR B 270 -25.16 11.09 13.00
N ASN B 271 -25.50 11.50 14.21
CA ASN B 271 -25.57 10.58 15.34
C ASN B 271 -26.55 9.48 15.00
N VAL B 272 -26.11 8.23 15.12
CA VAL B 272 -27.04 7.12 15.06
C VAL B 272 -27.20 6.53 16.47
N ALA B 273 -28.33 6.83 17.09
CA ALA B 273 -28.71 6.25 18.37
C ALA B 273 -30.18 6.45 18.65
N VAL B 274 -30.56 6.39 19.92
CA VAL B 274 -31.95 6.44 20.30
C VAL B 274 -32.24 7.66 21.18
N GLY B 275 -31.19 8.27 21.72
CA GLY B 275 -31.32 9.41 22.62
C GLY B 275 -31.41 9.02 24.09
N ASP B 276 -31.36 7.72 24.36
CA ASP B 276 -31.48 7.19 25.73
C ASP B 276 -30.11 7.06 26.38
N ARG B 277 -30.06 7.25 27.69
CA ARG B 277 -28.80 7.09 28.42
C ARG B 277 -28.86 5.93 29.41
N THR B 278 -27.92 5.00 29.25
CA THR B 278 -27.89 3.78 30.06
C THR B 278 -26.49 3.54 30.65
N THR B 279 -26.40 3.52 31.98
CA THR B 279 -25.15 3.19 32.68
C THR B 279 -24.89 1.68 32.61
N LEU B 280 -23.67 1.27 32.92
CA LEU B 280 -23.32 -0.15 32.92
C LEU B 280 -24.04 -0.90 34.04
N ASN B 281 -24.26 -0.23 35.16
CA ASN B 281 -24.90 -0.84 36.33
C ASN B 281 -26.35 -1.26 36.07
N GLU B 282 -27.03 -0.49 35.20
CA GLU B 282 -28.40 -0.82 34.84
C GLU B 282 -28.46 -1.77 33.64
N LEU B 283 -27.47 -1.68 32.75
CA LEU B 283 -27.35 -2.60 31.62
C LEU B 283 -27.19 -4.04 32.11
N SER B 284 -26.22 -4.25 33.01
CA SER B 284 -26.03 -5.55 33.65
C SER B 284 -27.33 -6.06 34.26
N GLY B 285 -28.19 -5.12 34.67
CA GLY B 285 -29.54 -5.43 35.12
C GLY B 285 -30.46 -5.84 33.98
N TYR B 286 -30.42 -5.09 32.87
CA TYR B 286 -31.27 -5.35 31.71
C TYR B 286 -30.95 -6.70 31.06
N ILE B 287 -29.65 -6.95 30.84
CA ILE B 287 -29.17 -8.17 30.20
C ILE B 287 -29.57 -9.40 31.02
N TYR B 288 -29.30 -9.36 32.33
CA TYR B 288 -29.66 -10.43 33.26
C TYR B 288 -31.14 -10.79 33.12
N ASP B 289 -32.00 -9.79 33.26
CA ASP B 289 -33.46 -9.98 33.23
C ASP B 289 -33.97 -10.47 31.88
N GLU B 290 -33.35 -10.02 30.80
CA GLU B 290 -33.72 -10.47 29.45
C GLU B 290 -33.14 -11.86 29.11
N LEU B 291 -32.13 -12.28 29.86
CA LEU B 291 -31.59 -13.64 29.73
C LEU B 291 -32.28 -14.66 30.65
N ASN B 292 -32.65 -14.25 31.86
CA ASN B 292 -33.37 -15.14 32.76
C ASN B 292 -34.80 -15.42 32.33
N LEU B 293 -35.31 -14.62 31.40
CA LEU B 293 -36.57 -14.92 30.73
C LEU B 293 -36.43 -16.09 29.77
N ILE B 294 -35.18 -16.51 29.54
CA ILE B 294 -34.91 -17.70 28.71
C ILE B 294 -34.00 -18.72 29.46
N HIS B 295 -34.29 -18.85 30.76
CA HIS B 295 -33.91 -19.99 31.63
C HIS B 295 -32.43 -20.37 31.77
N HIS B 296 -31.67 -19.59 32.54
CA HIS B 296 -30.26 -19.94 32.81
C HIS B 296 -29.78 -19.53 34.21
N ILE B 302 -20.27 -10.64 39.81
CA ILE B 302 -20.00 -9.34 39.21
C ILE B 302 -18.82 -8.67 39.91
N LYS B 303 -17.80 -8.29 39.14
CA LYS B 303 -16.56 -7.71 39.68
C LYS B 303 -16.21 -6.37 39.04
N TYR B 304 -15.94 -5.36 39.89
CA TYR B 304 -15.54 -4.03 39.41
C TYR B 304 -14.01 -3.90 39.34
N ARG B 305 -13.52 -3.24 38.29
CA ARG B 305 -12.08 -2.97 38.16
C ARG B 305 -11.77 -1.49 37.91
N GLU B 306 -10.77 -1.21 37.07
CA GLU B 306 -10.37 0.18 36.79
C GLU B 306 -10.81 0.64 35.40
N PHE B 307 -11.14 1.93 35.31
CA PHE B 307 -11.54 2.59 34.05
C PHE B 307 -10.65 2.18 32.89
N ARG B 308 -11.27 1.70 31.82
CA ARG B 308 -10.57 1.53 30.55
C ARG B 308 -10.00 2.89 30.12
N SER B 309 -8.68 2.97 29.95
CA SER B 309 -8.03 4.20 29.46
C SER B 309 -8.37 4.43 27.98
N GLY B 310 -8.63 5.69 27.63
CA GLY B 310 -9.12 6.07 26.30
C GLY B 310 -10.64 6.15 26.21
N ASP B 311 -11.31 5.24 26.92
CA ASP B 311 -12.78 5.20 27.03
C ASP B 311 -13.37 6.52 27.57
N VAL B 312 -14.47 6.95 26.97
CA VAL B 312 -15.18 8.17 27.39
C VAL B 312 -16.05 7.91 28.65
N ARG B 313 -16.29 8.96 29.42
CA ARG B 313 -17.06 8.85 30.67
C ARG B 313 -18.57 8.61 30.42
N HIS B 314 -19.23 9.56 29.75
CA HIS B 314 -20.67 9.46 29.42
C HIS B 314 -20.96 9.59 27.92
N SER B 315 -22.01 8.93 27.47
CA SER B 315 -22.46 9.06 26.08
C SER B 315 -23.99 9.01 25.98
N GLN B 316 -24.56 10.04 25.38
CA GLN B 316 -26.00 10.11 25.09
C GLN B 316 -26.19 10.95 23.83
N ALA B 317 -26.89 10.39 22.85
CA ALA B 317 -27.02 11.00 21.53
C ALA B 317 -28.16 12.00 21.43
N ASP B 318 -27.89 13.10 20.74
CA ASP B 318 -28.97 13.91 20.21
C ASP B 318 -29.14 13.46 18.77
N VAL B 319 -30.36 13.05 18.48
CA VAL B 319 -30.69 12.35 17.25
C VAL B 319 -31.63 13.21 16.41
N THR B 320 -31.99 14.38 16.95
CA THR B 320 -32.95 15.27 16.31
C THR B 320 -32.57 15.62 14.87
N LYS B 321 -31.26 15.71 14.60
CA LYS B 321 -30.80 16.04 13.26
C LYS B 321 -31.25 15.00 12.27
N ALA B 322 -31.08 13.74 12.65
CA ALA B 322 -31.51 12.60 11.84
C ALA B 322 -33.03 12.61 11.68
N ILE B 323 -33.72 12.74 12.81
CA ILE B 323 -35.17 12.90 12.82
C ILE B 323 -35.58 13.98 11.81
N ASP B 324 -34.97 15.15 11.93
CA ASP B 324 -35.31 16.29 11.09
C ASP B 324 -34.93 16.14 9.61
N LEU B 325 -33.68 15.78 9.33
CA LEU B 325 -33.15 15.82 7.97
C LEU B 325 -33.30 14.52 7.14
N LEU B 326 -33.33 13.38 7.82
CA LEU B 326 -33.47 12.11 7.11
C LEU B 326 -34.76 11.40 7.50
N LYS B 327 -35.51 11.99 8.42
CA LYS B 327 -36.79 11.44 8.92
C LYS B 327 -36.61 10.11 9.64
N TYR B 328 -35.41 9.93 10.19
CA TYR B 328 -35.04 8.79 11.02
C TYR B 328 -35.96 8.67 12.22
N ARG B 329 -36.54 7.48 12.38
CA ARG B 329 -37.40 7.19 13.52
C ARG B 329 -36.85 5.97 14.25
N PRO B 330 -36.05 6.22 15.31
CA PRO B 330 -35.47 5.14 16.11
C PRO B 330 -36.55 4.46 16.93
N ASN B 331 -37.16 3.43 16.37
CA ASN B 331 -38.28 2.75 17.01
C ASN B 331 -37.88 1.85 18.17
N ILE B 332 -36.68 1.27 18.10
CA ILE B 332 -36.27 0.25 19.07
C ILE B 332 -35.32 0.78 20.14
N LYS B 333 -35.82 0.81 21.38
CA LYS B 333 -35.04 1.17 22.55
C LYS B 333 -34.24 -0.04 23.05
N ILE B 334 -33.41 0.17 24.07
CA ILE B 334 -32.48 -0.85 24.57
C ILE B 334 -33.15 -2.14 25.05
N ARG B 335 -34.06 -2.02 26.01
CA ARG B 335 -34.69 -3.20 26.59
C ARG B 335 -35.32 -4.04 25.50
N GLU B 336 -36.05 -3.36 24.60
CA GLU B 336 -36.71 -4.00 23.46
C GLU B 336 -35.72 -4.71 22.54
N GLY B 337 -34.58 -4.06 22.31
CA GLY B 337 -33.52 -4.59 21.46
C GLY B 337 -32.80 -5.78 22.05
N LEU B 338 -32.59 -5.75 23.37
CA LEU B 338 -31.96 -6.87 24.07
C LEU B 338 -32.83 -8.10 23.93
N ARG B 339 -34.14 -7.92 24.16
CA ARG B 339 -35.09 -9.02 24.07
C ARG B 339 -35.06 -9.69 22.70
N LEU B 340 -34.79 -8.89 21.66
CA LEU B 340 -34.67 -9.41 20.30
C LEU B 340 -33.31 -10.05 20.04
N SER B 341 -32.34 -9.80 20.93
CA SER B 341 -30.96 -10.23 20.72
C SER B 341 -30.59 -11.48 21.50
N MET B 342 -31.14 -11.62 22.70
CA MET B 342 -30.79 -12.77 23.55
C MET B 342 -30.99 -14.12 22.86
N PRO B 343 -32.18 -14.36 22.25
CA PRO B 343 -32.40 -15.61 21.51
C PRO B 343 -31.29 -16.00 20.54
N TRP B 344 -30.72 -15.02 19.82
CA TRP B 344 -29.64 -15.31 18.87
C TRP B 344 -28.37 -15.75 19.59
N TYR B 345 -28.12 -15.15 20.74
CA TYR B 345 -26.92 -15.45 21.53
C TYR B 345 -27.02 -16.82 22.18
N VAL B 346 -28.24 -17.20 22.57
CA VAL B 346 -28.51 -18.52 23.14
C VAL B 346 -28.16 -19.60 22.12
N ARG B 347 -28.60 -19.41 20.88
CA ARG B 347 -28.42 -20.42 19.83
C ARG B 347 -26.94 -20.56 19.48
N PHE B 348 -26.24 -19.44 19.48
CA PHE B 348 -24.84 -19.35 19.05
C PHE B 348 -23.90 -19.93 20.09
N LEU B 349 -24.34 -19.98 21.33
CA LEU B 349 -23.45 -20.37 22.43
C LEU B 349 -23.81 -21.68 23.13
N LYS B 350 -25.02 -22.19 22.91
CA LYS B 350 -25.49 -23.42 23.57
C LYS B 350 -24.64 -24.65 23.22
N TYR C 10 20.58 39.08 16.54
CA TYR C 10 20.90 37.86 17.33
C TYR C 10 19.69 36.91 17.40
N MET C 11 19.99 35.61 17.27
CA MET C 11 19.06 34.52 17.59
C MET C 11 19.60 33.88 18.89
N SER C 12 19.30 34.52 20.03
CA SER C 12 20.06 34.34 21.30
C SER C 12 19.91 33.01 22.05
N ARG C 13 18.68 32.56 22.30
CA ARG C 13 18.47 31.24 22.88
C ARG C 13 18.91 30.18 21.87
N TYR C 14 18.76 30.51 20.59
CA TYR C 14 19.19 29.65 19.51
C TYR C 14 20.71 29.51 19.48
N GLU C 15 21.41 30.64 19.58
CA GLU C 15 22.87 30.63 19.71
C GLU C 15 23.27 29.74 20.89
N GLU C 16 22.68 30.05 22.05
CA GLU C 16 22.84 29.26 23.27
C GLU C 16 22.68 27.75 23.01
N ILE C 17 21.52 27.37 22.48
CA ILE C 17 21.23 25.95 22.21
C ILE C 17 22.23 25.34 21.23
N THR C 18 22.52 26.06 20.15
CA THR C 18 23.47 25.57 19.14
C THR C 18 24.87 25.33 19.72
N GLN C 19 25.31 26.21 20.62
CA GLN C 19 26.57 26.00 21.34
C GLN C 19 26.51 24.70 22.14
N GLN C 20 25.50 24.56 23.02
CA GLN C 20 25.28 23.33 23.78
C GLN C 20 25.46 22.08 22.91
N LEU C 21 25.03 22.19 21.65
CA LEU C 21 25.17 21.10 20.69
C LEU C 21 26.62 20.89 20.25
N ILE C 22 27.30 21.96 19.84
CA ILE C 22 28.70 21.84 19.38
C ILE C 22 29.56 21.09 20.41
N PHE C 23 29.10 21.11 21.66
CA PHE C 23 29.84 20.52 22.77
C PHE C 23 29.31 19.15 23.17
N SER C 24 28.00 19.02 23.37
CA SER C 24 27.40 17.70 23.58
C SER C 24 26.52 17.31 22.39
N PRO C 25 27.14 16.90 21.27
CA PRO C 25 26.36 16.49 20.11
C PRO C 25 25.42 15.32 20.38
N LYS C 26 24.27 15.38 19.72
CA LYS C 26 23.25 14.37 19.85
C LYS C 26 23.15 13.59 18.54
N THR C 27 22.46 12.47 18.59
CA THR C 27 22.07 11.76 17.39
C THR C 27 20.72 12.29 16.93
N TRP C 28 20.68 12.83 15.72
CA TRP C 28 19.44 13.35 15.16
C TRP C 28 18.95 12.45 14.06
N LEU C 29 17.63 12.38 13.94
CA LEU C 29 16.99 11.76 12.79
C LEU C 29 16.30 12.83 11.97
N ILE C 30 16.74 13.00 10.73
CA ILE C 30 16.04 13.89 9.81
C ILE C 30 15.36 13.03 8.78
N THR C 31 14.03 13.03 8.78
CA THR C 31 13.29 12.37 7.71
C THR C 31 13.06 13.42 6.63
N GLY C 32 13.17 13.01 5.37
CA GLY C 32 13.07 13.94 4.26
C GLY C 32 14.34 14.74 4.14
N VAL C 33 15.44 14.10 4.49
CA VAL C 33 16.74 14.75 4.51
C VAL C 33 17.22 15.19 3.12
N ALA C 34 16.80 14.47 2.09
CA ALA C 34 17.21 14.80 0.72
C ALA C 34 16.35 15.89 0.14
N GLY C 35 15.49 16.46 0.97
CA GLY C 35 14.56 17.48 0.54
C GLY C 35 15.00 18.87 0.94
N PHE C 36 14.14 19.84 0.64
CA PHE C 36 14.40 21.26 0.86
C PHE C 36 14.72 21.57 2.32
N ILE C 37 13.75 21.36 3.21
CA ILE C 37 13.97 21.63 4.62
C ILE C 37 14.96 20.62 5.23
N GLY C 38 14.81 19.36 4.85
CA GLY C 38 15.71 18.30 5.31
C GLY C 38 17.18 18.57 5.11
N SER C 39 17.57 18.91 3.88
CA SER C 39 18.96 19.18 3.56
C SER C 39 19.51 20.40 4.28
N ASN C 40 18.69 21.43 4.42
CA ASN C 40 19.06 22.61 5.18
C ASN C 40 19.28 22.31 6.66
N LEU C 41 18.40 21.49 7.24
CA LEU C 41 18.61 20.95 8.58
C LEU C 41 19.85 20.06 8.65
N LEU C 42 20.13 19.33 7.58
CA LEU C 42 21.31 18.48 7.54
C LEU C 42 22.54 19.35 7.57
N GLU C 43 22.53 20.40 6.76
CA GLU C 43 23.63 21.36 6.69
C GLU C 43 23.93 22.01 8.05
N LYS C 44 22.88 22.39 8.78
CA LYS C 44 23.07 23.03 10.07
C LYS C 44 23.63 22.05 11.08
N LEU C 45 23.00 20.88 11.20
CA LEU C 45 23.37 19.89 12.21
C LEU C 45 24.74 19.24 11.94
N LEU C 46 25.07 19.06 10.67
CA LEU C 46 26.39 18.59 10.31
C LEU C 46 27.47 19.61 10.65
N LYS C 47 27.15 20.88 10.45
CA LYS C 47 28.08 21.95 10.80
C LYS C 47 28.30 22.04 12.31
N LEU C 48 27.23 21.84 13.07
CA LEU C 48 27.31 21.80 14.54
C LEU C 48 27.97 20.52 15.06
N ASN C 49 28.42 19.67 14.13
CA ASN C 49 29.14 18.42 14.44
C ASN C 49 28.24 17.32 14.98
N GLN C 50 26.96 17.38 14.63
CA GLN C 50 25.99 16.44 15.17
C GLN C 50 26.04 15.12 14.41
N VAL C 51 25.68 14.04 15.10
CA VAL C 51 25.46 12.76 14.44
C VAL C 51 24.06 12.80 13.84
N VAL C 52 23.96 12.45 12.57
CA VAL C 52 22.71 12.53 11.83
C VAL C 52 22.42 11.23 11.10
N ILE C 53 21.33 10.60 11.49
CA ILE C 53 20.69 9.58 10.69
C ILE C 53 19.76 10.36 9.79
N GLY C 54 19.76 10.02 8.51
CA GLY C 54 18.87 10.67 7.55
C GLY C 54 18.07 9.60 6.83
N LEU C 55 16.78 9.86 6.67
CA LEU C 55 15.91 8.95 5.95
C LEU C 55 15.23 9.71 4.83
N ASP C 56 15.19 9.08 3.64
CA ASP C 56 14.56 9.65 2.45
C ASP C 56 14.38 8.59 1.37
N ASN C 57 13.32 8.75 0.57
CA ASN C 57 13.09 7.83 -0.55
C ASN C 57 13.35 8.45 -1.94
N PHE C 58 13.93 9.65 -1.95
CA PHE C 58 14.12 10.42 -3.18
C PHE C 58 12.88 10.47 -4.05
N SER C 59 11.75 10.77 -3.43
CA SER C 59 10.49 10.86 -4.17
C SER C 59 10.38 12.25 -4.76
N THR C 60 10.40 13.25 -3.89
CA THR C 60 10.53 14.64 -4.31
C THR C 60 11.99 15.06 -4.20
N GLY C 61 12.62 14.71 -3.08
CA GLY C 61 14.02 15.06 -2.78
C GLY C 61 15.04 14.57 -3.80
N HIS C 62 16.26 15.07 -3.67
CA HIS C 62 17.29 14.83 -4.67
C HIS C 62 18.65 14.51 -4.10
N GLN C 63 19.34 13.61 -4.79
CA GLN C 63 20.73 13.34 -4.50
C GLN C 63 21.54 14.64 -4.51
N TYR C 64 21.30 15.52 -5.48
CA TYR C 64 22.08 16.76 -5.59
C TYR C 64 21.99 17.61 -4.34
N ASN C 65 20.92 17.45 -3.58
CA ASN C 65 20.74 18.20 -2.34
C ASN C 65 21.69 17.70 -1.27
N LEU C 66 21.83 16.38 -1.18
CA LEU C 66 22.81 15.77 -0.29
C LEU C 66 24.22 16.04 -0.78
N ASP C 67 24.44 15.85 -2.08
CA ASP C 67 25.72 16.11 -2.72
C ASP C 67 26.22 17.50 -2.38
N GLU C 68 25.33 18.48 -2.54
CA GLU C 68 25.64 19.87 -2.24
C GLU C 68 26.06 20.05 -0.78
N VAL C 69 25.37 19.38 0.14
CA VAL C 69 25.68 19.48 1.56
C VAL C 69 27.13 19.04 1.89
N LYS C 70 27.55 17.87 1.43
CA LYS C 70 28.89 17.35 1.78
C LYS C 70 29.97 18.29 1.28
N THR C 71 29.61 19.10 0.29
CA THR C 71 30.46 20.13 -0.30
C THR C 71 30.55 21.33 0.64
N LEU C 72 29.58 21.44 1.54
CA LEU C 72 29.49 22.59 2.45
C LEU C 72 29.99 22.28 3.86
N VAL C 73 30.30 21.01 4.11
CA VAL C 73 30.67 20.55 5.44
C VAL C 73 31.91 19.67 5.37
N SER C 74 32.60 19.57 6.51
CA SER C 74 33.84 18.81 6.64
C SER C 74 33.60 17.34 6.37
N THR C 75 34.60 16.69 5.76
CA THR C 75 34.60 15.24 5.56
C THR C 75 34.29 14.50 6.87
N GLU C 76 34.89 14.98 7.96
CA GLU C 76 34.69 14.41 9.28
C GLU C 76 33.27 14.66 9.77
N GLN C 77 32.74 15.83 9.45
CA GLN C 77 31.34 16.15 9.74
C GLN C 77 30.37 15.29 8.92
N TRP C 78 30.72 15.07 7.66
CA TRP C 78 29.95 14.20 6.78
C TRP C 78 29.93 12.75 7.28
N SER C 79 31.05 12.29 7.82
CA SER C 79 31.18 10.91 8.31
C SER C 79 30.27 10.65 9.48
N ARG C 80 29.61 11.71 9.96
CA ARG C 80 28.64 11.60 11.03
C ARG C 80 27.21 11.60 10.47
N PHE C 81 27.11 11.55 9.15
CA PHE C 81 25.83 11.39 8.49
C PHE C 81 25.65 9.96 8.02
N CYS C 82 24.62 9.31 8.56
CA CYS C 82 24.26 7.99 8.13
C CYS C 82 23.05 8.16 7.25
N PHE C 83 23.24 8.12 5.93
CA PHE C 83 22.10 8.22 5.05
C PHE C 83 21.51 6.85 4.74
N ILE C 84 20.20 6.74 4.91
CA ILE C 84 19.49 5.52 4.64
C ILE C 84 18.38 5.85 3.66
N GLU C 85 18.51 5.29 2.45
CA GLU C 85 17.47 5.39 1.45
C GLU C 85 16.35 4.43 1.82
N GLY C 86 15.17 4.99 2.08
CA GLY C 86 14.01 4.22 2.48
C GLY C 86 12.74 5.02 2.62
N ASP C 87 11.62 4.31 2.76
CA ASP C 87 10.31 4.94 2.81
C ASP C 87 9.80 4.96 4.25
N ILE C 88 9.16 6.07 4.64
CA ILE C 88 8.59 6.17 5.99
C ILE C 88 7.27 5.39 6.08
N ARG C 89 6.84 4.86 4.95
CA ARG C 89 5.64 4.04 4.91
C ARG C 89 5.92 2.64 5.39
N ASP C 90 7.18 2.21 5.23
CA ASP C 90 7.63 0.91 5.71
C ASP C 90 8.01 1.07 7.17
N LEU C 91 7.12 0.63 8.07
CA LEU C 91 7.31 0.80 9.51
C LEU C 91 8.67 0.30 9.98
N THR C 92 9.03 -0.91 9.54
CA THR C 92 10.34 -1.50 9.84
C THR C 92 11.48 -0.50 9.66
N THR C 93 11.57 0.10 8.48
CA THR C 93 12.62 1.08 8.22
C THR C 93 12.60 2.14 9.30
N CYS C 94 11.42 2.63 9.63
CA CYS C 94 11.28 3.68 10.64
C CYS C 94 11.85 3.26 11.98
N GLU C 95 11.54 2.04 12.39
CA GLU C 95 12.07 1.50 13.64
C GLU C 95 13.60 1.40 13.60
N GLN C 96 14.15 0.99 12.45
CA GLN C 96 15.60 0.86 12.31
C GLN C 96 16.25 2.21 12.56
N VAL C 97 15.87 3.20 11.74
CA VAL C 97 16.55 4.50 11.76
C VAL C 97 16.48 5.22 13.11
N MET C 98 15.62 4.74 14.00
CA MET C 98 15.49 5.30 15.34
C MET C 98 16.59 4.84 16.29
N LYS C 99 17.17 3.69 16.02
CA LYS C 99 18.23 3.16 16.87
C LYS C 99 19.17 4.29 17.31
N GLY C 100 19.19 4.54 18.62
CA GLY C 100 20.08 5.53 19.24
C GLY C 100 19.82 6.99 18.90
N VAL C 101 18.63 7.30 18.39
CA VAL C 101 18.29 8.69 18.06
C VAL C 101 17.85 9.44 19.30
N ASP C 102 18.32 10.67 19.41
CA ASP C 102 17.90 11.58 20.47
C ASP C 102 16.77 12.48 19.99
N HIS C 103 17.01 13.18 18.88
CA HIS C 103 16.06 14.16 18.38
C HIS C 103 15.53 13.80 17.01
N VAL C 104 14.22 13.88 16.85
CA VAL C 104 13.60 13.61 15.56
C VAL C 104 13.11 14.91 14.95
N LEU C 105 13.69 15.23 13.80
CA LEU C 105 13.17 16.30 12.96
C LEU C 105 12.48 15.61 11.77
N HIS C 106 11.17 15.50 11.86
CA HIS C 106 10.39 14.77 10.86
C HIS C 106 9.91 15.74 9.81
N GLN C 107 10.52 15.66 8.64
CA GLN C 107 10.13 16.52 7.52
C GLN C 107 9.67 15.69 6.35
N ALA C 108 9.85 14.37 6.40
CA ALA C 108 9.41 13.53 5.28
C ALA C 108 7.90 13.58 5.11
N ALA C 109 7.46 14.27 4.07
CA ALA C 109 6.06 14.32 3.68
C ALA C 109 5.92 14.82 2.25
N LEU C 110 4.72 14.68 1.69
CA LEU C 110 4.47 15.12 0.34
C LEU C 110 3.63 16.38 0.30
N GLY C 111 4.31 17.52 0.25
CA GLY C 111 3.67 18.81 0.18
C GLY C 111 2.89 19.00 -1.10
N SER C 112 2.54 20.25 -1.39
CA SER C 112 1.70 20.63 -2.52
C SER C 112 0.25 20.25 -2.30
N VAL C 113 -0.58 21.28 -2.12
CA VAL C 113 -2.02 21.13 -2.14
C VAL C 113 -2.50 20.42 -3.43
N PRO C 114 -2.15 20.92 -4.63
CA PRO C 114 -2.75 20.37 -5.87
C PRO C 114 -2.42 18.89 -6.09
N ARG C 115 -1.25 18.48 -5.61
CA ARG C 115 -0.81 17.09 -5.71
C ARG C 115 -1.78 16.18 -4.98
N SER C 116 -2.16 16.58 -3.78
CA SER C 116 -3.10 15.83 -2.97
C SER C 116 -4.50 15.84 -3.56
N ILE C 117 -4.84 16.92 -4.29
CA ILE C 117 -6.15 17.01 -4.91
C ILE C 117 -6.23 16.06 -6.11
N VAL C 118 -5.12 15.88 -6.81
CA VAL C 118 -5.12 14.97 -7.95
C VAL C 118 -4.93 13.52 -7.48
N ASP C 119 -4.13 13.35 -6.43
CA ASP C 119 -3.86 12.04 -5.90
C ASP C 119 -3.80 12.10 -4.37
N PRO C 120 -4.96 11.98 -3.71
CA PRO C 120 -4.99 12.00 -2.24
C PRO C 120 -4.39 10.74 -1.63
N ILE C 121 -4.57 9.61 -2.30
CA ILE C 121 -4.13 8.31 -1.79
C ILE C 121 -2.65 8.30 -1.38
N THR C 122 -1.80 8.82 -2.27
CA THR C 122 -0.36 8.79 -2.09
C THR C 122 0.03 9.80 -1.03
N THR C 123 -0.66 10.94 -1.03
CA THR C 123 -0.46 11.96 0.00
C THR C 123 -0.83 11.40 1.36
N ASN C 124 -1.99 10.78 1.44
CA ASN C 124 -2.42 10.11 2.66
C ASN C 124 -1.38 9.11 3.12
N ALA C 125 -1.00 8.19 2.23
CA ALA C 125 -0.05 7.13 2.53
C ALA C 125 1.20 7.68 3.17
N THR C 126 1.76 8.69 2.53
CA THR C 126 3.04 9.25 2.92
C THR C 126 2.92 10.16 4.14
N ASN C 127 1.90 11.02 4.14
CA ASN C 127 1.77 12.07 5.14
C ASN C 127 1.03 11.64 6.40
N ILE C 128 0.08 10.73 6.27
CA ILE C 128 -0.57 10.15 7.45
C ILE C 128 0.09 8.84 7.89
N THR C 129 0.16 7.85 7.00
CA THR C 129 0.73 6.56 7.35
C THR C 129 2.21 6.69 7.67
N GLY C 130 2.95 7.37 6.81
CA GLY C 130 4.36 7.62 7.04
C GLY C 130 4.61 8.40 8.32
N PHE C 131 3.74 9.35 8.62
CA PHE C 131 3.89 10.14 9.84
C PHE C 131 3.75 9.25 11.06
N LEU C 132 2.58 8.63 11.21
CA LEU C 132 2.31 7.77 12.35
C LEU C 132 3.41 6.73 12.58
N ASN C 133 4.01 6.23 11.50
CA ASN C 133 5.10 5.27 11.61
C ASN C 133 6.30 5.87 12.31
N ILE C 134 6.71 7.05 11.85
CA ILE C 134 7.83 7.77 12.45
C ILE C 134 7.52 8.11 13.92
N LEU C 135 6.35 8.71 14.15
CA LEU C 135 5.89 8.98 15.52
C LEU C 135 5.92 7.71 16.41
N HIS C 136 5.23 6.65 15.97
CA HIS C 136 5.14 5.41 16.73
C HIS C 136 6.53 4.84 17.03
N ALA C 137 7.36 4.77 16.00
CA ALA C 137 8.73 4.29 16.15
C ALA C 137 9.45 5.13 17.20
N ALA C 138 9.41 6.45 17.04
CA ALA C 138 10.04 7.38 17.98
C ALA C 138 9.56 7.16 19.40
N LYS C 139 8.26 7.05 19.58
CA LYS C 139 7.70 6.81 20.91
C LYS C 139 8.27 5.53 21.49
N ASN C 140 8.31 4.49 20.66
CA ASN C 140 8.74 3.18 21.08
C ASN C 140 10.24 3.10 21.36
N ALA C 141 11.01 3.88 20.61
CA ALA C 141 12.44 4.04 20.84
C ALA C 141 12.72 5.06 21.96
N GLN C 142 11.67 5.80 22.36
CA GLN C 142 11.75 6.80 23.43
C GLN C 142 12.83 7.86 23.20
N VAL C 143 12.83 8.43 22.01
CA VAL C 143 13.70 9.55 21.66
C VAL C 143 13.45 10.76 22.57
N GLN C 144 14.42 11.65 22.66
CA GLN C 144 14.35 12.79 23.60
C GLN C 144 13.37 13.86 23.15
N SER C 145 13.31 14.08 21.85
CA SER C 145 12.43 15.10 21.28
C SER C 145 11.83 14.56 20.01
N PHE C 146 10.60 14.96 19.74
CA PHE C 146 9.96 14.70 18.46
C PHE C 146 9.38 15.99 17.94
N THR C 147 10.00 16.54 16.91
CA THR C 147 9.52 17.71 16.24
C THR C 147 9.09 17.30 14.82
N TYR C 148 7.88 17.69 14.41
CA TYR C 148 7.40 17.38 13.05
C TYR C 148 6.94 18.60 12.29
N ALA C 149 7.04 18.52 10.97
CA ALA C 149 6.59 19.55 10.07
C ALA C 149 5.09 19.49 9.95
N ALA C 150 4.41 20.50 10.51
CA ALA C 150 2.97 20.69 10.30
C ALA C 150 2.78 21.78 9.24
N SER C 151 1.60 22.40 9.17
CA SER C 151 1.27 23.28 8.04
C SER C 151 0.23 24.35 8.27
N SER C 152 0.53 25.55 7.79
CA SER C 152 -0.39 26.68 7.84
C SER C 152 -1.72 26.39 7.15
N SER C 153 -1.76 25.31 6.37
CA SER C 153 -2.96 24.94 5.63
C SER C 153 -3.99 24.29 6.55
N THR C 154 -3.55 23.92 7.76
CA THR C 154 -4.43 23.35 8.78
C THR C 154 -5.47 24.39 9.22
N TYR C 155 -5.11 25.66 9.08
CA TYR C 155 -6.01 26.77 9.36
C TYR C 155 -7.24 26.74 8.47
N GLY C 156 -7.07 26.22 7.25
CA GLY C 156 -8.15 26.05 6.29
C GLY C 156 -8.98 27.30 6.11
N ASP C 157 -10.28 27.21 6.37
CA ASP C 157 -11.22 28.29 6.05
C ASP C 157 -11.34 29.38 7.12
N HIS C 158 -10.66 29.21 8.25
CA HIS C 158 -10.78 30.16 9.37
C HIS C 158 -10.42 31.58 8.91
N PRO C 159 -11.34 32.54 9.15
CA PRO C 159 -11.20 33.91 8.63
C PRO C 159 -10.16 34.79 9.34
N ALA C 160 -9.47 34.26 10.35
CA ALA C 160 -8.59 35.08 11.19
C ALA C 160 -7.29 35.50 10.50
N LEU C 161 -6.81 36.70 10.83
CA LEU C 161 -5.49 37.17 10.43
C LEU C 161 -4.93 38.15 11.46
N PRO C 162 -3.72 37.89 11.97
CA PRO C 162 -2.92 36.69 11.73
C PRO C 162 -3.53 35.41 12.31
N LYS C 163 -2.90 34.28 12.05
CA LYS C 163 -3.38 32.97 12.48
C LYS C 163 -2.75 32.54 13.81
N VAL C 164 -3.55 32.49 14.88
CA VAL C 164 -3.05 31.93 16.14
C VAL C 164 -3.40 30.44 16.21
N GLU C 165 -2.57 29.70 16.93
CA GLU C 165 -2.52 28.25 16.84
C GLU C 165 -3.79 27.50 17.27
N GLU C 166 -4.56 28.07 18.18
CA GLU C 166 -5.77 27.41 18.66
C GLU C 166 -6.93 27.57 17.67
N ASN C 167 -6.91 28.67 16.93
CA ASN C 167 -7.96 28.96 15.95
C ASN C 167 -7.72 28.31 14.60
N ILE C 168 -8.24 27.10 14.42
CA ILE C 168 -8.29 26.50 13.09
C ILE C 168 -9.74 26.34 12.61
N GLY C 169 -9.90 26.15 11.30
CA GLY C 169 -11.19 25.91 10.72
C GLY C 169 -11.17 24.55 10.05
N ASN C 170 -11.92 24.44 8.97
CA ASN C 170 -12.01 23.22 8.20
C ASN C 170 -10.85 23.18 7.21
N PRO C 171 -10.27 21.99 6.99
CA PRO C 171 -9.19 21.94 6.02
C PRO C 171 -9.74 21.99 4.59
N LEU C 172 -8.99 22.63 3.70
CA LEU C 172 -9.50 22.86 2.34
C LEU C 172 -9.00 21.89 1.25
N SER C 173 -8.20 20.90 1.64
CA SER C 173 -7.68 19.91 0.70
C SER C 173 -7.18 18.64 1.40
N PRO C 174 -6.99 17.53 0.65
CA PRO C 174 -6.40 16.32 1.21
C PRO C 174 -5.10 16.59 1.94
N TYR C 175 -4.20 17.36 1.32
CA TYR C 175 -2.98 17.79 1.99
C TYR C 175 -3.28 18.39 3.37
N ALA C 176 -4.16 19.38 3.41
CA ALA C 176 -4.53 20.03 4.66
C ALA C 176 -4.98 19.01 5.71
N VAL C 177 -5.78 18.02 5.27
CA VAL C 177 -6.23 16.94 6.14
C VAL C 177 -5.02 16.23 6.73
N THR C 178 -4.12 15.77 5.86
CA THR C 178 -3.01 14.92 6.29
C THR C 178 -2.10 15.61 7.30
N LYS C 179 -1.90 16.90 7.14
CA LYS C 179 -1.09 17.66 8.08
C LYS C 179 -1.84 17.89 9.38
N TYR C 180 -3.12 18.23 9.28
CA TYR C 180 -3.97 18.38 10.45
C TYR C 180 -3.99 17.10 11.29
N VAL C 181 -4.08 15.95 10.61
CA VAL C 181 -4.13 14.64 11.26
C VAL C 181 -2.83 14.34 12.00
N ASN C 182 -1.71 14.79 11.45
CA ASN C 182 -0.41 14.66 12.13
C ASN C 182 -0.48 15.29 13.52
N GLU C 183 -0.99 16.51 13.59
CA GLU C 183 -1.17 17.21 14.86
C GLU C 183 -2.06 16.40 15.77
N ILE C 184 -3.18 15.90 15.22
CA ILE C 184 -4.15 15.16 15.99
C ILE C 184 -3.54 13.87 16.53
N TYR C 185 -2.74 13.19 15.71
CA TYR C 185 -2.05 11.99 16.19
C TYR C 185 -1.08 12.35 17.29
N ALA C 186 -0.28 13.39 17.05
CA ALA C 186 0.70 13.87 18.01
C ALA C 186 0.09 14.13 19.39
N GLN C 187 -1.13 14.66 19.39
CA GLN C 187 -1.87 15.00 20.60
C GLN C 187 -2.34 13.78 21.35
N VAL C 188 -2.78 12.79 20.57
CA VAL C 188 -3.32 11.57 21.13
C VAL C 188 -2.17 10.83 21.78
N TYR C 189 -1.02 10.82 21.10
CA TYR C 189 0.20 10.21 21.61
C TYR C 189 0.65 10.82 22.93
N ALA C 190 0.45 12.13 23.06
CA ALA C 190 0.70 12.81 24.32
C ALA C 190 -0.23 12.28 25.41
N ARG C 191 -1.53 12.40 25.15
CA ARG C 191 -2.61 11.91 25.99
C ARG C 191 -2.44 10.43 26.40
N THR C 192 -2.06 9.58 25.46
CA THR C 192 -2.20 8.13 25.62
C THR C 192 -0.91 7.38 25.92
N TYR C 193 0.23 7.98 25.62
CA TYR C 193 1.51 7.35 25.87
C TYR C 193 2.42 8.28 26.65
N GLY C 194 2.00 9.54 26.73
CA GLY C 194 2.79 10.58 27.39
C GLY C 194 3.97 11.02 26.56
N PHE C 195 3.91 10.75 25.26
CA PHE C 195 4.98 11.14 24.35
C PHE C 195 4.66 12.51 23.78
N LYS C 196 5.35 13.53 24.30
CA LYS C 196 5.11 14.92 23.92
C LYS C 196 5.94 15.36 22.71
N THR C 197 5.25 15.81 21.67
CA THR C 197 5.87 16.26 20.42
C THR C 197 5.78 17.77 20.24
N ILE C 198 6.49 18.31 19.27
CA ILE C 198 6.28 19.69 18.84
C ILE C 198 6.02 19.76 17.34
N GLY C 199 4.79 20.16 17.00
CA GLY C 199 4.41 20.40 15.61
C GLY C 199 4.81 21.80 15.22
N LEU C 200 5.42 21.93 14.05
CA LEU C 200 5.76 23.22 13.53
C LEU C 200 4.89 23.55 12.32
N ARG C 201 3.94 24.46 12.54
CA ARG C 201 3.10 24.96 11.46
C ARG C 201 3.88 25.89 10.54
N TYR C 202 4.31 25.33 9.41
CA TYR C 202 5.10 26.05 8.43
C TYR C 202 4.22 26.95 7.57
N PHE C 203 4.69 28.18 7.37
CA PHE C 203 4.07 29.13 6.47
C PHE C 203 5.08 29.42 5.35
N ASN C 204 4.89 28.81 4.18
CA ASN C 204 5.59 29.22 2.95
C ASN C 204 7.09 29.46 3.13
N VAL C 205 7.80 28.34 3.31
CA VAL C 205 9.23 28.32 3.54
C VAL C 205 9.93 28.37 2.20
N PHE C 206 10.90 29.28 2.07
CA PHE C 206 11.72 29.39 0.88
C PHE C 206 13.19 29.45 1.26
N GLY C 207 14.06 29.40 0.26
CA GLY C 207 15.50 29.42 0.48
C GLY C 207 16.21 28.35 -0.31
N ARG C 208 17.52 28.27 -0.13
CA ARG C 208 18.37 27.32 -0.83
C ARG C 208 17.78 25.91 -0.85
N ARG C 209 17.76 25.32 -2.04
CA ARG C 209 17.36 23.92 -2.26
C ARG C 209 15.85 23.63 -2.24
N GLN C 210 15.02 24.67 -2.27
CA GLN C 210 13.61 24.46 -2.54
C GLN C 210 13.46 24.29 -4.04
N ASP C 211 12.94 23.12 -4.45
CA ASP C 211 12.93 22.71 -5.85
C ASP C 211 12.25 23.73 -6.76
N PRO C 212 13.00 24.24 -7.76
CA PRO C 212 12.40 25.12 -8.77
C PRO C 212 11.61 24.38 -9.85
N ASN C 213 12.00 23.14 -10.15
CA ASN C 213 11.35 22.33 -11.18
C ASN C 213 10.14 21.57 -10.64
N GLY C 214 9.59 20.69 -11.48
CA GLY C 214 8.37 19.97 -11.12
C GLY C 214 7.14 20.85 -11.26
N ALA C 215 5.99 20.21 -11.48
CA ALA C 215 4.72 20.92 -11.58
C ALA C 215 4.32 21.57 -10.25
N TYR C 216 4.79 21.00 -9.14
CA TYR C 216 4.40 21.47 -7.81
C TYR C 216 5.44 22.36 -7.11
N ALA C 217 6.30 23.02 -7.90
CA ALA C 217 7.26 23.96 -7.34
C ALA C 217 6.52 25.08 -6.66
N ALA C 218 6.98 25.45 -5.47
CA ALA C 218 6.45 26.59 -4.73
C ALA C 218 6.74 27.90 -5.49
N VAL C 219 5.95 28.92 -5.22
CA VAL C 219 5.99 30.17 -5.98
C VAL C 219 7.40 30.79 -6.18
N ILE C 220 8.15 30.96 -5.10
CA ILE C 220 9.46 31.65 -5.17
C ILE C 220 10.46 30.95 -6.10
N PRO C 221 10.70 29.63 -5.89
CA PRO C 221 11.58 28.91 -6.81
C PRO C 221 11.02 28.86 -8.24
N LYS C 222 9.69 28.75 -8.36
CA LYS C 222 9.02 28.71 -9.64
C LYS C 222 9.22 30.02 -10.42
N TRP C 223 9.01 31.14 -9.72
CA TRP C 223 9.13 32.47 -10.31
C TRP C 223 10.56 32.88 -10.53
N THR C 224 11.45 32.44 -9.64
CA THR C 224 12.87 32.70 -9.80
C THR C 224 13.42 31.90 -10.99
N ALA C 225 13.02 30.63 -11.09
CA ALA C 225 13.37 29.79 -12.25
C ALA C 225 12.91 30.39 -13.58
N ALA C 226 11.70 30.94 -13.58
CA ALA C 226 11.08 31.51 -14.79
C ALA C 226 11.61 32.90 -15.13
N MET C 227 12.16 33.59 -14.13
CA MET C 227 12.76 34.90 -14.36
C MET C 227 14.19 34.80 -14.88
N LEU C 228 14.82 33.66 -14.61
CA LEU C 228 16.16 33.40 -15.11
C LEU C 228 16.13 32.76 -16.49
N LYS C 229 15.01 32.15 -16.83
CA LYS C 229 14.81 31.59 -18.17
C LYS C 229 14.13 32.61 -19.07
N GLY C 230 13.57 33.66 -18.45
CA GLY C 230 12.81 34.67 -19.16
C GLY C 230 11.39 34.22 -19.43
N ASP C 231 10.99 33.13 -18.79
CA ASP C 231 9.64 32.56 -18.95
C ASP C 231 8.54 33.44 -18.33
N ASP C 232 7.29 33.16 -18.70
CA ASP C 232 6.13 33.88 -18.18
C ASP C 232 5.96 33.66 -16.68
N VAL C 233 5.80 34.76 -15.95
CA VAL C 233 5.55 34.72 -14.52
C VAL C 233 4.04 34.67 -14.30
N TYR C 234 3.53 33.49 -14.00
CA TYR C 234 2.10 33.28 -13.83
C TYR C 234 1.62 33.59 -12.40
N ILE C 235 0.68 34.53 -12.28
CA ILE C 235 0.05 34.84 -10.99
C ILE C 235 -1.35 34.22 -10.93
N ASN C 236 -1.58 33.37 -9.94
CA ASN C 236 -2.87 32.71 -9.78
C ASN C 236 -3.90 33.58 -9.07
N GLY C 237 -4.64 34.36 -9.85
CA GLY C 237 -5.70 35.19 -9.31
C GLY C 237 -5.52 36.66 -9.63
N ASP C 238 -6.07 37.52 -8.77
CA ASP C 238 -5.99 38.97 -8.95
C ASP C 238 -4.60 39.51 -8.60
N GLY C 239 -3.91 38.81 -7.71
CA GLY C 239 -2.56 39.20 -7.33
C GLY C 239 -2.42 39.71 -5.91
N GLU C 240 -3.53 39.76 -5.18
CA GLU C 240 -3.51 40.26 -3.81
C GLU C 240 -3.44 39.13 -2.77
N THR C 241 -3.48 37.89 -3.23
CA THR C 241 -3.29 36.74 -2.34
C THR C 241 -1.96 36.94 -1.61
N SER C 242 -2.02 36.88 -0.28
CA SER C 242 -0.86 37.20 0.56
C SER C 242 -0.38 36.00 1.36
N ARG C 243 0.91 36.02 1.69
CA ARG C 243 1.57 34.94 2.41
C ARG C 243 2.52 35.45 3.48
N ASP C 244 2.85 34.59 4.43
CA ASP C 244 3.87 34.89 5.41
C ASP C 244 5.11 34.12 5.02
N PHE C 245 5.95 34.72 4.20
CA PHE C 245 7.10 34.04 3.63
C PHE C 245 8.24 33.89 4.62
N CYS C 246 8.72 32.66 4.75
CA CYS C 246 9.60 32.28 5.83
C CYS C 246 10.88 31.65 5.36
N TYR C 247 11.96 32.42 5.37
CA TYR C 247 13.27 31.92 4.98
C TYR C 247 13.70 30.72 5.83
N ILE C 248 14.39 29.77 5.21
CA ILE C 248 14.68 28.49 5.87
C ILE C 248 15.26 28.69 7.25
N ASP C 249 16.16 29.66 7.40
CA ASP C 249 16.88 29.86 8.65
C ASP C 249 15.97 29.91 9.84
N ASN C 250 14.79 30.49 9.67
CA ASN C 250 13.79 30.59 10.73
C ASN C 250 13.20 29.24 11.09
N VAL C 251 12.93 28.45 10.06
CA VAL C 251 12.50 27.07 10.20
C VAL C 251 13.57 26.27 10.91
N ILE C 252 14.83 26.43 10.49
CA ILE C 252 15.92 25.71 11.11
C ILE C 252 15.96 26.06 12.59
N GLN C 253 16.01 27.38 12.87
CA GLN C 253 15.97 27.91 14.23
C GLN C 253 14.84 27.30 15.04
N MET C 254 13.70 27.14 14.39
CA MET C 254 12.53 26.60 15.02
C MET C 254 12.71 25.14 15.39
N ASN C 255 13.17 24.34 14.43
CA ASN C 255 13.30 22.89 14.60
C ASN C 255 14.28 22.52 15.69
N ILE C 256 15.36 23.31 15.76
CA ILE C 256 16.37 23.18 16.80
C ILE C 256 15.81 23.61 18.16
N LEU C 257 15.09 24.74 18.19
CA LEU C 257 14.48 25.19 19.43
C LEU C 257 13.52 24.15 19.96
N SER C 258 12.74 23.56 19.05
CA SER C 258 11.77 22.54 19.40
C SER C 258 12.42 21.26 19.91
N ALA C 259 13.65 21.00 19.45
CA ALA C 259 14.34 19.77 19.82
C ALA C 259 14.84 19.82 21.26
N LEU C 260 15.38 20.96 21.67
CA LEU C 260 15.89 21.08 23.03
C LEU C 260 14.98 21.85 23.96
N ALA C 261 13.70 21.96 23.58
CA ALA C 261 12.67 22.67 24.36
C ALA C 261 12.34 21.94 25.66
N LYS C 262 12.01 22.70 26.71
CA LYS C 262 11.64 22.09 27.98
C LYS C 262 10.28 21.40 27.88
N ASP C 263 10.09 20.35 28.67
CA ASP C 263 8.88 19.53 28.64
C ASP C 263 7.58 20.34 28.60
N SER C 264 7.54 21.45 29.33
CA SER C 264 6.34 22.28 29.43
C SER C 264 5.98 22.96 28.11
N ALA C 265 6.98 23.15 27.25
CA ALA C 265 6.78 23.75 25.94
C ALA C 265 6.46 22.72 24.86
N LYS C 266 6.48 21.44 25.23
CA LYS C 266 6.15 20.33 24.33
C LYS C 266 4.65 20.04 24.32
N ASP C 267 4.25 19.06 23.52
CA ASP C 267 2.84 18.82 23.19
C ASP C 267 2.20 20.17 22.90
N ASN C 268 2.71 20.77 21.83
CA ASN C 268 2.39 22.12 21.42
C ASN C 268 2.65 22.31 19.95
N ILE C 269 1.83 23.13 19.33
CA ILE C 269 1.95 23.42 17.92
C ILE C 269 2.29 24.88 17.82
N TYR C 270 3.27 25.19 16.97
CA TYR C 270 3.76 26.56 16.81
C TYR C 270 3.76 27.00 15.37
N ASN C 271 3.30 28.22 15.12
CA ASN C 271 3.54 28.82 13.82
C ASN C 271 5.04 29.04 13.61
N VAL C 272 5.55 28.55 12.49
CA VAL C 272 6.88 28.93 12.03
C VAL C 272 6.68 29.97 10.95
N ALA C 273 7.01 31.21 11.27
CA ALA C 273 6.95 32.29 10.30
C ALA C 273 7.66 33.53 10.82
N VAL C 274 7.37 34.67 10.19
CA VAL C 274 7.97 35.95 10.49
C VAL C 274 6.95 36.88 11.15
N GLY C 275 5.69 36.69 10.79
CA GLY C 275 4.61 37.58 11.23
C GLY C 275 4.29 38.66 10.21
N ASP C 276 4.91 38.59 9.04
CA ASP C 276 4.70 39.57 7.98
C ASP C 276 3.74 39.10 6.88
N ARG C 277 3.13 40.05 6.20
CA ARG C 277 2.21 39.77 5.11
C ARG C 277 2.75 40.36 3.80
N THR C 278 2.93 39.50 2.79
CA THR C 278 3.36 39.92 1.46
C THR C 278 2.44 39.31 0.40
N THR C 279 1.96 40.14 -0.52
CA THR C 279 1.07 39.71 -1.59
C THR C 279 1.85 39.26 -2.80
N LEU C 280 1.20 38.54 -3.71
CA LEU C 280 1.85 38.02 -4.91
C LEU C 280 2.36 39.13 -5.80
N ASN C 281 1.62 40.23 -5.88
CA ASN C 281 2.08 41.41 -6.60
C ASN C 281 3.39 41.92 -6.01
N GLU C 282 3.48 41.91 -4.67
CA GLU C 282 4.65 42.42 -3.97
C GLU C 282 5.83 41.46 -4.06
N LEU C 283 5.53 40.17 -3.95
CA LEU C 283 6.55 39.12 -4.06
C LEU C 283 7.26 39.21 -5.41
N SER C 284 6.47 39.27 -6.48
CA SER C 284 6.99 39.39 -7.85
C SER C 284 7.93 40.58 -8.00
N GLY C 285 7.61 41.69 -7.33
CA GLY C 285 8.47 42.85 -7.29
C GLY C 285 9.79 42.55 -6.60
N TYR C 286 9.72 41.91 -5.43
CA TYR C 286 10.92 41.60 -4.64
C TYR C 286 11.85 40.61 -5.33
N ILE C 287 11.27 39.57 -5.92
CA ILE C 287 12.05 38.58 -6.67
C ILE C 287 12.80 39.24 -7.82
N TYR C 288 12.09 40.06 -8.60
CA TYR C 288 12.72 40.78 -9.71
C TYR C 288 13.83 41.68 -9.22
N ASP C 289 13.53 42.55 -8.25
CA ASP C 289 14.48 43.52 -7.73
C ASP C 289 15.74 42.90 -7.12
N GLU C 290 15.60 41.76 -6.45
CA GLU C 290 16.78 41.05 -5.91
C GLU C 290 17.56 40.31 -6.99
N LEU C 291 16.86 39.77 -7.99
CA LEU C 291 17.52 39.10 -9.13
C LEU C 291 18.22 40.09 -10.07
N ASN C 292 17.66 41.29 -10.21
CA ASN C 292 18.32 42.31 -11.02
C ASN C 292 19.45 43.05 -10.31
N LEU C 293 19.63 42.75 -9.02
CA LEU C 293 20.85 43.11 -8.32
C LEU C 293 21.94 42.09 -8.65
N ILE C 294 21.56 41.06 -9.41
CA ILE C 294 22.50 40.03 -9.85
C ILE C 294 22.39 39.69 -11.37
N HIS C 295 21.98 40.72 -12.13
CA HIS C 295 22.23 40.88 -13.60
C HIS C 295 21.67 39.89 -14.63
N HIS C 296 20.36 39.93 -14.87
CA HIS C 296 19.74 39.07 -15.90
C HIS C 296 18.59 39.75 -16.61
N ILE C 302 5.11 38.93 -16.72
CA ILE C 302 4.04 38.71 -15.75
C ILE C 302 2.67 38.49 -16.43
N LYS C 303 2.11 37.31 -16.23
CA LYS C 303 0.80 36.95 -16.73
C LYS C 303 -0.12 36.60 -15.57
N TYR C 304 -1.39 37.02 -15.67
CA TYR C 304 -2.40 36.76 -14.63
C TYR C 304 -3.43 35.74 -15.09
N ARG C 305 -3.76 34.79 -14.21
CA ARG C 305 -4.82 33.82 -14.49
C ARG C 305 -5.79 33.68 -13.30
N GLU C 306 -6.55 32.59 -13.28
CA GLU C 306 -7.52 32.34 -12.21
C GLU C 306 -6.89 31.69 -10.97
N PHE C 307 -7.58 31.83 -9.84
CA PHE C 307 -7.14 31.32 -8.54
C PHE C 307 -6.89 29.82 -8.54
N ARG C 308 -6.12 29.35 -7.55
CA ARG C 308 -6.02 27.93 -7.28
C ARG C 308 -7.25 27.52 -6.47
N SER C 309 -7.78 26.33 -6.74
CA SER C 309 -8.79 25.75 -5.87
C SER C 309 -8.08 25.03 -4.71
N GLY C 310 -8.66 25.13 -3.51
CA GLY C 310 -7.99 24.70 -2.28
C GLY C 310 -7.02 25.76 -1.77
N ASP C 311 -6.96 26.88 -2.48
CA ASP C 311 -6.03 27.98 -2.19
C ASP C 311 -6.60 28.95 -1.17
N VAL C 312 -5.95 29.00 0.00
CA VAL C 312 -6.21 30.00 1.02
C VAL C 312 -5.95 31.41 0.44
N ARG C 313 -6.81 32.37 0.78
CA ARG C 313 -6.74 33.71 0.20
C ARG C 313 -5.68 34.60 0.85
N HIS C 314 -5.65 34.62 2.19
CA HIS C 314 -4.62 35.37 2.91
C HIS C 314 -3.99 34.47 3.96
N SER C 315 -2.67 34.60 4.13
CA SER C 315 -1.95 33.88 5.16
C SER C 315 -0.96 34.80 5.87
N GLN C 316 -1.05 34.81 7.21
CA GLN C 316 -0.12 35.51 8.06
C GLN C 316 -0.14 34.80 9.41
N ALA C 317 1.04 34.63 9.98
CA ALA C 317 1.18 33.94 11.26
C ALA C 317 1.33 34.92 12.41
N ASP C 318 0.67 34.59 13.51
CA ASP C 318 0.99 35.18 14.79
C ASP C 318 2.03 34.26 15.36
N VAL C 319 3.20 34.80 15.62
CA VAL C 319 4.34 34.00 16.02
C VAL C 319 4.75 34.27 17.48
N THR C 320 3.89 34.97 18.22
CA THR C 320 4.21 35.34 19.61
C THR C 320 4.29 34.12 20.54
N LYS C 321 3.50 33.09 20.28
CA LYS C 321 3.61 31.84 21.02
C LYS C 321 5.02 31.27 20.92
N ALA C 322 5.54 31.23 19.70
CA ALA C 322 6.89 30.75 19.46
C ALA C 322 7.92 31.55 20.26
N ILE C 323 7.78 32.89 20.22
CA ILE C 323 8.65 33.82 20.95
C ILE C 323 8.58 33.62 22.47
N ASP C 324 7.36 33.61 23.01
CA ASP C 324 7.16 33.50 24.45
C ASP C 324 7.63 32.15 24.99
N LEU C 325 7.30 31.09 24.28
CA LEU C 325 7.53 29.75 24.82
C LEU C 325 8.81 29.03 24.35
N LEU C 326 9.27 29.32 23.14
CA LEU C 326 10.52 28.74 22.65
C LEU C 326 11.67 29.72 22.68
N LYS C 327 11.35 31.00 22.87
CA LYS C 327 12.32 32.13 22.82
C LYS C 327 12.80 32.36 21.38
N TYR C 328 11.92 32.05 20.44
CA TYR C 328 12.16 32.22 19.01
C TYR C 328 12.33 33.67 18.58
N ARG C 329 13.24 33.92 17.66
CA ARG C 329 13.44 35.25 17.10
C ARG C 329 13.46 35.17 15.58
N PRO C 330 12.34 35.52 14.93
CA PRO C 330 12.21 35.59 13.45
C PRO C 330 13.03 36.76 12.89
N ASN C 331 14.34 36.54 12.78
CA ASN C 331 15.28 37.61 12.46
C ASN C 331 15.39 37.91 10.96
N ILE C 332 15.06 36.93 10.14
CA ILE C 332 15.16 37.11 8.69
C ILE C 332 13.80 37.23 8.00
N LYS C 333 13.49 38.47 7.62
CA LYS C 333 12.29 38.81 6.87
C LYS C 333 12.46 38.45 5.40
N ILE C 334 11.38 38.63 4.62
CA ILE C 334 11.31 38.18 3.22
C ILE C 334 12.41 38.72 2.30
N ARG C 335 12.52 40.04 2.20
CA ARG C 335 13.46 40.69 1.28
C ARG C 335 14.90 40.21 1.56
N GLU C 336 15.26 40.18 2.85
CA GLU C 336 16.57 39.71 3.29
C GLU C 336 16.78 38.25 2.93
N GLY C 337 15.75 37.43 3.13
CA GLY C 337 15.80 36.01 2.77
C GLY C 337 16.04 35.80 1.28
N LEU C 338 15.21 36.44 0.46
CA LEU C 338 15.35 36.36 -1.00
C LEU C 338 16.76 36.70 -1.42
N ARG C 339 17.32 37.74 -0.78
CA ARG C 339 18.71 38.15 -0.98
C ARG C 339 19.67 36.98 -0.73
N LEU C 340 19.41 36.20 0.32
CA LEU C 340 20.26 35.07 0.66
C LEU C 340 19.87 33.80 -0.12
N SER C 341 18.81 33.89 -0.93
CA SER C 341 18.30 32.74 -1.67
C SER C 341 18.64 32.77 -3.16
N MET C 342 18.61 33.96 -3.74
CA MET C 342 18.77 34.14 -5.19
C MET C 342 20.07 33.57 -5.74
N PRO C 343 21.22 33.89 -5.11
CA PRO C 343 22.50 33.40 -5.64
C PRO C 343 22.55 31.88 -5.82
N TRP C 344 21.82 31.16 -4.98
CA TRP C 344 21.74 29.71 -5.08
C TRP C 344 21.02 29.31 -6.37
N TYR C 345 19.87 29.93 -6.63
CA TYR C 345 19.10 29.71 -7.87
C TYR C 345 19.83 30.17 -9.13
N VAL C 346 20.47 31.33 -9.06
CA VAL C 346 21.32 31.82 -10.15
C VAL C 346 22.35 30.74 -10.50
N ARG C 347 22.98 30.18 -9.48
CA ARG C 347 24.04 29.21 -9.65
C ARG C 347 23.49 27.83 -10.01
N PHE C 348 22.37 27.45 -9.41
CA PHE C 348 21.75 26.14 -9.67
C PHE C 348 21.15 26.06 -11.07
N LEU C 349 21.05 27.19 -11.76
CA LEU C 349 20.34 27.24 -13.04
C LEU C 349 21.13 27.78 -14.24
N LYS C 350 22.21 28.53 -13.99
CA LYS C 350 23.02 29.13 -15.07
C LYS C 350 23.52 28.10 -16.09
N TYR D 10 9.25 -8.41 -12.87
CA TYR D 10 9.12 -6.95 -12.56
C TYR D 10 9.79 -6.10 -13.64
N MET D 11 9.19 -4.94 -13.92
CA MET D 11 9.81 -3.90 -14.77
C MET D 11 10.53 -2.87 -13.84
N SER D 12 11.68 -3.28 -13.28
CA SER D 12 12.30 -2.64 -12.10
C SER D 12 12.75 -1.19 -12.20
N ARG D 13 13.60 -0.85 -13.17
CA ARG D 13 14.01 0.55 -13.37
C ARG D 13 12.78 1.37 -13.70
N TYR D 14 11.91 0.79 -14.52
CA TYR D 14 10.65 1.39 -14.90
C TYR D 14 9.76 1.64 -13.68
N GLU D 15 9.65 0.65 -12.80
CA GLU D 15 8.94 0.81 -11.50
C GLU D 15 9.49 2.03 -10.76
N GLU D 16 10.81 2.05 -10.60
CA GLU D 16 11.52 3.15 -9.94
C GLU D 16 11.20 4.50 -10.59
N ILE D 17 11.35 4.57 -11.93
CA ILE D 17 11.08 5.79 -12.70
C ILE D 17 9.60 6.20 -12.66
N THR D 18 8.70 5.24 -12.75
CA THR D 18 7.26 5.54 -12.62
C THR D 18 6.93 6.20 -11.28
N GLN D 19 7.51 5.67 -10.19
CA GLN D 19 7.37 6.32 -8.88
C GLN D 19 7.93 7.73 -8.94
N GLN D 20 9.18 7.88 -9.39
CA GLN D 20 9.83 9.20 -9.52
C GLN D 20 8.86 10.23 -10.12
N LEU D 21 8.03 9.78 -11.05
CA LEU D 21 7.00 10.63 -11.65
C LEU D 21 5.85 10.92 -10.68
N ILE D 22 5.21 9.87 -10.15
CA ILE D 22 4.09 10.05 -9.22
C ILE D 22 4.35 11.13 -8.15
N PHE D 23 5.62 11.41 -7.89
CA PHE D 23 6.02 12.35 -6.86
C PHE D 23 6.45 13.71 -7.43
N SER D 24 7.26 13.71 -8.48
CA SER D 24 7.58 14.94 -9.20
C SER D 24 7.09 14.87 -10.65
N PRO D 25 5.77 15.04 -10.87
CA PRO D 25 5.23 14.95 -12.22
C PRO D 25 5.75 16.03 -13.13
N LYS D 26 5.86 15.65 -14.40
CA LYS D 26 6.42 16.50 -15.42
C LYS D 26 5.35 16.87 -16.42
N THR D 27 5.68 17.78 -17.33
CA THR D 27 4.80 18.11 -18.43
C THR D 27 5.26 17.30 -19.65
N TRP D 28 4.35 16.51 -20.20
CA TRP D 28 4.68 15.69 -21.36
C TRP D 28 3.95 16.18 -22.57
N LEU D 29 4.56 16.01 -23.74
CA LEU D 29 3.86 16.21 -25.01
C LEU D 29 3.72 14.89 -25.72
N ILE D 30 2.48 14.48 -25.96
CA ILE D 30 2.24 13.30 -26.77
C ILE D 30 1.64 13.75 -28.09
N THR D 31 2.41 13.57 -29.15
CA THR D 31 1.91 13.85 -30.50
C THR D 31 1.34 12.55 -31.03
N GLY D 32 0.12 12.61 -31.57
CA GLY D 32 -0.57 11.41 -32.00
C GLY D 32 -1.19 10.75 -30.78
N VAL D 33 -1.77 11.60 -29.95
CA VAL D 33 -2.28 11.18 -28.66
C VAL D 33 -3.65 10.49 -28.83
N ALA D 34 -4.34 10.77 -29.94
CA ALA D 34 -5.66 10.20 -30.17
C ALA D 34 -5.57 8.84 -30.82
N GLY D 35 -4.34 8.34 -30.98
CA GLY D 35 -4.09 7.08 -31.68
C GLY D 35 -3.64 5.95 -30.78
N PHE D 36 -3.34 4.82 -31.41
CA PHE D 36 -3.03 3.58 -30.71
C PHE D 36 -1.99 3.75 -29.60
N ILE D 37 -0.76 4.07 -29.99
CA ILE D 37 0.32 4.20 -29.02
C ILE D 37 0.14 5.45 -28.16
N GLY D 38 -0.19 6.56 -28.81
CA GLY D 38 -0.48 7.82 -28.12
C GLY D 38 -1.47 7.75 -26.97
N SER D 39 -2.64 7.16 -27.22
CA SER D 39 -3.68 7.05 -26.21
C SER D 39 -3.29 6.16 -25.05
N ASN D 40 -2.53 5.11 -25.35
CA ASN D 40 -1.98 4.26 -24.31
C ASN D 40 -0.99 5.00 -23.43
N LEU D 41 -0.10 5.77 -24.05
CA LEU D 41 0.82 6.65 -23.32
C LEU D 41 0.04 7.70 -22.50
N LEU D 42 -1.04 8.22 -23.07
CA LEU D 42 -1.91 9.14 -22.35
C LEU D 42 -2.39 8.47 -21.06
N GLU D 43 -2.94 7.27 -21.20
CA GLU D 43 -3.49 6.53 -20.08
C GLU D 43 -2.43 6.27 -19.00
N LYS D 44 -1.25 5.82 -19.40
CA LYS D 44 -0.17 5.60 -18.45
C LYS D 44 0.27 6.88 -17.73
N LEU D 45 0.46 7.95 -18.49
CA LEU D 45 0.91 9.23 -17.95
C LEU D 45 -0.13 9.96 -17.10
N LEU D 46 -1.40 9.85 -17.49
CA LEU D 46 -2.49 10.44 -16.71
C LEU D 46 -2.73 9.69 -15.41
N LYS D 47 -2.60 8.37 -15.46
CA LYS D 47 -2.69 7.54 -14.26
C LYS D 47 -1.53 7.83 -13.30
N LEU D 48 -0.39 8.22 -13.87
CA LEU D 48 0.77 8.65 -13.09
C LEU D 48 0.67 10.11 -12.60
N ASN D 49 -0.49 10.73 -12.78
CA ASN D 49 -0.77 12.11 -12.32
C ASN D 49 0.03 13.20 -13.05
N GLN D 50 0.49 12.89 -14.27
CA GLN D 50 1.36 13.79 -15.01
C GLN D 50 0.56 14.91 -15.66
N VAL D 51 1.24 16.02 -15.95
CA VAL D 51 0.69 17.05 -16.82
C VAL D 51 0.98 16.60 -18.25
N VAL D 52 -0.04 16.62 -19.09
CA VAL D 52 0.09 16.15 -20.47
C VAL D 52 -0.58 17.11 -21.45
N ILE D 53 0.23 17.62 -22.37
CA ILE D 53 -0.26 18.37 -23.51
C ILE D 53 -0.35 17.32 -24.58
N GLY D 54 -1.48 17.27 -25.26
CA GLY D 54 -1.66 16.33 -26.37
C GLY D 54 -1.86 17.05 -27.69
N LEU D 55 -1.33 16.46 -28.75
CA LEU D 55 -1.51 16.99 -30.08
C LEU D 55 -2.00 15.88 -30.98
N ASP D 56 -2.95 16.21 -31.85
CA ASP D 56 -3.51 15.23 -32.80
C ASP D 56 -4.47 15.88 -33.80
N ASN D 57 -4.45 15.39 -35.03
CA ASN D 57 -5.34 15.92 -36.07
C ASN D 57 -6.50 15.00 -36.46
N PHE D 58 -6.75 13.97 -35.64
CA PHE D 58 -7.79 12.96 -35.92
C PHE D 58 -7.79 12.47 -37.37
N SER D 59 -6.60 12.12 -37.84
CA SER D 59 -6.45 11.61 -39.21
C SER D 59 -6.67 10.11 -39.19
N THR D 60 -5.81 9.40 -38.46
CA THR D 60 -6.02 7.99 -38.15
C THR D 60 -6.51 7.84 -36.72
N GLY D 61 -6.16 8.81 -35.87
CA GLY D 61 -6.60 8.85 -34.48
C GLY D 61 -8.09 9.00 -34.32
N HIS D 62 -8.57 8.79 -33.10
CA HIS D 62 -9.99 8.78 -32.83
C HIS D 62 -10.39 9.49 -31.58
N GLN D 63 -11.50 10.22 -31.66
CA GLN D 63 -12.09 10.82 -30.49
C GLN D 63 -12.45 9.73 -29.48
N TYR D 64 -12.88 8.56 -29.96
CA TYR D 64 -13.29 7.49 -29.05
C TYR D 64 -12.15 7.00 -28.19
N ASN D 65 -10.93 7.13 -28.71
CA ASN D 65 -9.72 6.75 -27.98
C ASN D 65 -9.52 7.63 -26.76
N LEU D 66 -9.61 8.95 -26.96
CA LEU D 66 -9.56 9.90 -25.86
C LEU D 66 -10.71 9.66 -24.91
N ASP D 67 -11.92 9.56 -25.47
CA ASP D 67 -13.14 9.27 -24.70
C ASP D 67 -12.96 8.05 -23.80
N GLU D 68 -12.31 7.03 -24.33
CA GLU D 68 -12.03 5.84 -23.54
C GLU D 68 -11.08 6.14 -22.40
N VAL D 69 -10.00 6.86 -22.69
CA VAL D 69 -9.00 7.16 -21.67
C VAL D 69 -9.61 7.89 -20.48
N LYS D 70 -10.40 8.94 -20.74
CA LYS D 70 -10.98 9.75 -19.65
C LYS D 70 -11.81 8.88 -18.71
N THR D 71 -12.41 7.85 -19.27
CA THR D 71 -13.20 6.86 -18.55
C THR D 71 -12.31 6.08 -17.58
N LEU D 72 -11.07 5.86 -17.99
CA LEU D 72 -10.13 5.04 -17.24
C LEU D 72 -9.32 5.81 -16.18
N VAL D 73 -9.40 7.13 -16.21
CA VAL D 73 -8.62 7.97 -15.31
C VAL D 73 -9.53 8.91 -14.51
N SER D 74 -8.98 9.46 -13.44
CA SER D 74 -9.72 10.38 -12.57
C SER D 74 -10.03 11.68 -13.30
N THR D 75 -11.08 12.37 -12.85
CA THR D 75 -11.43 13.69 -13.37
C THR D 75 -10.32 14.71 -13.12
N GLU D 76 -9.65 14.55 -11.98
CA GLU D 76 -8.52 15.40 -11.62
C GLU D 76 -7.30 15.03 -12.45
N GLN D 77 -7.18 13.74 -12.77
CA GLN D 77 -6.12 13.27 -13.65
C GLN D 77 -6.31 13.80 -15.07
N TRP D 78 -7.56 13.74 -15.53
CA TRP D 78 -7.98 14.24 -16.84
C TRP D 78 -7.79 15.75 -16.96
N SER D 79 -8.00 16.49 -15.88
CA SER D 79 -7.93 17.95 -15.91
C SER D 79 -6.50 18.43 -16.09
N ARG D 80 -5.57 17.49 -16.03
CA ARG D 80 -4.18 17.76 -16.33
C ARG D 80 -3.84 17.37 -17.77
N PHE D 81 -4.87 17.05 -18.55
CA PHE D 81 -4.70 16.81 -19.97
C PHE D 81 -5.19 17.99 -20.78
N CYS D 82 -4.26 18.62 -21.49
CA CYS D 82 -4.62 19.72 -22.35
C CYS D 82 -4.56 19.23 -23.79
N PHE D 83 -5.69 18.79 -24.31
CA PHE D 83 -5.73 18.29 -25.68
C PHE D 83 -5.82 19.40 -26.69
N ILE D 84 -4.94 19.38 -27.69
CA ILE D 84 -5.00 20.37 -28.76
C ILE D 84 -5.13 19.69 -30.11
N GLU D 85 -6.29 19.88 -30.74
CA GLU D 85 -6.52 19.40 -32.09
C GLU D 85 -5.78 20.30 -33.07
N GLY D 86 -4.84 19.69 -33.80
CA GLY D 86 -4.00 20.40 -34.73
C GLY D 86 -3.10 19.45 -35.50
N ASP D 87 -2.47 19.98 -36.55
CA ASP D 87 -1.58 19.19 -37.38
C ASP D 87 -0.14 19.52 -37.00
N ILE D 88 0.74 18.52 -37.06
CA ILE D 88 2.17 18.73 -36.81
C ILE D 88 2.86 19.32 -38.02
N ARG D 89 2.19 19.30 -39.16
CA ARG D 89 2.74 19.89 -40.37
C ARG D 89 2.80 21.40 -40.19
N ASP D 90 1.91 21.90 -39.34
CA ASP D 90 1.93 23.31 -38.98
C ASP D 90 2.98 23.57 -37.91
N LEU D 91 4.04 24.29 -38.31
CA LEU D 91 5.14 24.60 -37.41
C LEU D 91 4.69 25.39 -36.20
N THR D 92 3.84 26.39 -36.43
CA THR D 92 3.28 27.20 -35.36
C THR D 92 2.65 26.37 -34.25
N THR D 93 1.77 25.43 -34.62
CA THR D 93 1.11 24.58 -33.64
C THR D 93 2.15 23.85 -32.80
N CYS D 94 3.14 23.30 -33.49
CA CYS D 94 4.24 22.59 -32.86
C CYS D 94 4.89 23.45 -31.79
N GLU D 95 5.21 24.69 -32.14
CA GLU D 95 5.82 25.61 -31.19
C GLU D 95 4.90 25.93 -30.02
N GLN D 96 3.61 26.11 -30.28
CA GLN D 96 2.63 26.38 -29.21
C GLN D 96 2.63 25.27 -28.17
N VAL D 97 2.42 24.03 -28.62
CA VAL D 97 2.23 22.92 -27.68
C VAL D 97 3.42 22.66 -26.74
N MET D 98 4.61 23.07 -27.17
CA MET D 98 5.86 22.88 -26.42
C MET D 98 5.95 23.77 -25.19
N LYS D 99 5.26 24.90 -25.21
CA LYS D 99 5.24 25.79 -24.06
C LYS D 99 5.17 24.96 -22.77
N GLY D 100 6.25 25.00 -21.99
CA GLY D 100 6.30 24.38 -20.67
C GLY D 100 6.47 22.87 -20.65
N VAL D 101 6.69 22.26 -21.81
CA VAL D 101 6.88 20.81 -21.88
C VAL D 101 8.24 20.41 -21.35
N ASP D 102 8.27 19.33 -20.58
CA ASP D 102 9.51 18.70 -20.14
C ASP D 102 9.89 17.56 -21.09
N HIS D 103 9.00 16.60 -21.25
CA HIS D 103 9.27 15.41 -22.05
C HIS D 103 8.38 15.35 -23.29
N VAL D 104 9.00 15.01 -24.41
CA VAL D 104 8.26 14.85 -25.65
C VAL D 104 8.22 13.39 -26.03
N LEU D 105 7.00 12.89 -26.21
CA LEU D 105 6.77 11.58 -26.78
C LEU D 105 6.12 11.78 -28.12
N HIS D 106 6.94 11.72 -29.17
CA HIS D 106 6.45 11.94 -30.52
C HIS D 106 6.03 10.62 -31.15
N GLN D 107 4.72 10.45 -31.28
CA GLN D 107 4.14 9.29 -31.95
C GLN D 107 3.28 9.73 -33.12
N ALA D 108 3.19 11.02 -33.38
CA ALA D 108 2.34 11.52 -34.46
C ALA D 108 2.95 11.23 -35.82
N ALA D 109 2.41 10.23 -36.50
CA ALA D 109 2.86 9.90 -37.84
C ALA D 109 1.84 9.03 -38.55
N LEU D 110 2.08 8.79 -39.85
CA LEU D 110 1.22 7.93 -40.62
C LEU D 110 1.91 6.63 -40.96
N GLY D 111 1.52 5.58 -40.25
CA GLY D 111 2.06 4.25 -40.47
C GLY D 111 1.52 3.66 -41.75
N SER D 112 1.64 2.33 -41.86
CA SER D 112 1.23 1.56 -43.02
C SER D 112 2.12 1.76 -44.25
N VAL D 113 2.87 0.72 -44.55
CA VAL D 113 3.69 0.66 -45.75
C VAL D 113 2.84 0.83 -47.02
N PRO D 114 1.67 0.14 -47.12
CA PRO D 114 0.86 0.30 -48.33
C PRO D 114 0.32 1.72 -48.52
N ARG D 115 0.02 2.40 -47.41
CA ARG D 115 -0.46 3.78 -47.49
C ARG D 115 0.54 4.68 -48.20
N SER D 116 1.81 4.54 -47.83
CA SER D 116 2.89 5.33 -48.38
C SER D 116 3.16 4.99 -49.84
N ILE D 117 2.99 3.72 -50.20
CA ILE D 117 3.18 3.30 -51.58
C ILE D 117 2.10 3.93 -52.46
N VAL D 118 0.89 4.01 -51.92
CA VAL D 118 -0.22 4.59 -52.68
C VAL D 118 -0.16 6.12 -52.66
N ASP D 119 0.26 6.70 -51.55
CA ASP D 119 0.35 8.14 -51.43
C ASP D 119 1.59 8.49 -50.60
N PRO D 120 2.74 8.65 -51.28
CA PRO D 120 3.96 8.97 -50.56
C PRO D 120 4.02 10.42 -50.12
N ILE D 121 3.34 11.30 -50.86
CA ILE D 121 3.35 12.74 -50.59
C ILE D 121 2.87 13.07 -49.18
N THR D 122 1.76 12.48 -48.79
CA THR D 122 1.13 12.77 -47.51
C THR D 122 1.91 12.13 -46.39
N THR D 123 2.40 10.92 -46.62
CA THR D 123 3.25 10.20 -45.67
C THR D 123 4.52 10.99 -45.41
N ASN D 124 5.14 11.47 -46.47
CA ASN D 124 6.25 12.38 -46.36
C ASN D 124 5.89 13.61 -45.54
N ALA D 125 4.84 14.30 -45.97
CA ALA D 125 4.37 15.53 -45.32
C ALA D 125 4.32 15.38 -43.81
N THR D 126 3.65 14.33 -43.34
CA THR D 126 3.44 14.10 -41.93
C THR D 126 4.68 13.53 -41.25
N ASN D 127 5.27 12.50 -41.85
CA ASN D 127 6.32 11.74 -41.18
C ASN D 127 7.70 12.41 -41.23
N ILE D 128 7.98 13.14 -42.30
CA ILE D 128 9.21 13.92 -42.37
C ILE D 128 8.98 15.38 -41.99
N THR D 129 8.08 16.07 -42.70
CA THR D 129 7.81 17.47 -42.40
C THR D 129 7.26 17.67 -41.00
N GLY D 130 6.23 16.90 -40.65
CA GLY D 130 5.65 16.96 -39.32
C GLY D 130 6.61 16.57 -38.21
N PHE D 131 7.50 15.62 -38.50
CA PHE D 131 8.49 15.22 -37.52
C PHE D 131 9.46 16.34 -37.28
N LEU D 132 10.04 16.87 -38.36
CA LEU D 132 11.06 17.90 -38.24
C LEU D 132 10.51 19.07 -37.43
N ASN D 133 9.24 19.37 -37.62
CA ASN D 133 8.58 20.45 -36.92
C ASN D 133 8.56 20.21 -35.43
N ILE D 134 8.19 19.01 -35.02
CA ILE D 134 8.21 18.62 -33.61
C ILE D 134 9.65 18.67 -33.06
N LEU D 135 10.57 17.93 -33.66
CA LEU D 135 11.99 17.99 -33.32
C LEU D 135 12.54 19.42 -33.22
N HIS D 136 12.21 20.27 -34.20
CA HIS D 136 12.76 21.61 -34.23
C HIS D 136 12.16 22.49 -33.13
N ALA D 137 10.84 22.44 -33.01
CA ALA D 137 10.12 23.18 -31.96
C ALA D 137 10.60 22.77 -30.58
N ALA D 138 10.82 21.47 -30.40
CA ALA D 138 11.29 20.91 -29.13
C ALA D 138 12.67 21.42 -28.79
N LYS D 139 13.53 21.47 -29.80
CA LYS D 139 14.91 21.89 -29.61
C LYS D 139 14.93 23.34 -29.19
N ASN D 140 14.02 24.13 -29.78
CA ASN D 140 13.93 25.56 -29.49
C ASN D 140 13.23 25.83 -28.17
N ALA D 141 12.34 24.91 -27.77
CA ALA D 141 11.76 24.92 -26.45
C ALA D 141 12.72 24.39 -25.39
N GLN D 142 13.83 23.79 -25.85
CA GLN D 142 14.85 23.20 -24.97
C GLN D 142 14.27 22.20 -23.97
N VAL D 143 13.34 21.37 -24.45
CA VAL D 143 12.71 20.32 -23.64
C VAL D 143 13.76 19.35 -23.07
N GLN D 144 13.39 18.66 -22.00
CA GLN D 144 14.32 17.78 -21.27
C GLN D 144 14.61 16.51 -22.03
N SER D 145 13.55 15.90 -22.56
CA SER D 145 13.68 14.65 -23.29
C SER D 145 13.02 14.81 -24.63
N PHE D 146 13.54 14.12 -25.63
CA PHE D 146 12.87 13.94 -26.90
C PHE D 146 12.93 12.47 -27.30
N THR D 147 11.76 11.87 -27.37
CA THR D 147 11.63 10.47 -27.70
C THR D 147 10.66 10.40 -28.86
N TYR D 148 11.10 9.82 -29.97
CA TYR D 148 10.25 9.66 -31.17
C TYR D 148 10.11 8.20 -31.53
N ALA D 149 8.98 7.87 -32.14
CA ALA D 149 8.71 6.56 -32.65
C ALA D 149 9.45 6.40 -33.97
N ALA D 150 10.40 5.47 -34.00
CA ALA D 150 11.03 5.05 -35.25
C ALA D 150 10.42 3.70 -35.64
N SER D 151 11.05 2.96 -36.55
CA SER D 151 10.43 1.77 -37.12
C SER D 151 11.39 0.69 -37.54
N SER D 152 11.01 -0.56 -37.30
CA SER D 152 11.78 -1.70 -37.74
C SER D 152 11.90 -1.76 -39.26
N SER D 153 11.06 -0.99 -39.96
CA SER D 153 11.09 -0.97 -41.41
C SER D 153 12.33 -0.24 -41.95
N THR D 154 13.03 0.47 -41.06
CA THR D 154 14.31 1.10 -41.40
C THR D 154 15.36 0.04 -41.73
N TYR D 155 15.22 -1.14 -41.14
CA TYR D 155 16.13 -2.26 -41.41
C TYR D 155 16.12 -2.67 -42.87
N GLY D 156 15.00 -2.38 -43.55
CA GLY D 156 14.86 -2.59 -44.99
C GLY D 156 15.22 -3.99 -45.46
N ASP D 157 16.18 -4.07 -46.38
CA ASP D 157 16.54 -5.34 -47.03
C ASP D 157 17.65 -6.12 -46.32
N HIS D 158 18.28 -5.50 -45.32
CA HIS D 158 19.36 -6.13 -44.56
C HIS D 158 18.93 -7.52 -44.07
N PRO D 159 19.77 -8.54 -44.29
CA PRO D 159 19.36 -9.92 -44.05
C PRO D 159 19.48 -10.41 -42.59
N ALA D 160 20.04 -9.58 -41.70
CA ALA D 160 20.33 -9.99 -40.32
C ALA D 160 19.09 -10.40 -39.52
N LEU D 161 19.27 -11.34 -38.59
CA LEU D 161 18.24 -11.77 -37.65
C LEU D 161 18.85 -12.40 -36.39
N PRO D 162 18.47 -11.90 -35.21
CA PRO D 162 17.61 -10.73 -35.03
C PRO D 162 18.26 -9.44 -35.57
N LYS D 163 17.48 -8.35 -35.63
CA LYS D 163 17.92 -7.07 -36.18
C LYS D 163 18.52 -6.17 -35.10
N VAL D 164 19.84 -5.95 -35.16
CA VAL D 164 20.51 -5.01 -34.24
C VAL D 164 20.66 -3.63 -34.89
N GLU D 165 20.82 -2.61 -34.05
CA GLU D 165 20.55 -1.22 -34.40
C GLU D 165 21.55 -0.55 -35.36
N GLU D 166 22.79 -1.01 -35.37
CA GLU D 166 23.81 -0.43 -36.24
C GLU D 166 23.69 -0.97 -37.66
N ASN D 167 23.10 -2.15 -37.78
CA ASN D 167 23.03 -2.86 -39.05
C ASN D 167 21.69 -2.63 -39.75
N ILE D 168 21.66 -1.67 -40.66
CA ILE D 168 20.49 -1.42 -41.48
C ILE D 168 20.82 -1.49 -42.97
N GLY D 169 19.78 -1.71 -43.78
CA GLY D 169 19.94 -1.79 -45.21
C GLY D 169 19.18 -0.66 -45.86
N ASN D 170 18.75 -0.90 -47.10
CA ASN D 170 17.98 0.05 -47.88
C ASN D 170 16.51 0.02 -47.48
N PRO D 171 15.88 1.20 -47.35
CA PRO D 171 14.44 1.22 -47.08
C PRO D 171 13.65 0.61 -48.23
N LEU D 172 12.59 -0.12 -47.91
CA LEU D 172 11.84 -0.85 -48.95
C LEU D 172 10.54 -0.16 -49.38
N SER D 173 10.27 1.02 -48.83
CA SER D 173 9.03 1.75 -49.09
C SER D 173 9.14 3.21 -48.65
N PRO D 174 8.29 4.11 -49.22
CA PRO D 174 8.23 5.50 -48.78
C PRO D 174 8.12 5.63 -47.27
N TYR D 175 7.23 4.84 -46.66
CA TYR D 175 7.11 4.83 -45.21
C TYR D 175 8.46 4.58 -44.55
N ALA D 176 9.13 3.50 -44.96
CA ALA D 176 10.43 3.14 -44.38
C ALA D 176 11.41 4.31 -44.47
N VAL D 177 11.37 5.01 -45.61
CA VAL D 177 12.18 6.21 -45.80
C VAL D 177 11.86 7.25 -44.74
N THR D 178 10.59 7.64 -44.65
CA THR D 178 10.20 8.72 -43.76
C THR D 178 10.71 8.45 -42.34
N LYS D 179 10.56 7.21 -41.88
CA LYS D 179 11.03 6.81 -40.56
C LYS D 179 12.54 6.83 -40.44
N TYR D 180 13.24 6.33 -41.45
CA TYR D 180 14.70 6.42 -41.47
C TYR D 180 15.16 7.87 -41.30
N VAL D 181 14.52 8.77 -42.05
CA VAL D 181 14.82 10.20 -42.04
C VAL D 181 14.59 10.84 -40.68
N ASN D 182 13.66 10.29 -39.90
CA ASN D 182 13.44 10.77 -38.54
C ASN D 182 14.68 10.53 -37.69
N GLU D 183 15.30 9.37 -37.88
CA GLU D 183 16.51 9.01 -37.15
C GLU D 183 17.63 9.90 -37.62
N ILE D 184 17.74 10.07 -38.93
CA ILE D 184 18.80 10.86 -39.54
C ILE D 184 18.69 12.30 -39.11
N TYR D 185 17.47 12.83 -39.11
CA TYR D 185 17.29 14.20 -38.63
C TYR D 185 17.72 14.27 -37.19
N ALA D 186 17.28 13.30 -36.39
CA ALA D 186 17.60 13.25 -34.97
C ALA D 186 19.12 13.32 -34.67
N GLN D 187 19.90 12.56 -35.44
CA GLN D 187 21.36 12.50 -35.31
C GLN D 187 21.99 13.85 -35.60
N VAL D 188 21.52 14.47 -36.69
CA VAL D 188 22.05 15.73 -37.17
C VAL D 188 21.86 16.77 -36.08
N TYR D 189 20.69 16.74 -35.45
CA TYR D 189 20.32 17.66 -34.40
C TYR D 189 21.22 17.56 -33.16
N ALA D 190 21.60 16.34 -32.81
CA ALA D 190 22.63 16.13 -31.78
C ALA D 190 23.92 16.79 -32.23
N ARG D 191 24.42 16.37 -33.39
CA ARG D 191 25.67 16.87 -33.96
C ARG D 191 25.75 18.40 -34.04
N THR D 192 24.66 19.03 -34.45
CA THR D 192 24.68 20.44 -34.82
C THR D 192 24.05 21.40 -33.81
N TYR D 193 23.19 20.89 -32.96
CA TYR D 193 22.56 21.75 -31.97
C TYR D 193 22.87 21.28 -30.55
N GLY D 194 23.19 20.00 -30.42
CA GLY D 194 23.47 19.41 -29.12
C GLY D 194 22.21 18.82 -28.53
N PHE D 195 21.19 18.66 -29.36
CA PHE D 195 19.89 18.19 -28.90
C PHE D 195 19.80 16.67 -29.04
N LYS D 196 20.04 15.96 -27.93
CA LYS D 196 20.06 14.50 -27.91
C LYS D 196 18.66 13.90 -27.74
N THR D 197 18.29 13.03 -28.69
CA THR D 197 16.98 12.42 -28.81
C THR D 197 17.07 10.91 -28.57
N ILE D 198 15.92 10.26 -28.39
CA ILE D 198 15.88 8.80 -28.40
C ILE D 198 14.83 8.32 -29.40
N GLY D 199 15.29 7.50 -30.35
CA GLY D 199 14.43 6.95 -31.38
C GLY D 199 14.08 5.52 -31.03
N LEU D 200 12.79 5.23 -31.05
CA LEU D 200 12.34 3.89 -30.71
C LEU D 200 11.89 3.12 -31.95
N ARG D 201 12.73 2.18 -32.39
CA ARG D 201 12.39 1.30 -33.51
C ARG D 201 11.34 0.27 -33.12
N TYR D 202 10.10 0.59 -33.48
CA TYR D 202 8.95 -0.25 -33.13
C TYR D 202 8.88 -1.46 -34.04
N PHE D 203 8.63 -2.60 -33.43
CA PHE D 203 8.38 -3.84 -34.15
C PHE D 203 6.97 -4.29 -33.82
N ASN D 204 6.00 -3.93 -34.67
CA ASN D 204 4.67 -4.56 -34.64
C ASN D 204 3.99 -4.54 -33.27
N VAL D 205 3.65 -3.33 -32.85
CA VAL D 205 2.98 -3.08 -31.58
C VAL D 205 1.49 -3.37 -31.72
N PHE D 206 0.96 -4.15 -30.78
CA PHE D 206 -0.47 -4.43 -30.71
C PHE D 206 -1.00 -4.18 -29.31
N GLY D 207 -2.32 -4.20 -29.17
CA GLY D 207 -2.97 -4.04 -27.88
C GLY D 207 -4.19 -3.13 -27.94
N ARG D 208 -4.76 -2.86 -26.77
CA ARG D 208 -5.89 -1.96 -26.62
C ARG D 208 -5.75 -0.71 -27.50
N ARG D 209 -6.74 -0.48 -28.35
CA ARG D 209 -6.91 0.74 -29.16
C ARG D 209 -6.09 0.84 -30.47
N GLN D 210 -5.48 -0.27 -30.89
CA GLN D 210 -4.94 -0.34 -32.24
C GLN D 210 -6.08 -0.59 -33.20
N ASP D 211 -6.26 0.34 -34.14
CA ASP D 211 -7.46 0.38 -34.98
C ASP D 211 -7.70 -0.89 -35.80
N PRO D 212 -8.81 -1.59 -35.51
CA PRO D 212 -9.14 -2.81 -36.26
C PRO D 212 -9.81 -2.52 -37.60
N ASN D 213 -10.22 -1.27 -37.83
CA ASN D 213 -10.87 -0.88 -39.08
C ASN D 213 -9.91 -0.20 -40.04
N GLY D 214 -10.43 0.20 -41.20
CA GLY D 214 -9.61 0.78 -42.25
C GLY D 214 -8.89 -0.28 -43.05
N ALA D 215 -8.57 0.07 -44.30
CA ALA D 215 -7.79 -0.81 -45.15
C ALA D 215 -6.38 -1.05 -44.59
N TYR D 216 -5.85 -0.08 -43.85
CA TYR D 216 -4.50 -0.21 -43.26
C TYR D 216 -4.48 -0.68 -41.79
N ALA D 217 -5.45 -1.49 -41.41
CA ALA D 217 -5.42 -2.09 -40.09
C ALA D 217 -4.23 -3.04 -40.03
N ALA D 218 -3.54 -3.02 -38.90
CA ALA D 218 -2.46 -3.98 -38.61
C ALA D 218 -3.00 -5.40 -38.49
N VAL D 219 -2.13 -6.39 -38.61
CA VAL D 219 -2.58 -7.79 -38.70
C VAL D 219 -3.49 -8.26 -37.54
N ILE D 220 -3.04 -8.06 -36.31
CA ILE D 220 -3.76 -8.55 -35.11
C ILE D 220 -5.18 -7.97 -34.95
N PRO D 221 -5.34 -6.63 -35.04
CA PRO D 221 -6.70 -6.09 -34.98
C PRO D 221 -7.55 -6.43 -36.21
N LYS D 222 -6.90 -6.54 -37.36
CA LYS D 222 -7.58 -6.95 -38.59
C LYS D 222 -8.12 -8.38 -38.46
N TRP D 223 -7.29 -9.28 -37.94
CA TRP D 223 -7.63 -10.70 -37.80
C TRP D 223 -8.59 -10.93 -36.65
N THR D 224 -8.43 -10.13 -35.61
CA THR D 224 -9.33 -10.23 -34.46
C THR D 224 -10.71 -9.69 -34.85
N ALA D 225 -10.74 -8.54 -35.54
CA ALA D 225 -11.99 -7.99 -36.08
C ALA D 225 -12.76 -9.00 -36.94
N ALA D 226 -12.00 -9.73 -37.76
CA ALA D 226 -12.56 -10.71 -38.70
C ALA D 226 -12.94 -12.05 -38.04
N MET D 227 -12.29 -12.36 -36.92
CA MET D 227 -12.63 -13.58 -36.16
C MET D 227 -13.80 -13.38 -35.21
N LEU D 228 -14.19 -12.13 -35.00
CA LEU D 228 -15.40 -11.83 -34.23
C LEU D 228 -16.58 -11.62 -35.15
N LYS D 229 -16.33 -11.23 -36.39
CA LYS D 229 -17.36 -11.12 -37.41
C LYS D 229 -17.57 -12.47 -38.11
N GLY D 230 -16.56 -13.33 -38.03
CA GLY D 230 -16.58 -14.62 -38.70
C GLY D 230 -16.06 -14.50 -40.11
N ASP D 231 -15.47 -13.34 -40.43
CA ASP D 231 -14.89 -13.07 -41.74
C ASP D 231 -13.70 -13.97 -42.06
N ASP D 232 -13.44 -14.15 -43.35
CA ASP D 232 -12.24 -14.85 -43.83
C ASP D 232 -10.98 -14.13 -43.35
N VAL D 233 -10.04 -14.92 -42.84
CA VAL D 233 -8.76 -14.42 -42.35
C VAL D 233 -7.75 -14.50 -43.49
N TYR D 234 -7.26 -13.35 -43.92
CA TYR D 234 -6.35 -13.30 -45.06
C TYR D 234 -4.87 -13.32 -44.66
N ILE D 235 -4.12 -14.28 -45.19
CA ILE D 235 -2.67 -14.38 -44.96
C ILE D 235 -1.91 -13.97 -46.22
N ASN D 236 -1.12 -12.90 -46.12
CA ASN D 236 -0.35 -12.43 -47.26
C ASN D 236 0.95 -13.19 -47.42
N GLY D 237 0.96 -14.12 -48.37
CA GLY D 237 2.13 -14.95 -48.63
C GLY D 237 1.87 -16.41 -48.29
N ASP D 238 2.94 -17.15 -48.08
CA ASP D 238 2.85 -18.58 -47.72
C ASP D 238 2.36 -18.78 -46.30
N GLY D 239 2.69 -17.82 -45.42
CA GLY D 239 2.26 -17.85 -44.03
C GLY D 239 3.41 -17.92 -43.04
N GLU D 240 4.62 -18.14 -43.55
CA GLU D 240 5.77 -18.28 -42.67
C GLU D 240 6.47 -16.94 -42.39
N THR D 241 5.95 -15.87 -42.98
CA THR D 241 6.41 -14.51 -42.67
C THR D 241 6.32 -14.32 -41.16
N SER D 242 7.40 -13.87 -40.53
CA SER D 242 7.47 -13.78 -39.07
C SER D 242 7.72 -12.37 -38.54
N ARG D 243 7.13 -12.07 -37.39
CA ARG D 243 7.23 -10.77 -36.75
C ARG D 243 7.65 -10.89 -35.28
N ASP D 244 8.21 -9.80 -34.76
CA ASP D 244 8.46 -9.67 -33.35
C ASP D 244 7.31 -8.86 -32.78
N PHE D 245 6.27 -9.54 -32.32
CA PHE D 245 5.08 -8.85 -31.85
C PHE D 245 5.26 -8.30 -30.44
N CYS D 246 4.96 -7.01 -30.31
CA CYS D 246 5.29 -6.27 -29.11
C CYS D 246 4.07 -5.61 -28.51
N TYR D 247 3.60 -6.16 -27.39
CA TYR D 247 2.47 -5.60 -26.66
C TYR D 247 2.78 -4.18 -26.20
N ILE D 248 1.75 -3.32 -26.16
CA ILE D 248 1.91 -1.89 -25.91
C ILE D 248 2.72 -1.59 -24.67
N ASP D 249 2.45 -2.33 -23.59
CA ASP D 249 3.07 -2.06 -22.30
C ASP D 249 4.57 -1.96 -22.43
N ASN D 250 5.15 -2.86 -23.24
CA ASN D 250 6.56 -2.83 -23.54
C ASN D 250 7.00 -1.51 -24.18
N VAL D 251 6.20 -1.03 -25.12
CA VAL D 251 6.44 0.27 -25.75
C VAL D 251 6.33 1.39 -24.73
N ILE D 252 5.32 1.30 -23.87
CA ILE D 252 5.11 2.34 -22.88
C ILE D 252 6.33 2.41 -21.98
N GLN D 253 6.72 1.25 -21.43
CA GLN D 253 7.97 1.10 -20.69
C GLN D 253 9.10 1.79 -21.42
N MET D 254 9.22 1.48 -22.71
CA MET D 254 10.25 2.00 -23.55
C MET D 254 10.24 3.53 -23.63
N ASN D 255 9.05 4.12 -23.76
CA ASN D 255 8.93 5.57 -23.92
C ASN D 255 9.22 6.38 -22.67
N ILE D 256 8.84 5.81 -21.53
CA ILE D 256 9.08 6.43 -20.24
C ILE D 256 10.55 6.28 -19.84
N LEU D 257 11.13 5.10 -20.12
CA LEU D 257 12.54 4.86 -19.85
C LEU D 257 13.41 5.79 -20.66
N SER D 258 12.99 6.05 -21.89
CA SER D 258 13.70 6.93 -22.81
C SER D 258 13.63 8.37 -22.33
N ALA D 259 12.46 8.77 -21.84
CA ALA D 259 12.24 10.13 -21.40
C ALA D 259 13.16 10.49 -20.23
N LEU D 260 13.26 9.61 -19.25
CA LEU D 260 14.12 9.90 -18.10
C LEU D 260 15.46 9.18 -18.12
N ALA D 261 15.93 8.87 -19.32
CA ALA D 261 17.25 8.25 -19.53
C ALA D 261 18.35 9.27 -19.33
N LYS D 262 19.54 8.80 -18.93
CA LYS D 262 20.66 9.70 -18.71
C LYS D 262 21.20 10.19 -20.05
N ASP D 263 21.85 11.35 -20.03
CA ASP D 263 22.40 11.96 -21.25
C ASP D 263 23.23 10.98 -22.07
N SER D 264 24.05 10.17 -21.39
CA SER D 264 24.92 9.19 -22.06
C SER D 264 24.14 8.16 -22.87
N ALA D 265 22.85 7.98 -22.54
CA ALA D 265 22.01 7.00 -23.21
C ALA D 265 21.12 7.61 -24.30
N LYS D 266 21.31 8.91 -24.54
CA LYS D 266 20.54 9.63 -25.55
C LYS D 266 21.32 9.70 -26.86
N ASP D 267 20.80 10.45 -27.84
CA ASP D 267 21.24 10.33 -29.24
C ASP D 267 21.50 8.86 -29.54
N ASN D 268 20.46 8.06 -29.30
CA ASN D 268 20.51 6.63 -29.50
C ASN D 268 19.20 6.09 -30.02
N ILE D 269 19.30 5.01 -30.78
CA ILE D 269 18.13 4.35 -31.32
C ILE D 269 18.07 2.97 -30.71
N TYR D 270 16.88 2.61 -30.21
CA TYR D 270 16.63 1.29 -29.61
C TYR D 270 15.48 0.55 -30.28
N ASN D 271 15.71 -0.72 -30.57
CA ASN D 271 14.63 -1.62 -30.91
C ASN D 271 13.65 -1.72 -29.76
N VAL D 272 12.37 -1.49 -30.03
CA VAL D 272 11.33 -1.83 -29.09
C VAL D 272 10.71 -3.14 -29.55
N ALA D 273 10.94 -4.19 -28.78
CA ALA D 273 10.30 -5.47 -29.03
C ALA D 273 10.52 -6.39 -27.84
N VAL D 274 10.22 -7.67 -28.03
CA VAL D 274 10.39 -8.68 -26.98
C VAL D 274 11.67 -9.48 -27.26
N GLY D 275 11.96 -9.67 -28.54
CA GLY D 275 13.07 -10.51 -28.98
C GLY D 275 12.63 -11.86 -29.51
N ASP D 276 11.33 -12.14 -29.46
CA ASP D 276 10.78 -13.38 -29.98
C ASP D 276 10.36 -13.29 -31.46
N ARG D 277 10.25 -14.45 -32.10
CA ARG D 277 9.83 -14.53 -33.49
C ARG D 277 8.57 -15.38 -33.62
N THR D 278 7.52 -14.78 -34.19
CA THR D 278 6.24 -15.46 -34.40
C THR D 278 5.81 -15.32 -35.84
N THR D 279 5.53 -16.45 -36.50
CA THR D 279 5.07 -16.47 -37.89
C THR D 279 3.58 -16.20 -37.96
N LEU D 280 3.11 -15.84 -39.16
CA LEU D 280 1.69 -15.54 -39.36
C LEU D 280 0.85 -16.79 -39.14
N ASN D 281 1.33 -17.91 -39.65
CA ASN D 281 0.72 -19.21 -39.37
C ASN D 281 0.53 -19.42 -37.88
N GLU D 282 1.49 -18.96 -37.08
CA GLU D 282 1.45 -19.13 -35.63
C GLU D 282 0.53 -18.11 -34.97
N LEU D 283 0.68 -16.85 -35.40
CA LEU D 283 -0.16 -15.76 -34.91
C LEU D 283 -1.63 -16.14 -34.97
N SER D 284 -2.05 -16.58 -36.16
CA SER D 284 -3.42 -17.01 -36.41
C SER D 284 -3.91 -18.02 -35.39
N GLY D 285 -3.03 -18.95 -35.02
CA GLY D 285 -3.33 -19.93 -33.98
C GLY D 285 -3.54 -19.28 -32.64
N TYR D 286 -2.69 -18.31 -32.30
CA TYR D 286 -2.77 -17.62 -31.01
C TYR D 286 -4.03 -16.76 -30.88
N ILE D 287 -4.34 -15.99 -31.92
CA ILE D 287 -5.52 -15.12 -31.91
C ILE D 287 -6.80 -15.95 -31.76
N TYR D 288 -6.87 -17.07 -32.47
CA TYR D 288 -8.01 -17.96 -32.36
C TYR D 288 -8.13 -18.53 -30.95
N ASP D 289 -7.03 -19.08 -30.44
CA ASP D 289 -7.00 -19.72 -29.12
C ASP D 289 -7.35 -18.75 -27.99
N GLU D 290 -6.87 -17.51 -28.07
CA GLU D 290 -7.16 -16.50 -27.04
C GLU D 290 -8.55 -15.88 -27.19
N LEU D 291 -9.13 -15.97 -28.39
CA LEU D 291 -10.52 -15.53 -28.59
C LEU D 291 -11.53 -16.62 -28.20
N ASN D 292 -11.20 -17.88 -28.48
CA ASN D 292 -12.06 -18.98 -28.06
C ASN D 292 -12.09 -19.20 -26.55
N LEU D 293 -11.11 -18.63 -25.85
CA LEU D 293 -11.12 -18.57 -24.39
C LEU D 293 -12.08 -17.47 -23.91
N ILE D 294 -12.71 -16.79 -24.86
CA ILE D 294 -13.75 -15.80 -24.56
C ILE D 294 -14.98 -15.90 -25.52
N HIS D 295 -15.22 -17.13 -25.99
CA HIS D 295 -16.55 -17.67 -26.44
C HIS D 295 -17.19 -17.28 -27.79
N HIS D 296 -16.47 -17.45 -28.91
CA HIS D 296 -17.06 -17.11 -30.21
C HIS D 296 -16.80 -18.15 -31.29
N ILE D 302 -9.80 -18.93 -42.63
CA ILE D 302 -8.44 -18.64 -43.06
C ILE D 302 -8.24 -18.91 -44.56
N LYS D 303 -7.73 -17.91 -45.27
CA LYS D 303 -7.42 -18.00 -46.69
C LYS D 303 -6.04 -17.39 -46.98
N TYR D 304 -5.35 -17.97 -47.97
CA TYR D 304 -3.99 -17.54 -48.35
C TYR D 304 -3.95 -16.79 -49.68
N ARG D 305 -3.12 -15.75 -49.74
CA ARG D 305 -2.91 -14.99 -50.97
C ARG D 305 -1.42 -14.62 -51.17
N GLU D 306 -1.13 -13.78 -52.15
CA GLU D 306 0.26 -13.39 -52.45
C GLU D 306 0.83 -12.38 -51.45
N PHE D 307 2.15 -12.21 -51.46
CA PHE D 307 2.87 -11.32 -50.54
C PHE D 307 2.52 -9.86 -50.72
N ARG D 308 2.64 -9.09 -49.64
CA ARG D 308 2.63 -7.62 -49.73
C ARG D 308 3.93 -7.18 -50.41
N SER D 309 3.83 -6.22 -51.33
CA SER D 309 5.03 -5.60 -51.89
C SER D 309 5.50 -4.52 -50.90
N GLY D 310 6.82 -4.43 -50.72
CA GLY D 310 7.40 -3.63 -49.66
C GLY D 310 7.44 -4.40 -48.35
N ASP D 311 7.03 -5.67 -48.41
CA ASP D 311 6.96 -6.56 -47.25
C ASP D 311 8.32 -7.17 -46.93
N VAL D 312 8.81 -6.88 -45.72
CA VAL D 312 9.97 -7.57 -45.15
C VAL D 312 9.55 -9.00 -44.79
N ARG D 313 10.40 -9.97 -45.06
CA ARG D 313 10.03 -11.38 -44.91
C ARG D 313 10.02 -11.86 -43.45
N HIS D 314 11.13 -11.63 -42.74
CA HIS D 314 11.23 -12.00 -41.33
C HIS D 314 11.57 -10.76 -40.52
N SER D 315 11.08 -10.71 -39.29
CA SER D 315 11.43 -9.63 -38.37
C SER D 315 11.51 -10.11 -36.93
N GLN D 316 12.59 -9.70 -36.27
CA GLN D 316 12.87 -10.04 -34.88
C GLN D 316 13.95 -9.08 -34.42
N ALA D 317 13.75 -8.53 -33.23
CA ALA D 317 14.66 -7.55 -32.66
C ALA D 317 15.66 -8.18 -31.72
N ASP D 318 16.86 -7.62 -31.74
CA ASP D 318 17.82 -7.81 -30.67
C ASP D 318 17.58 -6.61 -29.79
N VAL D 319 17.15 -6.88 -28.56
CA VAL D 319 16.72 -5.84 -27.64
C VAL D 319 17.74 -5.65 -26.52
N THR D 320 18.88 -6.34 -26.63
CA THR D 320 19.91 -6.32 -25.57
C THR D 320 20.49 -4.93 -25.30
N LYS D 321 20.56 -4.09 -26.32
CA LYS D 321 21.00 -2.71 -26.15
C LYS D 321 20.07 -1.97 -25.17
N ALA D 322 18.77 -2.02 -25.45
CA ALA D 322 17.76 -1.43 -24.59
C ALA D 322 17.85 -1.93 -23.15
N ILE D 323 18.09 -3.25 -23.00
CA ILE D 323 18.28 -3.89 -21.70
C ILE D 323 19.52 -3.33 -20.97
N ASP D 324 20.64 -3.24 -21.70
CA ASP D 324 21.89 -2.75 -21.14
C ASP D 324 21.84 -1.28 -20.78
N LEU D 325 21.38 -0.46 -21.72
CA LEU D 325 21.51 0.99 -21.57
C LEU D 325 20.31 1.69 -20.93
N LEU D 326 19.10 1.21 -21.20
CA LEU D 326 17.90 1.80 -20.60
C LEU D 326 17.39 1.00 -19.40
N LYS D 327 17.90 -0.22 -19.23
CA LYS D 327 17.42 -1.17 -18.20
C LYS D 327 16.02 -1.71 -18.53
N TYR D 328 15.74 -1.80 -19.83
CA TYR D 328 14.48 -2.30 -20.34
C TYR D 328 14.22 -3.75 -19.94
N ARG D 329 12.95 -4.08 -19.68
CA ARG D 329 12.57 -5.45 -19.37
C ARG D 329 11.33 -5.84 -20.19
N PRO D 330 11.54 -6.56 -21.30
CA PRO D 330 10.44 -7.04 -22.14
C PRO D 330 9.69 -8.18 -21.43
N ASN D 331 8.84 -7.80 -20.48
CA ASN D 331 8.19 -8.75 -19.60
C ASN D 331 6.98 -9.43 -20.23
N ILE D 332 6.31 -8.73 -21.13
CA ILE D 332 5.09 -9.25 -21.75
C ILE D 332 5.32 -9.77 -23.18
N LYS D 333 5.32 -11.10 -23.30
CA LYS D 333 5.45 -11.78 -24.58
C LYS D 333 4.13 -11.77 -25.35
N ILE D 334 4.17 -12.28 -26.58
CA ILE D 334 3.02 -12.20 -27.49
C ILE D 334 1.72 -12.85 -26.98
N ARG D 335 1.82 -14.05 -26.43
CA ARG D 335 0.64 -14.80 -25.99
C ARG D 335 -0.04 -14.08 -24.81
N GLU D 336 0.76 -13.65 -23.85
CA GLU D 336 0.27 -12.91 -22.68
C GLU D 336 -0.35 -11.58 -23.10
N GLY D 337 0.28 -10.91 -24.07
CA GLY D 337 -0.23 -9.66 -24.62
C GLY D 337 -1.59 -9.82 -25.30
N LEU D 338 -1.72 -10.85 -26.14
CA LEU D 338 -2.98 -11.11 -26.82
C LEU D 338 -4.08 -11.31 -25.78
N ARG D 339 -3.78 -12.06 -24.73
CA ARG D 339 -4.68 -12.31 -23.62
C ARG D 339 -5.20 -11.00 -22.99
N LEU D 340 -4.35 -9.99 -22.92
CA LEU D 340 -4.73 -8.70 -22.37
C LEU D 340 -5.38 -7.80 -23.42
N SER D 341 -5.19 -8.12 -24.69
CA SER D 341 -5.73 -7.30 -25.79
C SER D 341 -7.14 -7.72 -26.19
N MET D 342 -7.36 -9.03 -26.26
CA MET D 342 -8.61 -9.59 -26.77
C MET D 342 -9.88 -9.00 -26.14
N PRO D 343 -10.00 -9.02 -24.79
CA PRO D 343 -11.26 -8.56 -24.19
C PRO D 343 -11.68 -7.18 -24.68
N TRP D 344 -10.70 -6.30 -24.88
CA TRP D 344 -10.92 -4.95 -25.41
C TRP D 344 -11.59 -5.02 -26.77
N TYR D 345 -11.01 -5.82 -27.68
CA TYR D 345 -11.55 -6.02 -29.03
C TYR D 345 -12.93 -6.67 -29.01
N VAL D 346 -13.12 -7.66 -28.15
CA VAL D 346 -14.44 -8.26 -27.93
C VAL D 346 -15.43 -7.13 -27.58
N ARG D 347 -15.09 -6.35 -26.55
CA ARG D 347 -15.93 -5.25 -26.10
C ARG D 347 -16.09 -4.17 -27.17
N PHE D 348 -14.99 -3.76 -27.80
CA PHE D 348 -15.01 -2.68 -28.78
C PHE D 348 -15.84 -3.00 -30.02
N LEU D 349 -16.19 -4.27 -30.21
CA LEU D 349 -16.86 -4.70 -31.44
C LEU D 349 -18.29 -5.25 -31.26
N LYS D 350 -18.50 -6.00 -30.17
CA LYS D 350 -19.73 -6.79 -29.95
C LYS D 350 -21.02 -6.23 -30.56
PA NAD E . 15.18 -27.61 14.95
O1A NAD E . 15.45 -26.16 14.99
O2A NAD E . 16.22 -28.53 14.41
O5B NAD E . 14.89 -28.13 16.40
C5B NAD E . 13.78 -27.68 17.14
C4B NAD E . 14.14 -27.53 18.63
O4B NAD E . 13.70 -28.70 19.38
C3B NAD E . 15.66 -27.41 18.84
O3B NAD E . 15.94 -26.24 19.57
C2B NAD E . 16.02 -28.65 19.64
O2B NAD E . 17.12 -28.42 20.52
C1B NAD E . 14.71 -28.84 20.41
N9A NAD E . 14.64 -30.17 21.00
C8A NAD E . 14.89 -31.33 20.39
N7A NAD E . 14.71 -32.32 21.27
C5A NAD E . 14.34 -31.79 22.42
C6A NAD E . 14.01 -32.31 23.66
N6A NAD E . 14.04 -33.63 23.89
N1A NAD E . 13.65 -31.47 24.65
C2A NAD E . 13.62 -30.16 24.44
N3A NAD E . 13.92 -29.62 23.26
C4A NAD E . 14.28 -30.42 22.25
O3 NAD E . 13.79 -27.90 14.18
PN NAD E . 12.78 -26.80 13.56
O1N NAD E . 13.01 -25.47 14.14
O2N NAD E . 12.74 -26.97 12.10
O5D NAD E . 11.43 -27.23 14.18
C5D NAD E . 10.83 -28.29 13.63
C4D NAD E . 9.81 -28.87 14.56
O4D NAD E . 8.67 -29.18 13.76
C3D NAD E . 10.33 -30.22 15.01
O3D NAD E . 9.41 -30.72 16.00
C2D NAD E . 10.22 -30.99 13.71
O2D NAD E . 10.18 -32.40 13.94
C1D NAD E . 8.87 -30.53 13.21
N1N NAD E . 8.85 -30.35 11.75
C2N NAD E . 9.80 -29.53 11.12
C3N NAD E . 9.78 -29.36 9.76
C7N NAD E . 10.82 -28.44 9.07
O7N NAD E . 10.48 -27.57 8.29
N7N NAD E . 12.09 -28.69 9.39
C4N NAD E . 8.80 -30.02 9.02
C5N NAD E . 7.84 -30.85 9.63
C6N NAD E . 7.88 -31.01 11.01
N1 UD6 F . 18.28 -33.07 -0.64
C2 UD6 F . 19.16 -32.82 -1.69
O2 UD6 F . 18.87 -33.17 -2.84
N3 UD6 F . 20.38 -32.18 -1.46
C4 UD6 F . 20.72 -31.78 -0.16
O4 UD6 F . 21.81 -31.22 0.03
C5 UD6 F . 19.85 -32.03 0.90
C6 UD6 F . 18.63 -32.66 0.67
PA UD6 F . 15.03 -31.63 3.22
PB UD6 F . 12.55 -33.08 3.60
C1' UD6 F . 10.82 -33.70 5.44
O1' UD6 F . 11.56 -32.69 4.77
O1A UD6 F . 15.89 -32.32 4.20
C1B UD6 F . 17.00 -33.76 -0.92
O1B UD6 F . 11.82 -33.10 2.32
C2' UD6 F . 9.33 -33.30 5.33
O2' UD6 F . 16.67 -35.89 0.31
O2A UD6 F . 15.30 -30.21 2.89
C2B UD6 F . 16.32 -34.50 0.25
O2B UD6 F . 13.30 -34.29 4.04
C3' UD6 F . 9.14 -31.94 6.02
O3' UD6 F . 7.76 -31.55 6.04
O3A UD6 F . 13.49 -31.74 3.70
C3B UD6 F . 14.86 -34.31 -0.11
O3B UD6 F . 14.52 -35.16 -1.22
C4' UD6 F . 9.60 -32.10 7.45
O4' UD6 F . 8.80 -33.12 8.06
C4B UD6 F . 14.84 -32.86 -0.57
O4B UD6 F . 16.09 -32.70 -1.32
C5' UD6 F . 11.10 -32.47 7.51
O5' UD6 F . 11.30 -33.76 6.84
C5B UD6 F . 14.72 -31.82 0.60
O5B UD6 F . 14.99 -32.45 1.85
C6' UD6 F . 11.57 -32.40 8.98
O6' UD6 F . 12.38 -33.53 9.29
C7' UD6 F . 8.43 -34.42 3.24
O7' UD6 F . 8.49 -35.49 3.84
C8' UD6 F . 7.92 -34.35 1.81
C9' UD6 F . 8.84 -33.24 3.88
S SO4 G . 25.35 -23.14 20.67
O1 SO4 G . 24.14 -23.25 21.46
O2 SO4 G . 25.13 -23.73 19.36
O3 SO4 G . 25.72 -21.74 20.51
O4 SO4 G . 26.42 -23.86 21.37
S SO4 H . -14.84 -17.81 10.66
O1 SO4 H . -15.14 -17.86 12.10
O2 SO4 H . -15.85 -18.54 9.93
O3 SO4 H . -14.82 -16.43 10.24
O4 SO4 H . -13.52 -18.41 10.41
S SO4 I . 8.59 -39.62 -11.83
O1 SO4 I . 8.84 -39.80 -10.40
O2 SO4 I . 7.49 -40.49 -12.22
O3 SO4 I . 8.21 -38.23 -12.10
O4 SO4 I . 9.79 -39.95 -12.59
NA NA J . -9.18 -27.30 25.19
PA NAD K . -17.11 -5.67 13.13
O1A NAD K . -18.15 -6.65 13.49
O2A NAD K . -15.72 -5.89 13.57
O5B NAD K . -17.11 -5.50 11.55
C5B NAD K . -15.99 -4.96 10.88
C4B NAD K . -15.84 -5.67 9.54
O4B NAD K . -14.81 -4.98 8.77
C3B NAD K . -15.33 -7.09 9.78
O3B NAD K . -16.04 -7.99 8.93
C2B NAD K . -13.87 -7.02 9.35
O2B NAD K . -13.37 -8.27 8.90
C1B NAD K . -13.97 -6.01 8.21
N9A NAD K . -12.67 -5.44 7.91
C8A NAD K . -11.81 -4.93 8.79
N7A NAD K . -10.72 -4.52 8.15
C5A NAD K . -10.90 -4.75 6.85
C6A NAD K . -10.12 -4.53 5.72
N6A NAD K . -8.92 -3.97 5.83
N1A NAD K . -10.60 -4.90 4.53
C2A NAD K . -11.80 -5.45 4.42
N3A NAD K . -12.57 -5.68 5.47
C4A NAD K . -12.14 -5.34 6.69
O3 NAD K . -17.56 -4.20 13.57
PN NAD K . -19.10 -3.64 13.52
O1N NAD K . -19.93 -4.32 12.50
O2N NAD K . -19.59 -3.57 14.92
O5D NAD K . -18.82 -2.17 13.05
C5D NAD K . -18.45 -1.95 11.71
C4D NAD K . -18.06 -0.50 11.53
O4D NAD K . -18.86 0.34 12.40
C3D NAD K . -16.61 -0.23 11.90
O3D NAD K . -16.18 0.88 11.10
C2D NAD K . -16.76 0.20 13.36
O2D NAD K . -15.64 0.93 13.83
C1D NAD K . -17.93 1.14 13.17
N1N NAD K . -18.52 1.46 14.45
C2N NAD K . -19.20 0.46 15.18
C3N NAD K . -19.77 0.78 16.41
C7N NAD K . -20.52 -0.29 17.22
O7N NAD K . -21.06 0.01 18.28
N7N NAD K . -20.51 -1.51 16.70
C4N NAD K . -19.66 2.09 16.89
C5N NAD K . -18.98 3.08 16.17
C6N NAD K . -18.41 2.77 14.94
N1 UD6 L . -16.78 -2.45 29.75
C2 UD6 L . -16.93 -3.03 31.01
O2 UD6 L . -17.02 -2.32 32.02
N3 UD6 L . -16.94 -4.41 31.15
C4 UD6 L . -16.83 -5.24 30.02
O4 UD6 L . -16.84 -6.45 30.17
C5 UD6 L . -16.70 -4.66 28.75
C6 UD6 L . -16.67 -3.27 28.61
PA UD6 L . -17.95 -1.06 24.64
PB UD6 L . -17.32 1.55 23.61
C1' UD6 L . -16.76 3.04 21.60
O1' UD6 L . -17.64 2.08 22.16
O1A UD6 L . -16.89 -2.08 24.47
C1B UD6 L . -16.76 -0.97 29.63
O1B UD6 L . -18.14 2.31 24.58
C2' UD6 L . -17.62 4.07 20.87
O2' UD6 L . -14.57 -0.09 28.86
O2A UD6 L . -19.37 -1.48 24.72
C2B UD6 L . -15.93 -0.37 28.49
O2B UD6 L . -15.84 1.51 23.75
C3' UD6 L . -18.46 3.34 19.83
O3' UD6 L . -19.20 4.29 19.05
O3A UD6 L . -17.84 0.03 23.44
C3B UD6 L . -16.68 0.94 28.25
O3B UD6 L . -16.47 1.83 29.35
C4' UD6 L . -17.54 2.53 18.91
O4' UD6 L . -16.83 3.47 18.11
C4B UD6 L . -18.13 0.45 28.32
O4B UD6 L . -18.14 -0.57 29.39
C5' UD6 L . -16.54 1.61 19.70
O5' UD6 L . -15.84 2.40 20.68
C5B UD6 L . -18.67 -0.13 26.99
O5B UD6 L . -17.66 -0.20 25.98
C6' UD6 L . -15.48 0.92 18.84
O6' UD6 L . -16.07 -0.09 18.02
C7' UD6 L . -17.95 5.86 22.63
O7' UD6 L . -16.75 6.11 22.59
C8' UD6 L . -18.87 6.65 23.56
C9' UD6 L . -18.51 4.86 21.84
PA NAD M . 10.55 18.46 0.05
O1A NAD M . 11.81 19.08 -0.39
O2A NAD M . 9.73 17.72 -0.93
O5B NAD M . 10.88 17.51 1.29
C5B NAD M . 10.19 16.30 1.45
C4B NAD M . 11.19 15.15 1.49
O4B NAD M . 10.48 14.00 1.99
C3B NAD M . 11.69 14.79 0.09
O3B NAD M . 13.11 14.59 0.11
C2B NAD M . 11.00 13.48 -0.19
O2B NAD M . 11.84 12.64 -0.99
C1B NAD M . 10.93 12.91 1.21
N9A NAD M . 9.86 11.91 1.32
C8A NAD M . 8.61 12.03 0.88
N7A NAD M . 7.94 10.91 1.16
C5A NAD M . 8.76 10.10 1.81
C6A NAD M . 8.63 8.83 2.35
N6A NAD M . 7.48 8.17 2.26
N1A NAD M . 9.68 8.25 2.95
C2A NAD M . 10.86 8.89 3.03
N3A NAD M . 11.01 10.11 2.53
C4A NAD M . 9.99 10.73 1.91
O3 NAD M . 9.61 19.54 0.72
PN NAD M . 10.07 20.45 1.97
O1N NAD M . 11.42 20.09 2.49
O2N NAD M . 9.81 21.84 1.54
O5D NAD M . 8.98 20.09 3.03
C5D NAD M . 9.13 18.96 3.85
C4D NAD M . 8.16 19.05 5.01
O4D NAD M . 7.81 20.45 5.26
C3D NAD M . 6.85 18.37 4.66
O3D NAD M . 6.27 17.90 5.89
C2D NAD M . 6.03 19.51 4.10
O2D NAD M . 4.63 19.24 4.16
C1D NAD M . 6.37 20.53 5.15
N1N NAD M . 5.98 21.88 4.72
C2N NAD M . 6.74 22.63 3.78
C3N NAD M . 6.29 23.92 3.44
C7N NAD M . 7.02 24.81 2.44
O7N NAD M . 6.43 25.73 1.86
N7N NAD M . 8.29 24.52 2.25
C4N NAD M . 5.13 24.42 4.05
C5N NAD M . 4.38 23.69 4.98
C6N NAD M . 4.80 22.40 5.32
N1 UD6 N . 1.22 30.98 -7.22
C2 UD6 N . 1.25 31.79 -8.36
O2 UD6 N . 0.71 32.90 -8.35
N3 UD6 N . 1.89 31.33 -9.51
C4 UD6 N . 2.50 30.06 -9.52
O4 UD6 N . 3.06 29.66 -10.55
C5 UD6 N . 2.48 29.26 -8.40
C6 UD6 N . 1.85 29.71 -7.24
PA UD6 N . 2.70 28.06 -3.06
PB UD6 N . 0.86 27.51 -0.87
C1' UD6 N . 0.74 25.62 0.97
O1' UD6 N . 1.52 26.58 0.25
O1A UD6 N . 2.77 27.26 -4.30
C1B UD6 N . 0.55 31.48 -5.99
O1B UD6 N . 0.94 28.91 -0.43
C2' UD6 N . 0.80 25.97 2.47
O2' UD6 N . -1.73 30.71 -6.05
O2A UD6 N . 3.94 28.61 -2.49
C2B UD6 N . -0.46 30.44 -5.47
O2B UD6 N . -0.45 26.96 -1.30
C3' UD6 N . 2.24 25.84 2.96
O3' UD6 N . 2.32 26.02 4.36
O3A UD6 N . 1.98 27.12 -1.98
C3B UD6 N . -0.49 30.74 -3.97
O3B UD6 N . -1.56 31.66 -3.70
C4' UD6 N . 2.79 24.45 2.57
O4' UD6 N . 2.11 23.44 3.33
C4B UD6 N . 0.87 31.42 -3.70
O4B UD6 N . 1.54 31.58 -4.96
C5' UD6 N . 2.66 24.19 1.06
O5' UD6 N . 1.28 24.31 0.67
C5B UD6 N . 1.82 30.54 -2.92
O5B UD6 N . 1.62 29.21 -3.31
C6' UD6 N . 3.20 22.81 0.65
O6' UD6 N . 3.31 22.78 -0.76
C7' UD6 N . -1.09 27.66 2.73
O7' UD6 N . -1.90 26.74 2.52
C8' UD6 N . -1.57 29.08 2.99
C9' UD6 N . 0.28 27.39 2.72
PA NAD O . -1.93 5.52 -34.91
O1A NAD O . -2.81 4.95 -33.88
O2A NAD O . -2.49 5.77 -36.26
O5B NAD O . -1.30 6.84 -34.30
C5B NAD O . -0.88 7.89 -35.13
C4B NAD O . -1.44 9.20 -34.58
O4B NAD O . -0.82 10.24 -35.34
C3B NAD O . -2.95 9.29 -34.86
O3B NAD O . -3.64 9.57 -33.64
C2B NAD O . -3.06 10.48 -35.80
O2B NAD O . -4.19 11.27 -35.47
C1B NAD O . -1.79 11.25 -35.45
N9A NAD O . -1.38 12.05 -36.59
C8A NAD O . -1.18 11.61 -37.84
N7A NAD O . -0.82 12.63 -38.61
C5A NAD O . -0.77 13.71 -37.84
C6A NAD O . -0.44 15.04 -38.08
N6A NAD O . -0.10 15.44 -39.29
N1A NAD O . -0.49 15.92 -37.06
C2A NAD O . -0.84 15.51 -35.83
N3A NAD O . -1.15 14.25 -35.58
C4A NAD O . -1.12 13.34 -36.57
O3 NAD O . -0.63 4.61 -35.06
PN NAD O . 0.25 4.12 -33.79
O1N NAD O . -0.16 4.78 -32.52
O2N NAD O . 0.29 2.65 -33.85
O5D NAD O . 1.68 4.60 -34.19
C5D NAD O . 2.08 5.92 -33.96
C4D NAD O . 3.59 6.01 -34.15
O4D NAD O . 4.17 4.70 -33.95
C3D NAD O . 3.95 6.41 -35.59
O3D NAD O . 5.24 7.02 -35.53
C2D NAD O . 4.01 5.04 -36.26
O2D NAD O . 4.76 5.06 -37.47
C1D NAD O . 4.81 4.34 -35.19
N1N NAD O . 4.80 2.89 -35.39
C2N NAD O . 3.70 2.06 -35.03
C3N NAD O . 3.81 0.69 -35.27
C7N NAD O . 2.70 -0.32 -34.93
O7N NAD O . 2.58 -1.35 -35.59
N7N NAD O . 1.96 -0.02 -33.88
C4N NAD O . 5.00 0.18 -35.82
C5N NAD O . 6.07 1.00 -36.17
C6N NAD O . 5.98 2.36 -35.95
N1 UD6 P . -0.93 -9.48 -43.12
C2 UD6 P . -1.77 -10.56 -43.48
O2 UD6 P . -1.29 -11.67 -43.68
N3 UD6 P . -3.14 -10.34 -43.61
C4 UD6 P . -3.69 -9.07 -43.39
O4 UD6 P . -4.90 -8.90 -43.50
C5 UD6 P . -2.86 -8.00 -43.03
C6 UD6 P . -1.50 -8.20 -42.89
PA UD6 P . 1.33 -5.57 -40.22
PB UD6 P . 4.00 -4.65 -40.98
C1' UD6 P . 5.50 -2.59 -40.63
O1' UD6 P . 4.75 -3.62 -40.05
O1A UD6 P . 0.15 -5.01 -40.92
C1B UD6 P . 0.53 -9.69 -42.97
O1B UD6 P . 4.65 -5.96 -40.77
C2' UD6 P . 6.67 -2.27 -39.69
O2' UD6 P . 1.57 -9.21 -45.08
O2A UD6 P . 1.20 -6.01 -38.81
C2B UD6 P . 1.36 -8.70 -43.77
O2B UD6 P . 3.91 -4.08 -42.35
C3' UD6 P . 6.09 -1.79 -38.38
O3' UD6 P . 7.14 -1.30 -37.56
O3A UD6 P . 2.53 -4.48 -40.30
C3B UD6 P . 2.68 -8.70 -42.99
O3B UD6 P . 3.56 -9.70 -43.52
C4' UD6 P . 5.03 -0.70 -38.60
O4' UD6 P . 5.67 0.51 -39.05
C4B UD6 P . 2.26 -9.10 -41.57
O4B UD6 P . 0.86 -9.40 -41.61
C5' UD6 P . 3.91 -1.14 -39.57
O5' UD6 P . 4.55 -1.50 -40.81
C5B UD6 P . 2.35 -7.97 -40.56
O5B UD6 P . 1.87 -6.78 -41.13
C6' UD6 P . 2.78 -0.14 -39.90
O6' UD6 P . 3.04 1.15 -39.35
C7' UD6 P . 8.32 -4.10 -40.48
O7' UD6 P . 8.25 -3.68 -41.64
C8' UD6 P . 9.21 -5.29 -40.15
C9' UD6 P . 7.58 -3.49 -39.46
#